data_4HFC
#
_entry.id   4HFC
#
_cell.length_a   180.880
_cell.length_b   133.140
_cell.length_c   159.350
_cell.angle_alpha   90.00
_cell.angle_beta   102.22
_cell.angle_gamma   90.00
#
_symmetry.space_group_name_H-M   'C 1 2 1'
#
loop_
_entity.id
_entity.type
_entity.pdbx_description
1 polymer 'Proton-gated ion channel'
2 non-polymer DODECYL-BETA-D-MALTOSIDE
3 non-polymer 2-BROMOETHANOL
4 non-polymer 'CHLORIDE ION'
5 non-polymer 'SODIUM ION'
6 non-polymer 'DIUNDECYL PHOSPHATIDYL CHOLINE'
7 non-polymer 'ACETATE ION'
8 water water
#
_entity_poly.entity_id   1
_entity_poly.type   'polypeptide(L)'
_entity_poly.pdbx_seq_one_letter_code
;AQDMVSPPPPIADEPLTVNTGIYLIECYSLDDKAETFKVNAFLSLSWKDRRLAFDPVRSGVRVKTYEPEAIWIPEIRFVN
VENARDADVVDISVSPDGTVQYLERFSARVLSPLDFRRYPFDSQTLHIYLIVRSVDTRNIVLAVDLEKVGKNDDVFLTGW
DIESFTAVVKPANFALEDRLESKLDYQLRISRQYFSYIPNIILPMLFILFISWTAFWSTSYEANVTLVVSTLIAHIAANI
LVETNLPKTPYMTYTGAIIFMIYLFYFVAVIEVTVQHYLKVESQPARAASITRASRIAFPVVFLLANIILAFLFFGF
;
_entity_poly.pdbx_strand_id   A,B,C,D,E
#
loop_
_chem_comp.id
_chem_comp.type
_chem_comp.name
_chem_comp.formula
ACT non-polymer 'ACETATE ION' 'C2 H3 O2 -1'
BRJ non-polymer 2-BROMOETHANOL 'C2 H5 Br O'
CL non-polymer 'CHLORIDE ION' 'Cl -1'
LMT D-saccharide DODECYL-BETA-D-MALTOSIDE 'C24 H46 O11'
NA non-polymer 'SODIUM ION' 'Na 1'
PLC non-polymer 'DIUNDECYL PHOSPHATIDYL CHOLINE' 'C32 H65 N O8 P 1'
#
# COMPACT_ATOMS: atom_id res chain seq x y z
N VAL A 5 -38.73 -13.63 -18.31
CA VAL A 5 -37.49 -13.79 -17.55
C VAL A 5 -37.55 -15.08 -16.68
N SER A 6 -37.35 -16.17 -17.40
CA SER A 6 -37.28 -17.58 -17.03
C SER A 6 -36.44 -18.24 -18.10
N PRO A 7 -35.77 -19.36 -17.90
CA PRO A 7 -34.90 -19.85 -18.98
C PRO A 7 -35.68 -20.39 -20.17
N PRO A 8 -35.16 -20.27 -21.42
CA PRO A 8 -35.90 -20.80 -22.57
C PRO A 8 -36.26 -22.27 -22.39
N PRO A 9 -37.53 -22.68 -22.61
CA PRO A 9 -37.91 -24.08 -22.35
C PRO A 9 -37.35 -25.05 -23.39
N PRO A 10 -36.98 -26.28 -22.95
CA PRO A 10 -36.38 -27.23 -23.90
C PRO A 10 -37.39 -27.82 -24.87
N ILE A 11 -36.97 -28.09 -26.12
CA ILE A 11 -37.89 -28.71 -27.09
C ILE A 11 -38.15 -30.16 -26.65
N ALA A 12 -37.06 -30.88 -26.27
CA ALA A 12 -37.12 -32.25 -25.74
C ALA A 12 -36.73 -32.24 -24.25
N ASP A 13 -35.42 -32.35 -23.96
CA ASP A 13 -34.85 -32.39 -22.61
C ASP A 13 -33.39 -31.95 -22.65
N GLU A 14 -32.90 -31.69 -23.87
CA GLU A 14 -31.54 -31.27 -24.18
C GLU A 14 -31.10 -30.06 -23.31
N PRO A 15 -29.83 -30.03 -22.87
CA PRO A 15 -29.40 -28.90 -22.07
C PRO A 15 -29.22 -27.67 -22.97
N LEU A 16 -29.41 -26.48 -22.39
CA LEU A 16 -29.21 -25.23 -23.10
C LEU A 16 -27.69 -24.94 -23.21
N THR A 17 -27.20 -24.73 -24.45
CA THR A 17 -25.80 -24.44 -24.73
C THR A 17 -25.59 -22.94 -24.88
N VAL A 18 -24.80 -22.37 -23.97
CA VAL A 18 -24.39 -20.99 -24.02
C VAL A 18 -22.98 -20.98 -24.63
N ASN A 19 -22.85 -20.41 -25.84
CA ASN A 19 -21.55 -20.28 -26.50
C ASN A 19 -20.86 -19.04 -25.94
N THR A 20 -19.58 -19.18 -25.59
CA THR A 20 -18.80 -18.10 -24.99
C THR A 20 -17.57 -17.73 -25.84
N GLY A 21 -17.01 -16.58 -25.50
CA GLY A 21 -15.80 -16.00 -26.08
C GLY A 21 -15.25 -14.89 -25.19
N ILE A 22 -13.94 -14.84 -25.04
CA ILE A 22 -13.25 -13.79 -24.29
C ILE A 22 -12.22 -13.21 -25.24
N TYR A 23 -12.26 -11.88 -25.47
CA TYR A 23 -11.31 -11.17 -26.30
C TYR A 23 -10.61 -10.16 -25.40
N LEU A 24 -9.32 -10.42 -25.06
CA LEU A 24 -8.50 -9.57 -24.15
C LEU A 24 -8.19 -8.23 -24.77
N ILE A 25 -8.49 -7.15 -24.03
CA ILE A 25 -8.21 -5.77 -24.42
C ILE A 25 -6.91 -5.28 -23.74
N GLU A 26 -6.85 -5.40 -22.40
CA GLU A 26 -5.71 -5.02 -21.58
C GLU A 26 -5.46 -6.13 -20.58
N CYS A 27 -4.21 -6.44 -20.41
CA CYS A 27 -3.68 -7.42 -19.48
C CYS A 27 -2.64 -6.73 -18.68
N TYR A 28 -2.75 -6.73 -17.34
CA TYR A 28 -1.80 -5.97 -16.51
C TYR A 28 -1.63 -6.59 -15.09
N SER A 29 -0.80 -5.92 -14.25
CA SER A 29 -0.51 -6.21 -12.85
C SER A 29 -0.36 -7.71 -12.57
N LEU A 30 0.69 -8.35 -13.09
CA LEU A 30 0.90 -9.72 -12.70
C LEU A 30 1.74 -9.70 -11.44
N ASP A 31 1.09 -9.91 -10.28
CA ASP A 31 1.72 -9.95 -8.97
C ASP A 31 2.18 -11.38 -8.72
N ASP A 32 3.49 -11.58 -8.69
CA ASP A 32 4.10 -12.91 -8.48
C ASP A 32 3.86 -13.38 -7.05
N LYS A 33 4.06 -12.49 -6.05
CA LYS A 33 3.84 -12.79 -4.63
C LYS A 33 2.37 -13.24 -4.36
N ALA A 34 1.38 -12.48 -4.92
CA ALA A 34 -0.05 -12.73 -4.75
C ALA A 34 -0.58 -13.80 -5.67
N GLU A 35 0.15 -14.09 -6.77
CA GLU A 35 -0.23 -15.01 -7.83
C GLU A 35 -1.59 -14.55 -8.42
N THR A 36 -1.72 -13.23 -8.63
CA THR A 36 -2.88 -12.57 -9.23
C THR A 36 -2.46 -11.72 -10.43
N PHE A 37 -3.44 -11.45 -11.32
CA PHE A 37 -3.30 -10.60 -12.51
C PHE A 37 -4.63 -9.96 -12.77
N LYS A 38 -4.60 -8.75 -13.30
CA LYS A 38 -5.80 -7.99 -13.65
C LYS A 38 -5.99 -8.08 -15.14
N VAL A 39 -7.24 -8.23 -15.57
CA VAL A 39 -7.64 -8.37 -16.97
C VAL A 39 -8.80 -7.41 -17.29
N ASN A 40 -8.78 -6.87 -18.52
CA ASN A 40 -9.84 -6.03 -19.13
C ASN A 40 -10.11 -6.63 -20.49
N ALA A 41 -11.36 -7.15 -20.70
CA ALA A 41 -11.72 -7.93 -21.88
C ALA A 41 -13.18 -7.93 -22.18
N PHE A 42 -13.51 -8.30 -23.42
CA PHE A 42 -14.88 -8.48 -23.85
C PHE A 42 -15.30 -9.89 -23.51
N LEU A 43 -16.51 -10.04 -22.98
CA LEU A 43 -17.14 -11.34 -22.76
C LEU A 43 -18.32 -11.39 -23.68
N SER A 44 -18.35 -12.40 -24.56
CA SER A 44 -19.47 -12.55 -25.50
C SER A 44 -20.19 -13.85 -25.22
N LEU A 45 -21.53 -13.78 -25.21
CA LEU A 45 -22.40 -14.92 -24.94
C LEU A 45 -23.46 -15.03 -26.01
N SER A 46 -23.77 -16.27 -26.44
CA SER A 46 -24.78 -16.55 -27.46
C SER A 46 -25.53 -17.84 -27.11
N TRP A 47 -26.87 -17.82 -27.22
CA TRP A 47 -27.73 -18.96 -26.90
C TRP A 47 -29.05 -18.81 -27.64
N LYS A 48 -29.75 -19.94 -27.91
CA LYS A 48 -31.04 -19.90 -28.61
C LYS A 48 -32.18 -19.78 -27.59
N ASP A 49 -32.99 -18.73 -27.74
CA ASP A 49 -34.21 -18.51 -26.97
C ASP A 49 -35.33 -18.41 -28.02
N ARG A 50 -36.00 -19.54 -28.32
CA ARG A 50 -37.07 -19.61 -29.34
C ARG A 50 -38.19 -18.60 -29.09
N ARG A 51 -38.50 -18.28 -27.81
CA ARG A 51 -39.55 -17.35 -27.41
C ARG A 51 -39.29 -15.91 -27.92
N LEU A 52 -38.02 -15.57 -28.23
CA LEU A 52 -37.59 -14.25 -28.71
C LEU A 52 -37.64 -14.14 -30.25
N ALA A 53 -37.74 -15.31 -30.97
CA ALA A 53 -37.83 -15.40 -32.43
C ALA A 53 -39.00 -14.59 -32.99
N PHE A 54 -38.80 -14.06 -34.20
CA PHE A 54 -39.73 -13.21 -34.92
C PHE A 54 -39.61 -13.42 -36.45
N ASP A 55 -40.61 -12.92 -37.20
CA ASP A 55 -40.58 -12.96 -38.67
C ASP A 55 -40.02 -11.62 -39.15
N PRO A 56 -38.87 -11.60 -39.88
CA PRO A 56 -38.28 -10.30 -40.27
C PRO A 56 -39.15 -9.47 -41.22
N VAL A 57 -40.03 -10.14 -42.01
CA VAL A 57 -40.99 -9.59 -43.00
C VAL A 57 -41.99 -8.62 -42.30
N ARG A 58 -42.75 -9.13 -41.30
CA ARG A 58 -43.74 -8.41 -40.48
C ARG A 58 -43.09 -7.35 -39.59
N SER A 59 -42.01 -7.74 -38.88
CA SER A 59 -41.30 -6.89 -37.93
C SER A 59 -40.54 -5.75 -38.62
N GLY A 60 -40.23 -5.92 -39.92
CA GLY A 60 -39.55 -4.92 -40.73
C GLY A 60 -38.09 -4.69 -40.39
N VAL A 61 -37.54 -5.52 -39.47
CA VAL A 61 -36.15 -5.49 -38.96
C VAL A 61 -35.52 -6.89 -39.06
N ARG A 62 -34.19 -6.97 -39.11
CA ARG A 62 -33.52 -8.27 -39.20
C ARG A 62 -32.82 -8.64 -37.88
N VAL A 63 -32.78 -7.69 -36.92
CA VAL A 63 -32.20 -7.81 -35.58
C VAL A 63 -33.01 -6.99 -34.59
N LYS A 64 -33.20 -7.53 -33.39
CA LYS A 64 -33.89 -6.81 -32.33
C LYS A 64 -32.93 -6.57 -31.16
N THR A 65 -32.75 -5.30 -30.78
CA THR A 65 -31.90 -4.86 -29.68
C THR A 65 -32.72 -4.85 -28.38
N TYR A 66 -32.18 -5.44 -27.30
CA TYR A 66 -32.84 -5.49 -26.01
C TYR A 66 -31.97 -4.94 -24.90
N GLU A 67 -32.62 -4.52 -23.80
CA GLU A 67 -31.96 -4.11 -22.56
C GLU A 67 -31.85 -5.35 -21.67
N PRO A 68 -30.76 -5.52 -20.88
CA PRO A 68 -30.61 -6.74 -20.06
C PRO A 68 -31.86 -7.16 -19.26
N GLU A 69 -32.56 -6.18 -18.67
CA GLU A 69 -33.77 -6.30 -17.85
C GLU A 69 -34.90 -6.96 -18.61
N ALA A 70 -35.01 -6.67 -19.91
CA ALA A 70 -36.08 -7.14 -20.81
C ALA A 70 -36.10 -8.64 -21.04
N ILE A 71 -34.92 -9.28 -21.17
CA ILE A 71 -34.88 -10.72 -21.50
C ILE A 71 -34.03 -11.53 -20.53
N TRP A 72 -34.21 -12.86 -20.60
CA TRP A 72 -33.45 -13.82 -19.80
C TRP A 72 -32.01 -13.87 -20.29
N ILE A 73 -31.06 -13.69 -19.36
CA ILE A 73 -29.63 -13.74 -19.66
C ILE A 73 -28.98 -14.75 -18.69
N PRO A 74 -28.21 -15.74 -19.19
CA PRO A 74 -27.61 -16.73 -18.29
C PRO A 74 -26.62 -16.09 -17.32
N GLU A 75 -26.69 -16.48 -16.03
CA GLU A 75 -25.81 -15.99 -14.99
C GLU A 75 -24.43 -16.64 -15.13
N ILE A 76 -23.52 -16.00 -15.88
CA ILE A 76 -22.13 -16.48 -16.07
C ILE A 76 -21.25 -15.83 -15.02
N ARG A 77 -20.42 -16.64 -14.36
CA ARG A 77 -19.51 -16.17 -13.32
C ARG A 77 -18.10 -16.66 -13.58
N PHE A 78 -17.11 -15.97 -13.01
CA PHE A 78 -15.74 -16.43 -13.06
C PHE A 78 -15.48 -17.13 -11.77
N VAL A 79 -14.81 -18.26 -11.82
CA VAL A 79 -14.50 -19.01 -10.61
C VAL A 79 -13.39 -18.31 -9.81
N ASN A 80 -12.19 -18.20 -10.38
CA ASN A 80 -10.96 -17.71 -9.73
C ASN A 80 -10.80 -16.18 -9.71
N VAL A 81 -11.84 -15.46 -9.38
CA VAL A 81 -11.73 -14.03 -9.23
C VAL A 81 -11.80 -13.69 -7.75
N GLU A 82 -11.10 -12.59 -7.36
CA GLU A 82 -11.10 -12.04 -6.01
C GLU A 82 -12.54 -11.64 -5.66
N ASN A 83 -13.05 -10.65 -6.41
CA ASN A 83 -14.41 -10.17 -6.29
C ASN A 83 -15.09 -10.31 -7.64
N ALA A 84 -16.44 -10.30 -7.65
CA ALA A 84 -17.22 -10.36 -8.87
C ALA A 84 -16.73 -9.31 -9.85
N ARG A 85 -16.56 -9.71 -11.14
CA ARG A 85 -16.08 -8.83 -12.22
C ARG A 85 -16.90 -7.54 -12.35
N ASP A 86 -16.24 -6.44 -12.77
CA ASP A 86 -16.94 -5.19 -13.05
C ASP A 86 -17.27 -5.22 -14.52
N ALA A 87 -18.59 -5.32 -14.84
CA ALA A 87 -19.06 -5.45 -16.21
C ALA A 87 -20.00 -4.37 -16.63
N ASP A 88 -19.95 -4.01 -17.92
CA ASP A 88 -20.79 -3.03 -18.60
C ASP A 88 -21.24 -3.64 -19.90
N VAL A 89 -22.58 -3.89 -20.04
CA VAL A 89 -23.17 -4.51 -21.22
C VAL A 89 -22.99 -3.55 -22.40
N VAL A 90 -22.30 -4.04 -23.44
CA VAL A 90 -22.02 -3.31 -24.67
C VAL A 90 -23.26 -3.41 -25.59
N ASP A 91 -23.81 -4.63 -25.81
CA ASP A 91 -24.93 -4.83 -26.70
C ASP A 91 -25.62 -6.23 -26.55
N ILE A 92 -26.95 -6.25 -26.79
CA ILE A 92 -27.81 -7.43 -26.85
C ILE A 92 -28.57 -7.37 -28.18
N SER A 93 -28.43 -8.42 -29.00
CA SER A 93 -29.04 -8.50 -30.32
C SER A 93 -29.77 -9.84 -30.50
N VAL A 94 -30.95 -9.85 -31.14
CA VAL A 94 -31.69 -11.11 -31.36
C VAL A 94 -31.94 -11.28 -32.85
N SER A 95 -31.49 -12.41 -33.39
CA SER A 95 -31.68 -12.79 -34.79
C SER A 95 -33.13 -13.28 -35.00
N PRO A 96 -33.66 -13.39 -36.25
CA PRO A 96 -35.06 -13.84 -36.42
C PRO A 96 -35.40 -15.18 -35.75
N ASP A 97 -34.41 -16.11 -35.61
CA ASP A 97 -34.63 -17.44 -35.02
C ASP A 97 -34.48 -17.49 -33.47
N GLY A 98 -34.19 -16.36 -32.85
CA GLY A 98 -34.04 -16.31 -31.42
C GLY A 98 -32.63 -16.66 -30.98
N THR A 99 -31.62 -16.38 -31.83
CA THR A 99 -30.22 -16.57 -31.49
C THR A 99 -29.76 -15.26 -30.86
N VAL A 100 -29.71 -15.24 -29.52
CA VAL A 100 -29.32 -14.07 -28.76
C VAL A 100 -27.80 -13.86 -28.86
N GLN A 101 -27.36 -12.60 -29.05
CA GLN A 101 -25.94 -12.29 -29.11
C GLN A 101 -25.65 -11.12 -28.17
N TYR A 102 -25.15 -11.51 -26.98
CA TYR A 102 -24.81 -10.68 -25.84
C TYR A 102 -23.31 -10.38 -25.85
N LEU A 103 -22.95 -9.11 -25.57
CA LEU A 103 -21.58 -8.63 -25.45
C LEU A 103 -21.48 -7.65 -24.31
N GLU A 104 -20.42 -7.82 -23.48
CA GLU A 104 -20.14 -6.99 -22.32
C GLU A 104 -18.66 -6.79 -22.20
N ARG A 105 -18.25 -5.65 -21.66
CA ARG A 105 -16.85 -5.37 -21.43
C ARG A 105 -16.63 -5.44 -19.91
N PHE A 106 -15.59 -6.20 -19.46
CA PHE A 106 -15.37 -6.42 -18.04
C PHE A 106 -13.95 -6.19 -17.57
N SER A 107 -13.78 -6.19 -16.25
CA SER A 107 -12.48 -6.11 -15.61
C SER A 107 -12.55 -6.94 -14.35
N ALA A 108 -11.56 -7.84 -14.15
CA ALA A 108 -11.47 -8.67 -12.95
C ALA A 108 -10.03 -8.83 -12.48
N ARG A 109 -9.85 -9.25 -11.21
CA ARG A 109 -8.53 -9.63 -10.65
C ARG A 109 -8.58 -11.13 -10.48
N VAL A 110 -7.73 -11.80 -11.20
CA VAL A 110 -7.75 -13.25 -11.28
C VAL A 110 -6.64 -13.95 -10.43
N LEU A 111 -7.04 -14.98 -9.65
CA LEU A 111 -6.21 -15.89 -8.88
C LEU A 111 -5.73 -16.99 -9.79
N SER A 112 -4.47 -17.02 -10.09
CA SER A 112 -3.99 -18.14 -10.87
C SER A 112 -2.61 -18.46 -10.32
N PRO A 113 -2.46 -19.64 -9.61
CA PRO A 113 -1.14 -20.00 -9.06
C PRO A 113 -0.05 -20.12 -10.12
N LEU A 114 1.19 -19.81 -9.72
CA LEU A 114 2.33 -19.84 -10.62
C LEU A 114 3.35 -20.93 -10.19
N ASP A 115 4.13 -21.47 -11.17
CA ASP A 115 5.14 -22.47 -10.85
C ASP A 115 6.52 -21.81 -10.85
N PHE A 116 7.03 -21.46 -9.67
CA PHE A 116 8.30 -20.72 -9.54
C PHE A 116 9.56 -21.58 -9.63
N ARG A 117 9.42 -22.89 -9.94
CA ARG A 117 10.50 -23.85 -10.01
C ARG A 117 11.64 -23.42 -10.94
N ARG A 118 11.33 -22.88 -12.12
CA ARG A 118 12.39 -22.47 -13.06
C ARG A 118 12.63 -20.95 -13.10
N TYR A 119 12.10 -20.20 -12.12
CA TYR A 119 12.26 -18.75 -12.03
C TYR A 119 13.75 -18.36 -12.00
N PRO A 120 14.19 -17.27 -12.70
CA PRO A 120 13.40 -16.34 -13.54
C PRO A 120 13.32 -16.78 -15.02
N PHE A 121 13.62 -18.05 -15.31
CA PHE A 121 13.55 -18.60 -16.67
C PHE A 121 12.25 -19.44 -16.84
N ASP A 122 11.17 -19.03 -16.16
CA ASP A 122 9.90 -19.76 -16.15
C ASP A 122 8.91 -19.24 -17.14
N SER A 123 7.99 -20.14 -17.53
CA SER A 123 6.83 -19.87 -18.37
C SER A 123 5.63 -20.23 -17.54
N GLN A 124 4.51 -19.53 -17.75
CA GLN A 124 3.32 -19.78 -16.97
C GLN A 124 2.09 -19.93 -17.86
N THR A 125 1.02 -20.54 -17.31
CA THR A 125 -0.29 -20.66 -17.94
C THR A 125 -1.32 -20.00 -17.02
N LEU A 126 -1.77 -18.82 -17.37
CA LEU A 126 -2.79 -18.15 -16.59
C LEU A 126 -4.15 -18.73 -16.95
N HIS A 127 -5.07 -18.80 -15.95
CA HIS A 127 -6.39 -19.39 -16.20
C HIS A 127 -7.53 -18.46 -15.90
N ILE A 128 -8.54 -18.52 -16.76
CA ILE A 128 -9.78 -17.80 -16.58
C ILE A 128 -10.85 -18.88 -16.66
N TYR A 129 -11.50 -19.16 -15.51
CA TYR A 129 -12.54 -20.18 -15.43
C TYR A 129 -13.95 -19.61 -15.47
N LEU A 130 -14.67 -19.85 -16.59
CA LEU A 130 -16.07 -19.47 -16.78
C LEU A 130 -16.98 -20.54 -16.22
N ILE A 131 -17.99 -20.16 -15.47
CA ILE A 131 -18.88 -21.17 -14.90
C ILE A 131 -20.34 -20.69 -14.97
N VAL A 132 -21.27 -21.63 -15.19
CA VAL A 132 -22.72 -21.40 -15.18
C VAL A 132 -23.38 -22.51 -14.33
N ARG A 133 -24.36 -22.11 -13.50
CA ARG A 133 -25.09 -23.07 -12.67
C ARG A 133 -26.42 -23.40 -13.34
N SER A 134 -26.77 -24.68 -13.42
CA SER A 134 -28.05 -25.08 -13.98
C SER A 134 -29.20 -24.62 -13.04
N VAL A 135 -30.35 -24.37 -13.64
CA VAL A 135 -31.56 -23.95 -12.95
C VAL A 135 -32.54 -25.15 -12.85
N ASP A 136 -33.60 -25.00 -12.03
CA ASP A 136 -34.56 -26.08 -11.86
C ASP A 136 -35.33 -26.37 -13.16
N THR A 137 -35.57 -25.32 -14.00
CA THR A 137 -36.29 -25.45 -15.29
C THR A 137 -35.44 -26.25 -16.27
N ARG A 138 -34.15 -25.90 -16.47
CA ARG A 138 -33.28 -26.65 -17.38
C ARG A 138 -31.78 -26.46 -17.11
N ASN A 139 -30.98 -27.41 -17.63
CA ASN A 139 -29.56 -27.51 -17.45
C ASN A 139 -28.79 -26.70 -18.47
N ILE A 140 -27.94 -25.79 -17.98
CA ILE A 140 -27.17 -24.93 -18.85
C ILE A 140 -25.74 -25.52 -18.94
N VAL A 141 -25.19 -25.49 -20.16
CA VAL A 141 -23.90 -26.06 -20.50
C VAL A 141 -23.12 -25.04 -21.36
N LEU A 142 -21.82 -24.87 -21.08
CA LEU A 142 -20.99 -23.89 -21.79
C LEU A 142 -20.29 -24.49 -22.98
N ALA A 143 -20.00 -23.63 -23.96
CA ALA A 143 -19.29 -23.95 -25.19
C ALA A 143 -18.37 -22.80 -25.56
N VAL A 144 -17.41 -23.06 -26.45
CA VAL A 144 -16.48 -22.03 -26.89
C VAL A 144 -16.75 -21.69 -28.36
N ASP A 145 -17.03 -20.41 -28.67
CA ASP A 145 -17.09 -19.92 -30.05
C ASP A 145 -15.69 -19.46 -30.36
N LEU A 146 -14.88 -20.33 -30.99
CA LEU A 146 -13.45 -20.04 -31.24
C LEU A 146 -13.24 -18.75 -32.04
N GLU A 147 -14.20 -18.39 -32.91
CA GLU A 147 -14.19 -17.15 -33.69
C GLU A 147 -14.23 -15.90 -32.80
N LYS A 148 -14.70 -16.03 -31.53
CA LYS A 148 -14.88 -14.89 -30.61
C LYS A 148 -13.92 -14.95 -29.39
N VAL A 149 -12.84 -15.74 -29.52
CA VAL A 149 -11.78 -15.90 -28.50
C VAL A 149 -10.53 -15.31 -29.10
N GLY A 150 -10.04 -14.23 -28.53
CA GLY A 150 -8.84 -13.60 -29.04
C GLY A 150 -8.20 -12.63 -28.07
N LYS A 151 -7.34 -11.77 -28.61
CA LYS A 151 -6.64 -10.74 -27.88
C LYS A 151 -6.20 -9.65 -28.86
N ASN A 152 -6.21 -8.42 -28.38
CA ASN A 152 -5.73 -7.26 -29.12
C ASN A 152 -4.18 -7.43 -29.21
N ASP A 153 -3.56 -6.99 -30.32
CA ASP A 153 -2.12 -7.13 -30.54
C ASP A 153 -1.32 -6.25 -29.58
N ASP A 154 -1.86 -5.06 -29.26
CA ASP A 154 -1.33 -4.07 -28.32
C ASP A 154 -1.26 -4.59 -26.87
N VAL A 155 -2.01 -5.69 -26.53
CA VAL A 155 -2.00 -6.29 -25.19
C VAL A 155 -0.56 -6.58 -24.83
N PHE A 156 -0.11 -6.01 -23.69
CA PHE A 156 1.25 -6.11 -23.19
C PHE A 156 1.22 -6.36 -21.69
N LEU A 157 1.92 -7.40 -21.25
CA LEU A 157 2.07 -7.72 -19.84
C LEU A 157 3.53 -7.44 -19.48
N THR A 158 3.78 -6.34 -18.75
CA THR A 158 5.10 -5.84 -18.37
C THR A 158 5.97 -6.97 -17.81
N GLY A 159 7.16 -7.14 -18.39
CA GLY A 159 8.14 -8.15 -17.99
C GLY A 159 7.80 -9.59 -18.36
N TRP A 160 6.83 -9.76 -19.26
CA TRP A 160 6.34 -11.03 -19.74
C TRP A 160 6.11 -11.02 -21.25
N ASP A 161 6.14 -12.21 -21.86
CA ASP A 161 5.85 -12.39 -23.27
C ASP A 161 4.56 -13.15 -23.38
N ILE A 162 3.55 -12.61 -24.10
CA ILE A 162 2.28 -13.31 -24.25
C ILE A 162 2.40 -14.25 -25.44
N GLU A 163 2.37 -15.57 -25.18
CA GLU A 163 2.49 -16.60 -26.21
C GLU A 163 1.18 -16.93 -26.93
N SER A 164 0.10 -17.20 -26.16
CA SER A 164 -1.22 -17.56 -26.70
C SER A 164 -2.34 -17.40 -25.69
N PHE A 165 -3.57 -17.23 -26.22
CA PHE A 165 -4.81 -17.14 -25.47
C PHE A 165 -5.79 -18.07 -26.17
N THR A 166 -5.97 -19.24 -25.59
CA THR A 166 -6.84 -20.28 -26.13
C THR A 166 -7.84 -20.74 -25.08
N ALA A 167 -8.81 -21.57 -25.49
CA ALA A 167 -9.80 -22.11 -24.59
C ALA A 167 -9.93 -23.60 -24.80
N VAL A 168 -10.04 -24.35 -23.69
CA VAL A 168 -10.23 -25.80 -23.72
C VAL A 168 -11.74 -25.99 -23.97
N VAL A 169 -12.07 -26.31 -25.26
CA VAL A 169 -13.42 -26.37 -25.87
C VAL A 169 -14.44 -27.31 -25.15
N LYS A 170 -13.96 -28.35 -24.48
CA LYS A 170 -14.83 -29.30 -23.76
C LYS A 170 -14.94 -28.85 -22.30
N PRO A 171 -16.12 -28.42 -21.86
CA PRO A 171 -16.26 -27.91 -20.48
C PRO A 171 -16.22 -29.01 -19.42
N ALA A 172 -15.78 -28.67 -18.19
CA ALA A 172 -15.81 -29.58 -17.05
C ALA A 172 -17.19 -29.57 -16.41
N ASN A 173 -18.03 -30.58 -16.72
CA ASN A 173 -19.37 -30.65 -16.15
C ASN A 173 -19.30 -31.50 -14.91
N PHE A 174 -19.87 -30.99 -13.81
CA PHE A 174 -19.89 -31.64 -12.51
C PHE A 174 -21.05 -31.14 -11.69
N ALA A 175 -21.40 -31.93 -10.66
CA ALA A 175 -22.46 -31.62 -9.71
C ALA A 175 -21.89 -30.81 -8.57
N LEU A 176 -22.62 -29.78 -8.14
CA LEU A 176 -22.26 -28.94 -6.99
C LEU A 176 -23.56 -28.50 -6.31
N GLU A 177 -23.78 -28.99 -5.07
CA GLU A 177 -24.97 -28.77 -4.24
C GLU A 177 -26.23 -29.18 -5.01
N ASP A 178 -26.20 -30.44 -5.51
CA ASP A 178 -27.23 -31.17 -6.29
C ASP A 178 -27.73 -30.40 -7.55
N ARG A 179 -26.86 -29.68 -8.24
CA ARG A 179 -27.13 -28.96 -9.49
C ARG A 179 -25.92 -29.02 -10.37
N LEU A 180 -26.16 -29.18 -11.66
CA LEU A 180 -25.08 -29.27 -12.62
C LEU A 180 -24.43 -27.89 -12.75
N GLU A 181 -23.13 -27.89 -12.96
CA GLU A 181 -22.31 -26.72 -13.23
C GLU A 181 -21.38 -27.03 -14.40
N SER A 182 -21.29 -26.13 -15.36
CA SER A 182 -20.47 -26.26 -16.55
C SER A 182 -19.34 -25.26 -16.47
N LYS A 183 -18.08 -25.74 -16.42
CA LYS A 183 -16.89 -24.92 -16.24
C LYS A 183 -16.03 -24.92 -17.51
N LEU A 184 -15.56 -23.72 -17.96
CA LEU A 184 -14.69 -23.57 -19.13
C LEU A 184 -13.36 -23.00 -18.72
N ASP A 185 -12.27 -23.49 -19.34
CA ASP A 185 -10.92 -23.04 -19.03
C ASP A 185 -10.30 -22.23 -20.17
N TYR A 186 -10.11 -20.93 -19.92
CA TYR A 186 -9.43 -20.01 -20.82
C TYR A 186 -7.98 -19.92 -20.36
N GLN A 187 -7.04 -20.27 -21.24
CA GLN A 187 -5.63 -20.29 -20.91
C GLN A 187 -4.83 -19.22 -21.64
N LEU A 188 -4.11 -18.43 -20.85
CA LEU A 188 -3.22 -17.40 -21.33
C LEU A 188 -1.77 -17.83 -21.03
N ARG A 189 -1.07 -18.27 -22.07
CA ARG A 189 0.32 -18.74 -21.97
C ARG A 189 1.29 -17.59 -22.12
N ILE A 190 2.14 -17.45 -21.12
CA ILE A 190 3.14 -16.40 -21.00
C ILE A 190 4.46 -17.01 -20.60
N SER A 191 5.56 -16.27 -20.87
CA SER A 191 6.91 -16.65 -20.49
C SER A 191 7.68 -15.38 -20.09
N ARG A 192 8.37 -15.47 -18.97
CA ARG A 192 9.12 -14.38 -18.33
C ARG A 192 10.29 -13.88 -19.18
N GLN A 193 10.43 -12.55 -19.21
CA GLN A 193 11.54 -11.83 -19.84
C GLN A 193 12.62 -11.77 -18.79
N TYR A 194 13.59 -12.70 -18.90
CA TYR A 194 14.67 -12.85 -17.92
C TYR A 194 15.91 -11.95 -18.17
N PHE A 195 15.99 -11.25 -19.32
CA PHE A 195 17.13 -10.40 -19.67
C PHE A 195 17.59 -9.55 -18.50
N SER A 196 16.72 -8.70 -17.95
CA SER A 196 17.05 -7.78 -16.85
C SER A 196 17.75 -8.46 -15.66
N TYR A 197 17.35 -9.69 -15.30
CA TYR A 197 17.92 -10.46 -14.21
C TYR A 197 19.42 -10.71 -14.35
N ILE A 198 19.93 -10.82 -15.60
CA ILE A 198 21.33 -11.09 -15.87
C ILE A 198 22.22 -9.88 -15.43
N PRO A 199 22.09 -8.63 -15.96
CA PRO A 199 22.99 -7.55 -15.50
C PRO A 199 22.64 -6.97 -14.12
N ASN A 200 21.44 -7.28 -13.58
CA ASN A 200 21.00 -6.69 -12.33
C ASN A 200 21.19 -7.56 -11.11
N ILE A 201 20.97 -8.89 -11.23
CA ILE A 201 21.06 -9.78 -10.08
C ILE A 201 22.10 -10.90 -10.29
N ILE A 202 22.08 -11.61 -11.44
CA ILE A 202 22.96 -12.76 -11.71
C ILE A 202 24.46 -12.36 -11.74
N LEU A 203 24.90 -11.53 -12.69
CA LEU A 203 26.31 -11.13 -12.79
C LEU A 203 26.78 -10.39 -11.50
N PRO A 204 26.06 -9.37 -10.95
CA PRO A 204 26.54 -8.78 -9.68
C PRO A 204 26.73 -9.83 -8.57
N MET A 205 25.82 -10.82 -8.47
CA MET A 205 25.93 -11.86 -7.47
C MET A 205 27.15 -12.77 -7.67
N LEU A 206 27.54 -13.03 -8.95
CA LEU A 206 28.72 -13.85 -9.24
C LEU A 206 30.03 -13.10 -8.96
N PHE A 207 30.07 -11.79 -9.26
CA PHE A 207 31.22 -10.93 -8.99
C PHE A 207 31.50 -10.83 -7.50
N ILE A 208 30.45 -10.60 -6.66
CA ILE A 208 30.67 -10.50 -5.20
C ILE A 208 31.16 -11.87 -4.67
N LEU A 209 30.81 -12.98 -5.36
CA LEU A 209 31.30 -14.31 -4.98
C LEU A 209 32.77 -14.50 -5.35
N PHE A 210 33.16 -14.10 -6.58
CA PHE A 210 34.54 -14.22 -7.07
C PHE A 210 35.48 -13.36 -6.25
N ILE A 211 35.02 -12.15 -5.83
CA ILE A 211 35.77 -11.24 -4.96
C ILE A 211 36.13 -11.98 -3.66
N SER A 212 35.19 -12.78 -3.11
CA SER A 212 35.41 -13.59 -1.90
C SER A 212 36.56 -14.61 -2.09
N TRP A 213 36.74 -15.09 -3.31
CA TRP A 213 37.74 -16.11 -3.64
C TRP A 213 39.15 -15.53 -3.83
N THR A 214 39.30 -14.19 -3.85
CA THR A 214 40.63 -13.56 -3.95
C THR A 214 41.37 -13.80 -2.62
N ALA A 215 40.64 -14.26 -1.56
CA ALA A 215 41.18 -14.60 -0.25
C ALA A 215 42.14 -15.82 -0.36
N PHE A 216 41.97 -16.61 -1.45
CA PHE A 216 42.84 -17.76 -1.74
C PHE A 216 44.20 -17.30 -2.32
N TRP A 217 44.39 -15.99 -2.55
CA TRP A 217 45.66 -15.42 -3.01
C TRP A 217 46.22 -14.43 -1.99
N SER A 218 45.74 -14.53 -0.73
CA SER A 218 46.15 -13.70 0.38
C SER A 218 46.40 -14.53 1.63
N THR A 219 47.41 -14.14 2.42
CA THR A 219 47.78 -14.78 3.68
C THR A 219 47.33 -13.94 4.89
N SER A 220 46.83 -12.71 4.61
CA SER A 220 46.35 -11.74 5.58
C SER A 220 44.99 -12.16 6.14
N TYR A 221 44.97 -12.81 7.32
CA TYR A 221 43.75 -13.26 7.99
C TYR A 221 42.75 -12.11 8.14
N GLU A 222 43.22 -10.96 8.64
CA GLU A 222 42.42 -9.75 8.83
C GLU A 222 41.75 -9.30 7.50
N ALA A 223 42.50 -9.35 6.36
CA ALA A 223 41.96 -8.96 5.05
C ALA A 223 40.96 -10.01 4.53
N ASN A 224 41.32 -11.30 4.70
CA ASN A 224 40.50 -12.44 4.31
C ASN A 224 39.15 -12.37 5.03
N VAL A 225 39.18 -12.28 6.39
CA VAL A 225 37.99 -12.16 7.23
C VAL A 225 37.07 -11.11 6.61
N THR A 226 37.60 -9.89 6.37
CA THR A 226 36.89 -8.76 5.76
C THR A 226 36.34 -9.13 4.36
N LEU A 227 37.19 -9.67 3.44
CA LEU A 227 36.76 -10.07 2.09
C LEU A 227 35.62 -11.07 2.09
N VAL A 228 35.69 -12.13 2.94
CA VAL A 228 34.66 -13.17 2.97
C VAL A 228 33.38 -12.72 3.72
N VAL A 229 33.54 -12.02 4.84
CA VAL A 229 32.40 -11.57 5.62
C VAL A 229 31.63 -10.44 4.89
N SER A 230 32.33 -9.43 4.34
CA SER A 230 31.70 -8.30 3.63
C SER A 230 30.90 -8.77 2.44
N THR A 231 31.50 -9.62 1.59
CA THR A 231 30.83 -10.18 0.40
C THR A 231 29.66 -11.08 0.82
N LEU A 232 29.77 -11.78 1.98
CA LEU A 232 28.66 -12.60 2.51
C LEU A 232 27.48 -11.71 2.83
N ILE A 233 27.72 -10.54 3.46
CA ILE A 233 26.65 -9.59 3.80
C ILE A 233 25.93 -9.10 2.51
N ALA A 234 26.69 -8.82 1.41
CA ALA A 234 26.15 -8.43 0.10
C ALA A 234 25.25 -9.53 -0.44
N HIS A 235 25.64 -10.81 -0.23
CA HIS A 235 24.82 -11.94 -0.66
C HIS A 235 23.52 -12.02 0.18
N ILE A 236 23.57 -11.67 1.49
CA ILE A 236 22.35 -11.63 2.31
C ILE A 236 21.41 -10.58 1.72
N ALA A 237 21.96 -9.36 1.41
CA ALA A 237 21.17 -8.25 0.77
C ALA A 237 20.49 -8.75 -0.52
N ALA A 238 21.27 -9.44 -1.38
CA ALA A 238 20.81 -10.09 -2.60
C ALA A 238 19.67 -11.03 -2.31
N ASN A 239 19.89 -12.02 -1.40
CA ASN A 239 18.89 -13.00 -0.99
C ASN A 239 17.57 -12.32 -0.54
N ILE A 240 17.64 -11.27 0.32
CA ILE A 240 16.45 -10.53 0.78
C ILE A 240 15.72 -9.90 -0.42
N LEU A 241 16.44 -9.11 -1.25
CA LEU A 241 15.90 -8.48 -2.44
C LEU A 241 15.16 -9.49 -3.34
N VAL A 242 15.77 -10.63 -3.60
CA VAL A 242 15.17 -11.68 -4.41
C VAL A 242 13.91 -12.25 -3.72
N GLU A 243 14.06 -12.83 -2.51
CA GLU A 243 13.00 -13.52 -1.75
C GLU A 243 11.80 -12.61 -1.41
N THR A 244 11.99 -11.27 -1.28
CA THR A 244 10.85 -10.38 -0.95
C THR A 244 9.91 -10.14 -2.16
N ASN A 245 10.33 -10.47 -3.41
CA ASN A 245 9.47 -10.34 -4.61
C ASN A 245 9.07 -11.71 -5.14
N LEU A 246 8.87 -12.67 -4.22
CA LEU A 246 8.48 -14.06 -4.47
C LEU A 246 7.64 -14.63 -3.34
N PRO A 247 6.71 -15.56 -3.62
CA PRO A 247 5.96 -16.18 -2.52
C PRO A 247 6.71 -17.36 -1.90
N LYS A 248 6.26 -17.75 -0.71
CA LYS A 248 6.82 -18.86 0.03
C LYS A 248 6.25 -20.18 -0.55
N THR A 249 7.01 -20.77 -1.49
CA THR A 249 6.71 -22.00 -2.20
C THR A 249 7.06 -23.22 -1.32
N PRO A 250 6.21 -24.28 -1.31
CA PRO A 250 6.54 -25.46 -0.51
C PRO A 250 7.60 -26.38 -1.17
N TYR A 251 8.05 -25.99 -2.38
CA TYR A 251 9.01 -26.66 -3.23
C TYR A 251 10.23 -25.79 -3.43
N MET A 252 11.34 -26.41 -3.82
CA MET A 252 12.59 -25.72 -4.07
C MET A 252 12.60 -25.17 -5.51
N THR A 253 12.98 -23.90 -5.64
CA THR A 253 13.10 -23.20 -6.92
C THR A 253 14.58 -23.19 -7.36
N TYR A 254 14.83 -22.84 -8.63
CA TYR A 254 16.18 -22.83 -9.19
C TYR A 254 17.04 -21.74 -8.55
N THR A 255 16.49 -20.53 -8.45
CA THR A 255 17.10 -19.35 -7.81
C THR A 255 17.25 -19.63 -6.30
N GLY A 256 16.28 -20.35 -5.74
CA GLY A 256 16.29 -20.75 -4.34
C GLY A 256 17.48 -21.61 -4.03
N ALA A 257 17.68 -22.65 -4.87
CA ALA A 257 18.77 -23.61 -4.80
C ALA A 257 20.14 -22.92 -4.96
N ILE A 258 20.28 -22.04 -5.98
CA ILE A 258 21.52 -21.32 -6.26
C ILE A 258 21.90 -20.43 -5.08
N ILE A 259 20.97 -19.59 -4.59
CA ILE A 259 21.20 -18.71 -3.44
C ILE A 259 21.66 -19.54 -2.26
N PHE A 260 20.98 -20.67 -1.98
CA PHE A 260 21.32 -21.58 -0.88
C PHE A 260 22.72 -22.15 -1.01
N MET A 261 23.05 -22.69 -2.20
CA MET A 261 24.33 -23.26 -2.52
C MET A 261 25.45 -22.25 -2.26
N ILE A 262 25.29 -21.00 -2.73
CA ILE A 262 26.26 -19.92 -2.55
C ILE A 262 26.53 -19.69 -1.04
N TYR A 263 25.53 -19.82 -0.14
CA TYR A 263 25.76 -19.72 1.31
C TYR A 263 26.78 -20.77 1.77
N LEU A 264 26.71 -22.02 1.23
CA LEU A 264 27.64 -23.09 1.60
C LEU A 264 29.05 -22.77 1.16
N PHE A 265 29.20 -22.17 -0.05
CA PHE A 265 30.50 -21.74 -0.55
C PHE A 265 31.13 -20.71 0.36
N TYR A 266 30.30 -19.83 0.96
CA TYR A 266 30.78 -18.82 1.89
C TYR A 266 31.21 -19.44 3.20
N PHE A 267 30.44 -20.43 3.67
CA PHE A 267 30.72 -21.14 4.90
C PHE A 267 32.06 -21.90 4.80
N VAL A 268 32.26 -22.62 3.68
CA VAL A 268 33.50 -23.36 3.43
C VAL A 268 34.68 -22.37 3.24
N ALA A 269 34.48 -21.19 2.58
CA ALA A 269 35.54 -20.17 2.43
C ALA A 269 36.00 -19.70 3.80
N VAL A 270 35.04 -19.41 4.71
CA VAL A 270 35.35 -19.01 6.10
C VAL A 270 36.17 -20.14 6.81
N ILE A 271 35.75 -21.42 6.66
CA ILE A 271 36.47 -22.55 7.25
C ILE A 271 37.90 -22.57 6.69
N GLU A 272 38.10 -22.45 5.35
CA GLU A 272 39.45 -22.45 4.73
C GLU A 272 40.32 -21.30 5.32
N VAL A 273 39.79 -20.05 5.32
CA VAL A 273 40.42 -18.84 5.83
C VAL A 273 40.85 -19.06 7.32
N THR A 274 40.00 -19.76 8.12
CA THR A 274 40.26 -20.11 9.53
C THR A 274 41.41 -21.13 9.64
N VAL A 275 41.32 -22.23 8.86
CA VAL A 275 42.28 -23.33 8.81
C VAL A 275 43.67 -22.81 8.41
N GLN A 276 43.74 -21.99 7.34
CA GLN A 276 44.96 -21.40 6.83
C GLN A 276 45.64 -20.54 7.93
N HIS A 277 44.86 -19.70 8.62
CA HIS A 277 45.39 -18.86 9.70
C HIS A 277 45.83 -19.68 10.90
N TYR A 278 45.06 -20.71 11.28
CA TYR A 278 45.44 -21.57 12.42
C TYR A 278 46.85 -22.18 12.20
N LEU A 279 47.05 -22.79 10.99
CA LEU A 279 48.29 -23.43 10.54
C LEU A 279 49.46 -22.45 10.49
N LYS A 280 49.22 -21.17 10.08
CA LYS A 280 50.18 -20.06 10.03
C LYS A 280 50.77 -19.84 11.43
N VAL A 281 49.86 -19.65 12.42
CA VAL A 281 50.18 -19.43 13.84
C VAL A 281 50.88 -20.69 14.44
N GLU A 282 50.41 -21.90 14.06
CA GLU A 282 50.96 -23.20 14.48
C GLU A 282 52.33 -23.48 13.86
N SER A 283 52.85 -22.45 13.14
CA SER A 283 54.16 -22.40 12.49
C SER A 283 54.32 -23.50 11.43
N GLN A 284 53.23 -23.84 10.72
CA GLN A 284 53.32 -24.79 9.61
C GLN A 284 52.58 -24.20 8.37
N PRO A 285 53.21 -23.14 7.76
CA PRO A 285 52.64 -22.49 6.58
C PRO A 285 52.69 -23.32 5.30
N ALA A 286 53.46 -24.43 5.26
CA ALA A 286 53.54 -25.32 4.10
C ALA A 286 52.21 -26.04 3.87
N ARG A 287 51.53 -26.48 4.97
CA ARG A 287 50.22 -27.15 4.91
C ARG A 287 49.17 -26.14 4.48
N ALA A 288 49.23 -24.95 5.10
CA ALA A 288 48.37 -23.84 4.82
C ALA A 288 48.49 -23.44 3.34
N ALA A 289 49.74 -23.47 2.80
CA ALA A 289 50.00 -23.11 1.41
C ALA A 289 49.38 -24.08 0.44
N SER A 290 49.46 -25.40 0.73
CA SER A 290 48.95 -26.45 -0.15
C SER A 290 47.42 -26.47 -0.12
N ILE A 291 46.80 -26.23 1.05
CA ILE A 291 45.33 -26.15 1.19
C ILE A 291 44.85 -24.95 0.38
N THR A 292 45.53 -23.79 0.48
CA THR A 292 45.15 -22.54 -0.21
C THR A 292 45.30 -22.70 -1.74
N ARG A 293 46.42 -23.27 -2.19
CA ARG A 293 46.65 -23.53 -3.62
C ARG A 293 45.54 -24.46 -4.18
N ALA A 294 45.12 -25.49 -3.39
CA ALA A 294 44.06 -26.43 -3.78
C ALA A 294 42.70 -25.69 -3.95
N SER A 295 42.35 -24.85 -2.96
CA SER A 295 41.12 -24.08 -2.90
C SER A 295 40.93 -23.24 -4.14
N ARG A 296 42.05 -22.69 -4.70
CA ARG A 296 42.05 -21.87 -5.93
C ARG A 296 41.49 -22.61 -7.14
N ILE A 297 41.66 -23.95 -7.22
CA ILE A 297 41.09 -24.77 -8.29
C ILE A 297 39.75 -25.37 -7.82
N ALA A 298 39.75 -25.98 -6.61
CA ALA A 298 38.58 -26.65 -6.02
C ALA A 298 37.32 -25.77 -6.03
N PHE A 299 37.38 -24.55 -5.45
CA PHE A 299 36.23 -23.65 -5.36
C PHE A 299 35.61 -23.34 -6.73
N PRO A 300 36.33 -22.84 -7.78
CA PRO A 300 35.65 -22.62 -9.08
C PRO A 300 35.15 -23.91 -9.74
N VAL A 301 35.94 -25.00 -9.71
CA VAL A 301 35.56 -26.29 -10.32
C VAL A 301 34.29 -26.83 -9.65
N VAL A 302 34.25 -26.94 -8.31
CA VAL A 302 33.06 -27.42 -7.59
C VAL A 302 31.88 -26.47 -7.85
N PHE A 303 32.10 -25.16 -7.91
CA PHE A 303 31.03 -24.19 -8.18
C PHE A 303 30.42 -24.39 -9.55
N LEU A 304 31.27 -24.46 -10.59
CA LEU A 304 30.83 -24.66 -11.97
C LEU A 304 30.15 -26.05 -12.15
N LEU A 305 30.64 -27.12 -11.47
CA LEU A 305 29.99 -28.43 -11.59
C LEU A 305 28.64 -28.45 -10.89
N ALA A 306 28.58 -28.00 -9.60
CA ALA A 306 27.37 -27.89 -8.80
C ALA A 306 26.27 -27.15 -9.60
N ASN A 307 26.67 -26.07 -10.31
CA ASN A 307 25.79 -25.30 -11.18
C ASN A 307 25.27 -26.14 -12.35
N ILE A 308 26.16 -26.85 -13.08
CA ILE A 308 25.76 -27.75 -14.18
C ILE A 308 24.74 -28.76 -13.65
N ILE A 309 25.05 -29.42 -12.50
CA ILE A 309 24.15 -30.37 -11.83
C ILE A 309 22.78 -29.71 -11.52
N LEU A 310 22.79 -28.52 -10.92
CA LEU A 310 21.57 -27.80 -10.58
C LEU A 310 20.72 -27.46 -11.81
N ALA A 311 21.33 -26.85 -12.86
CA ALA A 311 20.65 -26.51 -14.11
C ALA A 311 20.07 -27.75 -14.73
N PHE A 312 20.83 -28.84 -14.71
CA PHE A 312 20.37 -30.12 -15.22
C PHE A 312 19.12 -30.61 -14.48
N LEU A 313 19.12 -30.54 -13.12
CA LEU A 313 17.96 -30.98 -12.34
C LEU A 313 16.73 -30.17 -12.66
N PHE A 314 16.86 -28.83 -12.71
CA PHE A 314 15.75 -27.92 -12.94
C PHE A 314 15.33 -27.71 -14.40
N PHE A 315 16.16 -28.06 -15.40
CA PHE A 315 15.78 -27.82 -16.80
C PHE A 315 15.97 -29.06 -17.70
N VAL B 5 -34.65 5.83 -27.00
CA VAL B 5 -33.34 5.35 -26.55
C VAL B 5 -32.88 4.09 -27.37
N SER B 6 -32.52 4.41 -28.61
CA SER B 6 -31.98 3.62 -29.74
C SER B 6 -31.21 4.64 -30.60
N PRO B 7 -30.25 4.28 -31.50
CA PRO B 7 -29.45 5.32 -32.17
C PRO B 7 -30.23 6.15 -33.19
N PRO B 8 -29.84 7.41 -33.48
CA PRO B 8 -30.59 8.22 -34.44
C PRO B 8 -30.54 7.63 -35.85
N PRO B 9 -31.62 7.86 -36.65
CA PRO B 9 -31.65 7.31 -38.01
C PRO B 9 -30.88 8.14 -39.06
N PRO B 10 -30.24 7.49 -40.05
CA PRO B 10 -29.50 8.26 -41.06
C PRO B 10 -30.40 8.93 -42.05
N ILE B 11 -30.00 10.11 -42.55
CA ILE B 11 -30.82 10.77 -43.60
C ILE B 11 -30.62 9.96 -44.89
N ALA B 12 -29.35 9.57 -45.23
CA ALA B 12 -29.02 8.73 -46.38
C ALA B 12 -28.54 7.34 -45.92
N ASP B 13 -27.25 7.20 -45.70
CA ASP B 13 -26.62 5.95 -45.24
C ASP B 13 -25.37 6.29 -44.44
N GLU B 14 -25.03 7.58 -44.41
CA GLU B 14 -23.87 8.15 -43.74
C GLU B 14 -23.73 7.68 -42.26
N PRO B 15 -22.47 7.36 -41.84
CA PRO B 15 -22.29 6.92 -40.45
C PRO B 15 -22.53 8.10 -39.52
N LEU B 16 -22.95 7.81 -38.28
CA LEU B 16 -23.15 8.87 -37.31
C LEU B 16 -21.75 9.34 -36.78
N THR B 17 -21.45 10.66 -36.93
CA THR B 17 -20.20 11.24 -36.47
C THR B 17 -20.39 11.87 -35.08
N VAL B 18 -19.68 11.30 -34.12
CA VAL B 18 -19.63 11.81 -32.76
C VAL B 18 -18.31 12.62 -32.67
N ASN B 19 -18.43 13.94 -32.50
CA ASN B 19 -17.27 14.80 -32.36
C ASN B 19 -16.86 14.73 -30.89
N THR B 20 -15.53 14.58 -30.65
CA THR B 20 -15.02 14.46 -29.29
C THR B 20 -14.02 15.58 -28.97
N GLY B 21 -13.73 15.70 -27.68
CA GLY B 21 -12.74 16.60 -27.10
C GLY B 21 -12.41 16.20 -25.68
N ILE B 22 -11.14 16.28 -25.30
CA ILE B 22 -10.65 16.03 -23.94
C ILE B 22 -9.89 17.27 -23.50
N TYR B 23 -10.29 17.89 -22.39
CA TYR B 23 -9.61 19.05 -21.82
C TYR B 23 -9.13 18.63 -20.43
N LEU B 24 -7.79 18.44 -20.25
CA LEU B 24 -7.17 17.98 -19.01
C LEU B 24 -7.24 19.03 -17.93
N ILE B 25 -7.74 18.63 -16.74
CA ILE B 25 -7.87 19.49 -15.58
C ILE B 25 -6.74 19.17 -14.61
N GLU B 26 -6.57 17.88 -14.25
CA GLU B 26 -5.56 17.41 -13.30
C GLU B 26 -4.90 16.15 -13.83
N CYS B 27 -3.59 16.21 -13.95
CA CYS B 27 -2.75 15.11 -14.38
C CYS B 27 -1.89 14.74 -13.23
N TYR B 28 -1.92 13.50 -12.78
CA TYR B 28 -1.12 13.12 -11.60
C TYR B 28 -0.72 11.62 -11.60
N SER B 29 -0.01 11.21 -10.55
CA SER B 29 0.40 9.85 -10.23
C SER B 29 0.94 9.07 -11.45
N LEU B 30 2.06 9.55 -12.02
CA LEU B 30 2.72 8.78 -13.08
C LEU B 30 3.60 7.75 -12.40
N ASP B 31 3.13 6.50 -12.36
CA ASP B 31 3.85 5.35 -11.80
C ASP B 31 4.70 4.75 -12.89
N ASP B 32 6.02 4.88 -12.76
CA ASP B 32 6.98 4.38 -13.74
C ASP B 32 6.99 2.85 -13.77
N LYS B 33 7.01 2.21 -12.57
CA LYS B 33 6.99 0.75 -12.41
C LYS B 33 5.71 0.12 -13.05
N ALA B 34 4.52 0.73 -12.83
CA ALA B 34 3.23 0.28 -13.34
C ALA B 34 2.94 0.70 -14.74
N GLU B 35 3.64 1.77 -15.20
CA GLU B 35 3.45 2.43 -16.51
C GLU B 35 1.97 2.91 -16.62
N THR B 36 1.48 3.49 -15.53
CA THR B 36 0.14 4.08 -15.39
C THR B 36 0.25 5.53 -14.91
N PHE B 37 -0.80 6.33 -15.20
CA PHE B 37 -0.92 7.73 -14.76
C PHE B 37 -2.39 8.00 -14.54
N LYS B 38 -2.69 8.89 -13.61
CA LYS B 38 -4.07 9.21 -13.33
C LYS B 38 -4.38 10.53 -13.98
N VAL B 39 -5.58 10.65 -14.56
CA VAL B 39 -6.04 11.86 -15.26
C VAL B 39 -7.50 12.20 -14.86
N ASN B 40 -7.72 13.48 -14.52
CA ASN B 40 -9.02 14.12 -14.27
C ASN B 40 -9.21 15.11 -15.44
N ALA B 41 -10.33 14.99 -16.20
CA ALA B 41 -10.53 15.80 -17.40
C ALA B 41 -11.96 15.91 -17.81
N PHE B 42 -12.23 16.89 -18.72
CA PHE B 42 -13.55 17.02 -19.32
C PHE B 42 -13.57 16.19 -20.58
N LEU B 43 -14.64 15.43 -20.78
CA LEU B 43 -14.90 14.70 -22.02
C LEU B 43 -16.12 15.36 -22.61
N SER B 44 -15.97 15.90 -23.84
CA SER B 44 -17.09 16.54 -24.52
C SER B 44 -17.45 15.75 -25.77
N LEU B 45 -18.75 15.57 -25.99
CA LEU B 45 -19.29 14.81 -27.11
C LEU B 45 -20.40 15.59 -27.78
N SER B 46 -20.45 15.59 -29.13
CA SER B 46 -21.51 16.22 -29.87
C SER B 46 -21.89 15.38 -31.07
N TRP B 47 -23.19 15.24 -31.29
CA TRP B 47 -23.77 14.47 -32.38
C TRP B 47 -25.13 15.03 -32.71
N LYS B 48 -25.65 14.73 -33.88
CA LYS B 48 -26.99 15.18 -34.25
C LYS B 48 -27.99 14.05 -34.10
N ASP B 49 -29.05 14.29 -33.31
CA ASP B 49 -30.18 13.38 -33.11
C ASP B 49 -31.44 14.16 -33.45
N ARG B 50 -31.87 14.15 -34.76
CA ARG B 50 -33.02 14.92 -35.25
C ARG B 50 -34.33 14.63 -34.48
N ARG B 51 -34.43 13.46 -33.77
CA ARG B 51 -35.60 13.08 -32.97
C ARG B 51 -35.84 14.06 -31.83
N LEU B 52 -34.78 14.75 -31.35
CA LEU B 52 -34.84 15.73 -30.25
C LEU B 52 -35.15 17.18 -30.70
N ALA B 53 -35.37 17.37 -32.05
CA ALA B 53 -35.70 18.67 -32.64
C ALA B 53 -36.91 19.27 -31.99
N PHE B 54 -36.90 20.62 -31.87
CA PHE B 54 -37.94 21.45 -31.26
C PHE B 54 -38.01 22.85 -31.86
N ASP B 55 -39.23 23.46 -31.84
CA ASP B 55 -39.49 24.84 -32.26
C ASP B 55 -39.49 25.63 -30.97
N PRO B 56 -38.43 26.46 -30.72
CA PRO B 56 -38.35 27.25 -29.47
C PRO B 56 -39.55 28.20 -29.28
N VAL B 57 -40.29 28.50 -30.37
CA VAL B 57 -41.50 29.32 -30.37
C VAL B 57 -42.50 28.59 -29.44
N ARG B 58 -42.78 27.31 -29.75
CA ARG B 58 -43.67 26.45 -28.97
C ARG B 58 -43.09 26.13 -27.58
N SER B 59 -41.88 25.55 -27.55
CA SER B 59 -41.19 25.09 -26.34
C SER B 59 -40.77 26.23 -25.38
N GLY B 60 -40.70 27.44 -25.88
CA GLY B 60 -40.33 28.59 -25.06
C GLY B 60 -38.84 28.75 -24.82
N VAL B 61 -38.09 27.62 -24.69
CA VAL B 61 -36.65 27.64 -24.45
C VAL B 61 -35.90 27.51 -25.79
N ARG B 62 -34.72 28.15 -25.92
CA ARG B 62 -33.93 28.15 -27.16
C ARG B 62 -32.93 26.99 -27.23
N VAL B 63 -32.71 26.34 -26.09
CA VAL B 63 -31.87 25.15 -25.90
C VAL B 63 -32.51 24.32 -24.79
N LYS B 64 -32.65 23.00 -25.00
CA LYS B 64 -33.24 22.06 -24.05
C LYS B 64 -32.14 21.32 -23.30
N THR B 65 -32.35 21.09 -21.98
CA THR B 65 -31.41 20.38 -21.11
C THR B 65 -32.00 19.02 -20.79
N TYR B 66 -31.21 17.95 -20.88
CA TYR B 66 -31.68 16.60 -20.63
C TYR B 66 -30.84 15.83 -19.63
N GLU B 67 -31.47 14.84 -18.95
CA GLU B 67 -30.78 13.91 -18.04
C GLU B 67 -30.29 12.75 -18.90
N PRO B 68 -29.10 12.15 -18.62
CA PRO B 68 -28.58 11.06 -19.48
C PRO B 68 -29.59 9.94 -19.83
N GLU B 69 -30.40 9.54 -18.83
CA GLU B 69 -31.43 8.51 -18.88
C GLU B 69 -32.47 8.82 -19.93
N ALA B 70 -32.82 10.10 -20.10
CA ALA B 70 -33.88 10.61 -20.98
C ALA B 70 -33.60 10.43 -22.45
N ILE B 71 -32.33 10.58 -22.92
CA ILE B 71 -32.05 10.49 -24.35
C ILE B 71 -30.94 9.49 -24.70
N TRP B 72 -30.83 9.17 -26.02
CA TRP B 72 -29.78 8.31 -26.55
C TRP B 72 -28.42 9.01 -26.45
N ILE B 73 -27.44 8.35 -25.81
CA ILE B 73 -26.09 8.91 -25.70
C ILE B 73 -25.10 7.82 -26.22
N PRO B 74 -24.17 8.16 -27.16
CA PRO B 74 -23.27 7.13 -27.68
C PRO B 74 -22.39 6.55 -26.60
N GLU B 75 -22.23 5.21 -26.62
CA GLU B 75 -21.40 4.50 -25.65
C GLU B 75 -19.91 4.69 -25.95
N ILE B 76 -19.31 5.77 -25.41
CA ILE B 76 -17.88 6.06 -25.59
C ILE B 76 -17.09 5.40 -24.43
N ARG B 77 -16.03 4.67 -24.77
CA ARG B 77 -15.20 4.01 -23.78
C ARG B 77 -13.74 4.33 -23.99
N PHE B 78 -12.94 4.18 -22.93
CA PHE B 78 -11.50 4.31 -23.06
C PHE B 78 -10.96 2.94 -23.22
N VAL B 79 -10.00 2.75 -24.15
CA VAL B 79 -9.42 1.43 -24.36
C VAL B 79 -8.47 1.09 -23.21
N ASN B 80 -7.41 1.89 -23.04
CA ASN B 80 -6.35 1.64 -22.09
C ASN B 80 -6.59 2.13 -20.66
N VAL B 81 -7.77 1.94 -20.13
CA VAL B 81 -8.02 2.21 -18.71
C VAL B 81 -7.93 0.90 -17.91
N GLU B 82 -7.55 1.01 -16.59
CA GLU B 82 -7.55 -0.15 -15.67
C GLU B 82 -9.00 -0.61 -15.50
N ASN B 83 -9.81 0.30 -14.94
CA ASN B 83 -11.24 0.10 -14.74
C ASN B 83 -11.98 1.19 -15.48
N ALA B 84 -13.27 0.98 -15.74
CA ALA B 84 -14.10 1.98 -16.42
C ALA B 84 -14.01 3.31 -15.68
N ARG B 85 -13.86 4.40 -16.43
CA ARG B 85 -13.72 5.78 -15.92
C ARG B 85 -14.84 6.15 -14.95
N ASP B 86 -14.53 6.99 -13.94
CA ASP B 86 -15.53 7.52 -13.01
C ASP B 86 -15.93 8.83 -13.61
N ALA B 87 -17.20 8.93 -14.09
CA ALA B 87 -17.70 10.10 -14.78
C ALA B 87 -18.90 10.70 -14.09
N ASP B 88 -19.03 12.03 -14.22
CA ASP B 88 -20.15 12.84 -13.74
C ASP B 88 -20.53 13.78 -14.86
N VAL B 89 -21.76 13.62 -15.39
CA VAL B 89 -22.28 14.44 -16.49
C VAL B 89 -22.45 15.88 -15.98
N VAL B 90 -21.75 16.80 -16.63
CA VAL B 90 -21.77 18.22 -16.31
C VAL B 90 -23.02 18.84 -16.96
N ASP B 91 -23.25 18.60 -18.27
CA ASP B 91 -24.39 19.16 -18.98
C ASP B 91 -24.68 18.44 -20.34
N ILE B 92 -25.98 18.32 -20.69
CA ILE B 92 -26.47 17.79 -21.96
C ILE B 92 -27.40 18.86 -22.52
N SER B 93 -27.00 19.49 -23.63
CA SER B 93 -27.74 20.60 -24.22
C SER B 93 -28.09 20.33 -25.69
N VAL B 94 -29.40 20.42 -26.01
CA VAL B 94 -29.92 20.20 -27.34
C VAL B 94 -30.39 21.52 -27.95
N SER B 95 -29.89 21.87 -29.15
CA SER B 95 -30.30 23.05 -29.91
C SER B 95 -31.46 22.62 -30.87
N PRO B 96 -32.33 23.55 -31.34
CA PRO B 96 -33.49 23.14 -32.16
C PRO B 96 -33.24 22.07 -33.22
N ASP B 97 -32.15 22.19 -34.02
CA ASP B 97 -31.82 21.24 -35.09
C ASP B 97 -31.58 19.79 -34.57
N GLY B 98 -31.52 19.62 -33.24
CA GLY B 98 -31.31 18.33 -32.60
C GLY B 98 -29.86 18.03 -32.27
N THR B 99 -28.97 19.06 -32.30
CA THR B 99 -27.56 18.84 -31.97
C THR B 99 -27.38 18.68 -30.45
N VAL B 100 -26.79 17.56 -30.05
CA VAL B 100 -26.61 17.31 -28.64
C VAL B 100 -25.20 17.70 -28.27
N GLN B 101 -25.06 18.59 -27.29
CA GLN B 101 -23.77 18.97 -26.76
C GLN B 101 -23.70 18.44 -25.34
N TYR B 102 -23.03 17.29 -25.23
CA TYR B 102 -22.77 16.53 -24.02
C TYR B 102 -21.37 16.89 -23.45
N LEU B 103 -21.31 17.10 -22.13
CA LEU B 103 -20.08 17.37 -21.38
C LEU B 103 -20.14 16.61 -20.06
N GLU B 104 -19.01 15.97 -19.72
CA GLU B 104 -18.84 15.20 -18.52
C GLU B 104 -17.46 15.39 -17.98
N ARG B 105 -17.30 15.27 -16.67
CA ARG B 105 -15.99 15.35 -16.06
C ARG B 105 -15.65 13.94 -15.54
N PHE B 106 -14.44 13.42 -15.80
CA PHE B 106 -14.08 12.06 -15.40
C PHE B 106 -12.70 11.97 -14.84
N SER B 107 -12.41 10.85 -14.18
CA SER B 107 -11.11 10.45 -13.62
C SER B 107 -10.85 9.03 -14.13
N ALA B 108 -9.57 8.73 -14.46
CA ALA B 108 -9.19 7.42 -14.99
C ALA B 108 -7.71 7.14 -14.80
N ARG B 109 -7.36 5.86 -14.51
CA ARG B 109 -5.96 5.39 -14.42
C ARG B 109 -5.67 4.72 -15.77
N VAL B 110 -4.91 5.41 -16.58
CA VAL B 110 -4.58 5.03 -17.92
C VAL B 110 -3.32 4.18 -17.92
N LEU B 111 -3.26 3.19 -18.81
CA LEU B 111 -2.17 2.24 -19.07
C LEU B 111 -1.44 2.69 -20.30
N SER B 112 -0.25 3.24 -20.14
CA SER B 112 0.50 3.65 -21.31
C SER B 112 1.97 3.28 -21.08
N PRO B 113 2.51 2.33 -21.88
CA PRO B 113 3.91 1.92 -21.68
C PRO B 113 4.91 3.05 -21.88
N LEU B 114 6.04 2.94 -21.17
CA LEU B 114 7.09 3.94 -21.24
C LEU B 114 8.40 3.37 -21.83
N ASP B 115 9.23 4.22 -22.48
CA ASP B 115 10.51 3.78 -23.02
C ASP B 115 11.65 4.25 -22.08
N PHE B 116 12.12 3.33 -21.23
CA PHE B 116 13.13 3.67 -20.22
C PHE B 116 14.59 3.69 -20.71
N ARG B 117 14.81 3.52 -22.03
CA ARG B 117 16.12 3.46 -22.66
C ARG B 117 17.02 4.67 -22.31
N ARG B 118 16.48 5.89 -22.32
CA ARG B 118 17.29 7.07 -22.03
C ARG B 118 17.08 7.64 -20.63
N TYR B 119 16.45 6.88 -19.72
CA TYR B 119 16.17 7.28 -18.34
C TYR B 119 17.49 7.63 -17.62
N PRO B 120 17.55 8.73 -16.79
CA PRO B 120 16.49 9.67 -16.43
C PRO B 120 16.35 10.84 -17.40
N PHE B 121 17.04 10.81 -18.54
CA PHE B 121 17.00 11.88 -19.55
C PHE B 121 15.99 11.54 -20.68
N ASP B 122 14.89 10.84 -20.33
CA ASP B 122 13.87 10.38 -21.28
C ASP B 122 12.67 11.32 -21.36
N SER B 123 11.98 11.23 -22.48
CA SER B 123 10.74 11.91 -22.84
C SER B 123 9.76 10.83 -23.17
N GLN B 124 8.46 11.09 -22.97
CA GLN B 124 7.41 10.07 -23.19
C GLN B 124 6.23 10.61 -23.96
N THR B 125 5.41 9.69 -24.57
CA THR B 125 4.14 10.04 -25.22
C THR B 125 3.05 9.22 -24.52
N LEU B 126 2.28 9.86 -23.65
CA LEU B 126 1.19 9.14 -23.00
C LEU B 126 -0.02 9.12 -23.96
N HIS B 127 -0.82 8.04 -23.92
CA HIS B 127 -1.96 7.88 -24.82
C HIS B 127 -3.27 7.69 -24.11
N ILE B 128 -4.30 8.34 -24.66
CA ILE B 128 -5.67 8.18 -24.21
C ILE B 128 -6.43 7.75 -25.46
N TYR B 129 -6.90 6.49 -25.47
CA TYR B 129 -7.62 5.93 -26.61
C TYR B 129 -9.13 5.91 -26.40
N LEU B 130 -9.85 6.74 -27.17
CA LEU B 130 -11.31 6.79 -27.18
C LEU B 130 -11.85 5.80 -28.19
N ILE B 131 -12.86 5.01 -27.79
CA ILE B 131 -13.42 4.05 -28.74
C ILE B 131 -14.95 4.03 -28.67
N VAL B 132 -15.59 3.76 -29.81
CA VAL B 132 -17.06 3.63 -29.95
C VAL B 132 -17.33 2.42 -30.84
N ARG B 133 -18.27 1.58 -30.41
CA ARG B 133 -18.61 0.40 -31.20
C ARG B 133 -19.92 0.69 -31.95
N SER B 134 -19.92 0.33 -33.24
CA SER B 134 -21.09 0.51 -34.09
C SER B 134 -22.19 -0.44 -33.69
N VAL B 135 -23.43 -0.03 -33.94
CA VAL B 135 -24.62 -0.81 -33.63
C VAL B 135 -25.17 -1.41 -34.94
N ASP B 136 -26.10 -2.36 -34.85
CA ASP B 136 -26.63 -2.95 -36.09
C ASP B 136 -27.46 -1.93 -36.89
N THR B 137 -28.14 -0.98 -36.20
CA THR B 137 -28.96 0.08 -36.82
C THR B 137 -28.08 1.01 -37.70
N ARG B 138 -26.95 1.58 -37.17
CA ARG B 138 -26.02 2.42 -37.96
C ARG B 138 -24.66 2.55 -37.30
N ASN B 139 -23.62 2.75 -38.13
CA ASN B 139 -22.21 2.82 -37.79
C ASN B 139 -21.85 4.15 -37.18
N ILE B 140 -21.23 4.10 -36.00
CA ILE B 140 -20.79 5.30 -35.29
C ILE B 140 -19.29 5.48 -35.58
N VAL B 141 -18.90 6.73 -35.84
CA VAL B 141 -17.55 7.10 -36.20
C VAL B 141 -17.13 8.33 -35.36
N LEU B 142 -15.89 8.32 -34.83
CA LEU B 142 -15.40 9.41 -33.99
C LEU B 142 -14.67 10.47 -34.80
N ALA B 143 -14.69 11.69 -34.28
CA ALA B 143 -14.05 12.86 -34.84
C ALA B 143 -13.47 13.69 -33.72
N VAL B 144 -12.55 14.59 -34.04
CA VAL B 144 -11.93 15.46 -33.04
C VAL B 144 -12.40 16.90 -33.28
N ASP B 145 -13.03 17.53 -32.26
CA ASP B 145 -13.33 18.96 -32.28
C ASP B 145 -12.10 19.61 -31.67
N LEU B 146 -11.16 20.09 -32.52
CA LEU B 146 -9.89 20.62 -32.02
C LEU B 146 -10.08 21.79 -31.06
N GLU B 147 -11.18 22.56 -31.19
CA GLU B 147 -11.53 23.67 -30.30
C GLU B 147 -11.80 23.19 -28.87
N LYS B 148 -12.14 21.90 -28.70
CA LYS B 148 -12.49 21.36 -27.37
C LYS B 148 -11.46 20.33 -26.83
N VAL B 149 -10.23 20.38 -27.36
CA VAL B 149 -9.08 19.55 -26.97
C VAL B 149 -8.05 20.49 -26.38
N GLY B 150 -7.76 20.35 -25.09
CA GLY B 150 -6.82 21.23 -24.44
C GLY B 150 -6.38 20.75 -23.09
N LYS B 151 -5.80 21.65 -22.31
CA LYS B 151 -5.31 21.42 -20.95
C LYS B 151 -5.25 22.73 -20.19
N ASN B 152 -5.57 22.66 -18.91
CA ASN B 152 -5.47 23.80 -17.99
C ASN B 152 -3.97 24.10 -17.82
N ASP B 153 -3.61 25.37 -17.64
CA ASP B 153 -2.20 25.81 -17.52
C ASP B 153 -1.59 25.30 -16.21
N ASP B 154 -2.42 25.27 -15.13
CA ASP B 154 -2.09 24.77 -13.78
C ASP B 154 -1.75 23.28 -13.77
N VAL B 155 -2.15 22.49 -14.81
CA VAL B 155 -1.86 21.05 -14.93
C VAL B 155 -0.36 20.87 -14.71
N PHE B 156 -0.01 20.06 -13.69
CA PHE B 156 1.35 19.78 -13.25
C PHE B 156 1.49 18.29 -12.98
N LEU B 157 2.47 17.68 -13.61
CA LEU B 157 2.80 16.28 -13.39
C LEU B 157 4.15 16.27 -12.66
N THR B 158 4.14 15.97 -11.35
CA THR B 158 5.33 15.98 -10.47
C THR B 158 6.50 15.24 -11.12
N GLY B 159 7.63 15.94 -11.21
CA GLY B 159 8.86 15.40 -11.77
C GLY B 159 8.90 15.24 -13.29
N TRP B 160 7.94 15.88 -13.97
CA TRP B 160 7.79 15.85 -15.43
C TRP B 160 7.42 17.21 -15.99
N ASP B 161 7.72 17.43 -17.27
CA ASP B 161 7.39 18.65 -17.98
C ASP B 161 6.36 18.31 -19.03
N ILE B 162 5.20 18.98 -19.02
CA ILE B 162 4.16 18.67 -20.01
C ILE B 162 4.44 19.52 -21.25
N GLU B 163 4.78 18.90 -22.37
CA GLU B 163 5.01 19.64 -23.61
C GLU B 163 3.72 19.92 -24.37
N SER B 164 2.96 18.89 -24.74
CA SER B 164 1.74 19.08 -25.52
C SER B 164 0.70 18.00 -25.28
N PHE B 165 -0.56 18.37 -25.58
CA PHE B 165 -1.71 17.49 -25.52
C PHE B 165 -2.50 17.71 -26.81
N THR B 166 -2.32 16.77 -27.74
CA THR B 166 -2.92 16.84 -29.06
C THR B 166 -3.71 15.57 -29.35
N ALA B 167 -4.46 15.56 -30.46
CA ALA B 167 -5.21 14.39 -30.85
C ALA B 167 -4.97 14.11 -32.32
N VAL B 168 -4.81 12.82 -32.64
CA VAL B 168 -4.64 12.35 -34.01
C VAL B 168 -6.07 12.31 -34.58
N VAL B 169 -6.41 13.36 -35.37
CA VAL B 169 -7.72 13.69 -35.95
C VAL B 169 -8.38 12.58 -36.78
N LYS B 170 -7.60 11.71 -37.45
CA LYS B 170 -8.13 10.62 -38.27
C LYS B 170 -8.28 9.38 -37.37
N PRO B 171 -9.53 8.91 -37.13
CA PRO B 171 -9.70 7.76 -36.25
C PRO B 171 -9.32 6.44 -36.90
N ALA B 172 -8.87 5.46 -36.10
CA ALA B 172 -8.57 4.12 -36.58
C ALA B 172 -9.87 3.32 -36.68
N ASN B 173 -10.44 3.19 -37.91
CA ASN B 173 -11.67 2.41 -38.09
C ASN B 173 -11.30 1.00 -38.48
N PHE B 174 -11.78 0.01 -37.72
CA PHE B 174 -11.45 -1.41 -37.92
C PHE B 174 -12.56 -2.29 -37.43
N ALA B 175 -12.57 -3.55 -37.89
CA ALA B 175 -13.54 -4.53 -37.48
C ALA B 175 -13.08 -5.25 -36.24
N LEU B 176 -14.00 -5.50 -35.31
CA LEU B 176 -13.74 -6.23 -34.08
C LEU B 176 -15.04 -6.92 -33.66
N GLU B 177 -15.02 -8.28 -33.69
CA GLU B 177 -16.12 -9.18 -33.36
C GLU B 177 -17.33 -8.82 -34.22
N ASP B 178 -17.09 -8.83 -35.55
CA ASP B 178 -18.04 -8.60 -36.64
C ASP B 178 -18.76 -7.23 -36.59
N ARG B 179 -18.19 -6.21 -35.91
CA ARG B 179 -18.73 -4.84 -35.85
C ARG B 179 -17.59 -3.83 -36.01
N LEU B 180 -17.93 -2.63 -36.49
CA LEU B 180 -16.99 -1.55 -36.74
C LEU B 180 -16.70 -0.87 -35.43
N GLU B 181 -15.44 -0.48 -35.29
CA GLU B 181 -14.90 0.19 -34.12
C GLU B 181 -14.13 1.45 -34.57
N SER B 182 -14.47 2.63 -34.02
CA SER B 182 -13.79 3.90 -34.35
C SER B 182 -12.95 4.30 -33.14
N LYS B 183 -11.62 4.30 -33.31
CA LYS B 183 -10.68 4.56 -32.23
C LYS B 183 -9.95 5.90 -32.46
N LEU B 184 -9.84 6.74 -31.41
CA LEU B 184 -9.14 8.03 -31.45
C LEU B 184 -7.97 8.02 -30.49
N ASP B 185 -6.86 8.64 -30.90
CA ASP B 185 -5.63 8.69 -30.11
C ASP B 185 -5.33 10.11 -29.61
N TYR B 186 -5.45 10.29 -28.29
CA TYR B 186 -5.11 11.53 -27.61
C TYR B 186 -3.69 11.35 -27.03
N GLN B 187 -2.76 12.23 -27.46
CA GLN B 187 -1.37 12.14 -27.06
C GLN B 187 -0.92 13.26 -26.15
N LEU B 188 -0.38 12.86 -25.00
CA LEU B 188 0.17 13.77 -24.01
C LEU B 188 1.71 13.57 -23.98
N ARG B 189 2.43 14.53 -24.59
CA ARG B 189 3.89 14.49 -24.65
C ARG B 189 4.48 15.16 -23.40
N ILE B 190 5.33 14.39 -22.70
CA ILE B 190 6.00 14.82 -21.46
C ILE B 190 7.50 14.50 -21.51
N SER B 191 8.30 15.17 -20.65
CA SER B 191 9.74 14.95 -20.56
C SER B 191 10.20 15.07 -19.10
N ARG B 192 11.02 14.11 -18.69
CA ARG B 192 11.47 13.97 -17.31
C ARG B 192 12.40 15.10 -16.87
N GLN B 193 12.16 15.59 -15.63
CA GLN B 193 12.97 16.58 -14.95
C GLN B 193 14.07 15.80 -14.28
N TYR B 194 15.25 15.79 -14.91
CA TYR B 194 16.41 15.02 -14.45
C TYR B 194 17.31 15.74 -13.43
N PHE B 195 17.10 17.05 -13.16
CA PHE B 195 17.93 17.82 -12.24
C PHE B 195 18.22 17.07 -10.95
N SER B 196 17.19 16.67 -10.20
CA SER B 196 17.31 15.98 -8.91
C SER B 196 18.26 14.78 -8.94
N TYR B 197 18.25 14.00 -10.03
CA TYR B 197 19.11 12.82 -10.22
C TYR B 197 20.61 13.13 -10.12
N ILE B 198 21.02 14.34 -10.53
CA ILE B 198 22.41 14.75 -10.51
C ILE B 198 22.95 14.86 -9.04
N PRO B 199 22.44 15.73 -8.13
CA PRO B 199 23.02 15.77 -6.77
C PRO B 199 22.62 14.61 -5.86
N ASN B 200 21.60 13.81 -6.25
CA ASN B 200 21.09 12.75 -5.39
C ASN B 200 21.61 11.38 -5.71
N ILE B 201 21.78 11.04 -7.00
CA ILE B 201 22.21 9.70 -7.40
C ILE B 201 23.52 9.73 -8.21
N ILE B 202 23.61 10.56 -9.27
CA ILE B 202 24.77 10.61 -10.17
C ILE B 202 26.08 11.00 -9.43
N LEU B 203 26.19 12.24 -8.91
CA LEU B 203 27.41 12.69 -8.24
C LEU B 203 27.74 11.81 -7.01
N PRO B 204 26.80 11.49 -6.07
CA PRO B 204 27.17 10.59 -4.95
C PRO B 204 27.74 9.25 -5.45
N MET B 205 27.17 8.69 -6.54
CA MET B 205 27.67 7.43 -7.09
C MET B 205 29.07 7.56 -7.71
N LEU B 206 29.43 8.73 -8.28
CA LEU B 206 30.77 8.95 -8.86
C LEU B 206 31.81 9.14 -7.76
N PHE B 207 31.45 9.84 -6.66
CA PHE B 207 32.33 10.06 -5.52
C PHE B 207 32.66 8.74 -4.83
N ILE B 208 31.67 7.83 -4.60
CA ILE B 208 31.96 6.55 -3.96
C ILE B 208 32.86 5.72 -4.88
N LEU B 209 32.80 5.96 -6.21
CA LEU B 209 33.67 5.26 -7.16
C LEU B 209 35.11 5.79 -7.10
N PHE B 210 35.27 7.12 -7.06
CA PHE B 210 36.59 7.77 -7.01
C PHE B 210 37.29 7.44 -5.70
N ILE B 211 36.54 7.35 -4.58
CA ILE B 211 37.06 6.96 -3.27
C ILE B 211 37.72 5.57 -3.38
N SER B 212 37.07 4.62 -4.09
CA SER B 212 37.63 3.28 -4.30
C SER B 212 39.00 3.38 -5.00
N TRP B 213 39.20 4.34 -5.95
CA TRP B 213 40.44 4.52 -6.73
C TRP B 213 41.60 5.11 -5.93
N THR B 214 41.37 5.57 -4.68
CA THR B 214 42.44 6.09 -3.83
C THR B 214 43.33 4.89 -3.40
N ALA B 215 42.83 3.64 -3.63
CA ALA B 215 43.56 2.40 -3.36
C ALA B 215 44.80 2.30 -4.27
N PHE B 216 44.79 3.04 -5.40
CA PHE B 216 45.92 3.09 -6.33
C PHE B 216 47.04 4.00 -5.78
N TRP B 217 46.84 4.66 -4.62
CA TRP B 217 47.87 5.48 -3.97
C TRP B 217 48.19 4.94 -2.57
N SER B 218 47.87 3.66 -2.34
CA SER B 218 48.11 2.95 -1.09
C SER B 218 48.66 1.54 -1.36
N THR B 219 49.56 1.09 -0.49
CA THR B 219 50.18 -0.23 -0.55
C THR B 219 49.62 -1.17 0.53
N SER B 220 48.75 -0.61 1.42
CA SER B 220 48.11 -1.29 2.52
C SER B 220 46.96 -2.17 2.01
N TYR B 221 47.22 -3.48 1.81
CA TYR B 221 46.22 -4.43 1.32
C TYR B 221 44.96 -4.38 2.17
N GLU B 222 45.11 -4.43 3.51
CA GLU B 222 44.02 -4.38 4.47
C GLU B 222 43.16 -3.12 4.26
N ALA B 223 43.81 -1.94 4.02
CA ALA B 223 43.10 -0.67 3.77
C ALA B 223 42.40 -0.68 2.40
N ASN B 224 43.12 -1.14 1.35
CA ASN B 224 42.63 -1.26 -0.03
C ASN B 224 41.38 -2.17 -0.10
N VAL B 225 41.45 -3.38 0.54
CA VAL B 225 40.35 -4.34 0.64
C VAL B 225 39.13 -3.59 1.15
N THR B 226 39.26 -2.90 2.32
CA THR B 226 38.21 -2.13 2.97
C THR B 226 37.71 -1.03 2.03
N LEU B 227 38.60 -0.26 1.43
CA LEU B 227 38.24 0.81 0.50
C LEU B 227 37.36 0.30 -0.66
N VAL B 228 37.85 -0.71 -1.40
CA VAL B 228 37.15 -1.25 -2.58
C VAL B 228 35.88 -2.01 -2.21
N VAL B 229 35.91 -2.79 -1.13
CA VAL B 229 34.74 -3.58 -0.74
C VAL B 229 33.64 -2.68 -0.17
N SER B 230 33.97 -1.74 0.73
CA SER B 230 32.98 -0.82 1.36
C SER B 230 32.24 0.01 0.33
N THR B 231 33.01 0.65 -0.59
CA THR B 231 32.45 1.45 -1.68
C THR B 231 31.63 0.58 -2.64
N LEU B 232 32.03 -0.70 -2.85
CA LEU B 232 31.24 -1.62 -3.69
C LEU B 232 29.86 -1.85 -3.05
N ILE B 233 29.80 -2.04 -1.70
CA ILE B 233 28.54 -2.24 -1.00
C ILE B 233 27.60 -1.01 -1.19
N ALA B 234 28.17 0.21 -1.13
CA ALA B 234 27.44 1.47 -1.36
C ALA B 234 26.85 1.46 -2.76
N HIS B 235 27.61 0.96 -3.76
CA HIS B 235 27.13 0.87 -5.14
C HIS B 235 25.99 -0.15 -5.26
N ILE B 236 26.02 -1.25 -4.48
CA ILE B 236 24.93 -2.23 -4.47
C ILE B 236 23.68 -1.51 -3.95
N ALA B 237 23.81 -0.76 -2.80
CA ALA B 237 22.69 0.03 -2.22
C ALA B 237 22.08 0.96 -3.27
N ALA B 238 22.96 1.70 -3.99
CA ALA B 238 22.62 2.57 -5.11
C ALA B 238 21.82 1.82 -6.15
N ASN B 239 22.40 0.71 -6.69
CA ASN B 239 21.77 -0.13 -7.70
C ASN B 239 20.35 -0.54 -7.25
N ILE B 240 20.17 -1.06 -6.00
CA ILE B 240 18.87 -1.47 -5.47
C ILE B 240 17.91 -0.27 -5.49
N LEU B 241 18.29 0.86 -4.86
CA LEU B 241 17.49 2.07 -4.79
C LEU B 241 17.00 2.49 -6.17
N VAL B 242 17.90 2.52 -7.17
CA VAL B 242 17.55 2.89 -8.54
C VAL B 242 16.55 1.86 -9.15
N GLU B 243 16.95 0.55 -9.22
CA GLU B 243 16.18 -0.53 -9.87
C GLU B 243 14.85 -0.84 -9.20
N THR B 244 14.66 -0.52 -7.91
CA THR B 244 13.37 -0.77 -7.27
C THR B 244 12.28 0.28 -7.69
N ASN B 245 12.68 1.43 -8.30
CA ASN B 245 11.72 2.44 -8.78
C ASN B 245 11.66 2.46 -10.33
N LEU B 246 11.84 1.28 -10.94
CA LEU B 246 11.83 1.03 -12.38
C LEU B 246 11.27 -0.34 -12.70
N PRO B 247 10.61 -0.52 -13.89
CA PRO B 247 10.15 -1.87 -14.25
C PRO B 247 11.27 -2.67 -14.92
N LYS B 248 11.08 -4.00 -14.94
CA LYS B 248 12.04 -4.93 -15.54
C LYS B 248 11.84 -4.89 -17.04
N THR B 249 12.64 -4.05 -17.71
CA THR B 249 12.63 -3.84 -19.16
C THR B 249 13.36 -5.00 -19.89
N PRO B 250 12.82 -5.48 -21.03
CA PRO B 250 13.51 -6.55 -21.77
C PRO B 250 14.71 -6.05 -22.59
N TYR B 251 14.97 -4.73 -22.53
CA TYR B 251 16.01 -3.99 -23.22
C TYR B 251 16.92 -3.32 -22.22
N MET B 252 18.12 -2.94 -22.67
CA MET B 252 19.10 -2.30 -21.82
C MET B 252 18.84 -0.78 -21.81
N THR B 253 18.84 -0.20 -20.60
CA THR B 253 18.66 1.23 -20.37
C THR B 253 20.05 1.91 -20.15
N TYR B 254 20.09 3.24 -20.23
CA TYR B 254 21.33 4.00 -20.09
C TYR B 254 21.89 3.88 -18.68
N THR B 255 21.03 4.08 -17.66
CA THR B 255 21.32 3.96 -16.23
C THR B 255 21.67 2.50 -15.91
N GLY B 256 21.00 1.58 -16.60
CA GLY B 256 21.23 0.16 -16.46
C GLY B 256 22.65 -0.20 -16.87
N ALA B 257 23.05 0.28 -18.07
CA ALA B 257 24.38 0.10 -18.64
C ALA B 257 25.48 0.70 -17.73
N ILE B 258 25.29 1.96 -17.26
CA ILE B 258 26.24 2.66 -16.41
C ILE B 258 26.44 1.92 -15.08
N ILE B 259 25.34 1.57 -14.38
CA ILE B 259 25.40 0.81 -13.13
C ILE B 259 26.19 -0.47 -13.35
N PHE B 260 25.90 -1.20 -14.45
CA PHE B 260 26.56 -2.45 -14.80
C PHE B 260 28.04 -2.26 -15.02
N MET B 261 28.40 -1.26 -15.83
CA MET B 261 29.76 -0.92 -16.16
C MET B 261 30.58 -0.69 -14.88
N ILE B 262 30.02 0.12 -13.95
CA ILE B 262 30.66 0.45 -12.68
C ILE B 262 30.97 -0.84 -11.87
N TYR B 263 30.12 -1.90 -11.95
CA TYR B 263 30.43 -3.20 -11.30
C TYR B 263 31.73 -3.77 -11.85
N LEU B 264 31.97 -3.67 -13.18
CA LEU B 264 33.21 -4.18 -13.80
C LEU B 264 34.43 -3.44 -13.31
N PHE B 265 34.32 -2.12 -13.14
CA PHE B 265 35.39 -1.29 -12.60
C PHE B 265 35.75 -1.71 -11.19
N TYR B 266 34.75 -2.14 -10.38
CA TYR B 266 34.98 -2.63 -9.02
C TYR B 266 35.68 -3.97 -9.05
N PHE B 267 35.26 -4.84 -9.98
CA PHE B 267 35.83 -6.17 -10.15
C PHE B 267 37.31 -6.07 -10.54
N VAL B 268 37.62 -5.20 -11.53
CA VAL B 268 39.00 -4.99 -11.96
C VAL B 268 39.83 -4.30 -10.84
N ALA B 269 39.24 -3.37 -10.03
CA ALA B 269 39.95 -2.75 -8.90
C ALA B 269 40.35 -3.83 -7.89
N VAL B 270 39.41 -4.76 -7.55
CA VAL B 270 39.68 -5.88 -6.65
C VAL B 270 40.86 -6.75 -7.22
N ILE B 271 40.82 -7.07 -8.54
CA ILE B 271 41.88 -7.84 -9.17
C ILE B 271 43.21 -7.09 -9.00
N GLU B 272 43.26 -5.77 -9.29
CA GLU B 272 44.49 -4.97 -9.17
C GLU B 272 45.04 -5.02 -7.73
N VAL B 273 44.15 -4.73 -6.72
CA VAL B 273 44.45 -4.72 -5.29
C VAL B 273 45.03 -6.09 -4.87
N THR B 274 44.49 -7.21 -5.43
CA THR B 274 44.94 -8.59 -5.18
C THR B 274 46.35 -8.82 -5.78
N VAL B 275 46.51 -8.47 -7.09
CA VAL B 275 47.74 -8.62 -7.86
C VAL B 275 48.89 -7.85 -7.19
N GLN B 276 48.63 -6.57 -6.82
CA GLN B 276 49.60 -5.70 -6.16
C GLN B 276 50.09 -6.33 -4.85
N HIS B 277 49.16 -6.84 -4.02
CA HIS B 277 49.50 -7.48 -2.75
C HIS B 277 50.27 -8.77 -2.97
N TYR B 278 49.85 -9.60 -3.95
CA TYR B 278 50.55 -10.85 -4.23
C TYR B 278 52.05 -10.60 -4.54
N LEU B 279 52.31 -9.65 -5.46
CA LEU B 279 53.65 -9.23 -5.90
C LEU B 279 54.50 -8.66 -4.76
N LYS B 280 53.86 -7.91 -3.82
CA LYS B 280 54.47 -7.34 -2.60
C LYS B 280 55.07 -8.47 -1.76
N VAL B 281 54.22 -9.49 -1.45
CA VAL B 281 54.58 -10.68 -0.67
C VAL B 281 55.64 -11.52 -1.42
N GLU B 282 55.51 -11.66 -2.75
CA GLU B 282 56.42 -12.38 -3.65
C GLU B 282 57.78 -11.66 -3.78
N SER B 283 57.93 -10.57 -3.00
CA SER B 283 59.12 -9.72 -2.88
C SER B 283 59.52 -9.08 -4.21
N GLN B 284 58.52 -8.72 -5.04
CA GLN B 284 58.78 -7.96 -6.27
C GLN B 284 57.84 -6.73 -6.35
N PRO B 285 58.09 -5.72 -5.46
CA PRO B 285 57.25 -4.52 -5.42
C PRO B 285 57.43 -3.57 -6.61
N ALA B 286 58.48 -3.73 -7.44
CA ALA B 286 58.71 -2.91 -8.63
C ALA B 286 57.64 -3.18 -9.69
N ARG B 287 57.21 -4.46 -9.84
CA ARG B 287 56.15 -4.84 -10.78
C ARG B 287 54.82 -4.29 -10.27
N ALA B 288 54.58 -4.51 -8.96
CA ALA B 288 53.40 -4.04 -8.26
C ALA B 288 53.30 -2.51 -8.38
N ALA B 289 54.45 -1.81 -8.30
CA ALA B 289 54.49 -0.35 -8.40
C ALA B 289 54.08 0.14 -9.77
N SER B 290 54.56 -0.53 -10.85
CA SER B 290 54.31 -0.13 -12.22
C SER B 290 52.87 -0.41 -12.61
N ILE B 291 52.29 -1.53 -12.11
CA ILE B 291 50.88 -1.87 -12.34
C ILE B 291 50.01 -0.82 -11.65
N THR B 292 50.35 -0.43 -10.41
CA THR B 292 49.59 0.54 -9.61
C THR B 292 49.67 1.93 -10.24
N ARG B 293 50.87 2.37 -10.66
CA ARG B 293 51.06 3.65 -11.34
C ARG B 293 50.23 3.71 -12.63
N ALA B 294 50.16 2.58 -13.39
CA ALA B 294 49.38 2.48 -14.63
C ALA B 294 47.89 2.65 -14.36
N SER B 295 47.38 1.93 -13.33
CA SER B 295 45.98 1.92 -12.90
C SER B 295 45.47 3.32 -12.60
N ARG B 296 46.34 4.19 -12.04
CA ARG B 296 46.03 5.60 -11.73
C ARG B 296 45.61 6.40 -12.95
N ILE B 297 46.16 6.09 -14.15
CA ILE B 297 45.78 6.73 -15.41
C ILE B 297 44.71 5.88 -16.12
N ALA B 298 44.95 4.56 -16.24
CA ALA B 298 44.08 3.61 -16.92
C ALA B 298 42.62 3.70 -16.45
N PHE B 299 42.37 3.54 -15.13
CA PHE B 299 41.03 3.55 -14.56
C PHE B 299 40.25 4.83 -14.93
N PRO B 300 40.72 6.09 -14.66
CA PRO B 300 39.91 7.25 -15.07
C PRO B 300 39.74 7.37 -16.59
N VAL B 301 40.82 7.14 -17.38
CA VAL B 301 40.77 7.23 -18.84
C VAL B 301 39.76 6.24 -19.41
N VAL B 302 39.85 4.95 -19.03
CA VAL B 302 38.91 3.93 -19.52
C VAL B 302 37.49 4.28 -19.05
N PHE B 303 37.33 4.77 -17.82
CA PHE B 303 36.01 5.16 -17.30
C PHE B 303 35.37 6.28 -18.13
N LEU B 304 36.14 7.35 -18.39
CA LEU B 304 35.70 8.50 -19.18
C LEU B 304 35.42 8.11 -20.64
N LEU B 305 36.26 7.24 -21.22
CA LEU B 305 36.15 6.74 -22.58
C LEU B 305 34.93 5.83 -22.72
N ALA B 306 34.71 4.89 -21.76
CA ALA B 306 33.54 4.00 -21.78
C ALA B 306 32.23 4.80 -21.65
N ASN B 307 32.22 5.86 -20.82
CA ASN B 307 31.06 6.73 -20.64
C ASN B 307 30.72 7.47 -21.93
N ILE B 308 31.74 8.04 -22.63
CA ILE B 308 31.55 8.72 -23.92
C ILE B 308 30.89 7.74 -24.89
N ILE B 309 31.46 6.51 -25.01
CA ILE B 309 30.92 5.44 -25.86
C ILE B 309 29.46 5.14 -25.49
N LEU B 310 29.16 4.95 -24.19
CA LEU B 310 27.80 4.65 -23.74
C LEU B 310 26.80 5.76 -24.07
N ALA B 311 27.13 7.03 -23.72
CA ALA B 311 26.29 8.20 -24.01
C ALA B 311 26.04 8.28 -25.50
N PHE B 312 27.11 8.06 -26.30
CA PHE B 312 26.99 8.06 -27.74
C PHE B 312 25.99 7.00 -28.22
N LEU B 313 26.08 5.75 -27.71
CA LEU B 313 25.16 4.69 -28.11
C LEU B 313 23.73 5.03 -27.81
N PHE B 314 23.46 5.52 -26.58
CA PHE B 314 22.11 5.82 -26.12
C PHE B 314 21.53 7.17 -26.56
N PHE B 315 22.34 8.14 -26.98
CA PHE B 315 21.81 9.46 -27.36
C PHE B 315 22.29 9.97 -28.75
N VAL C 5 -36.81 22.49 -12.11
CA VAL C 5 -35.42 22.10 -12.20
C VAL C 5 -34.80 22.56 -13.56
N SER C 6 -34.52 23.85 -13.58
CA SER C 6 -33.90 24.74 -14.56
C SER C 6 -33.36 25.93 -13.75
N PRO C 7 -32.38 26.73 -14.19
CA PRO C 7 -31.88 27.76 -13.28
C PRO C 7 -32.86 28.91 -13.06
N PRO C 8 -32.85 29.56 -11.86
CA PRO C 8 -33.77 30.68 -11.62
C PRO C 8 -33.60 31.77 -12.68
N PRO C 9 -34.71 32.29 -13.24
CA PRO C 9 -34.61 33.30 -14.31
C PRO C 9 -34.19 34.68 -13.81
N PRO C 10 -33.37 35.42 -14.60
CA PRO C 10 -32.90 36.74 -14.14
C PRO C 10 -33.98 37.81 -14.18
N ILE C 11 -33.95 38.76 -13.22
CA ILE C 11 -34.94 39.85 -13.23
C ILE C 11 -34.58 40.79 -14.42
N ALA C 12 -33.28 41.12 -14.58
CA ALA C 12 -32.76 41.91 -15.69
C ALA C 12 -31.89 41.04 -16.62
N ASP C 13 -30.60 40.93 -16.30
CA ASP C 13 -29.60 40.16 -17.03
C ASP C 13 -28.46 39.77 -16.10
N GLU C 14 -28.53 40.25 -14.84
CA GLU C 14 -27.53 40.02 -13.80
C GLU C 14 -27.17 38.52 -13.65
N PRO C 15 -25.89 38.20 -13.43
CA PRO C 15 -25.54 36.79 -13.26
C PRO C 15 -26.03 36.30 -11.90
N LEU C 16 -26.32 35.00 -11.80
CA LEU C 16 -26.74 34.41 -10.54
C LEU C 16 -25.50 34.24 -9.61
N THR C 17 -25.56 34.84 -8.40
CA THR C 17 -24.50 34.77 -7.42
C THR C 17 -24.76 33.66 -6.41
N VAL C 18 -23.89 32.66 -6.42
CA VAL C 18 -23.93 31.56 -5.48
C VAL C 18 -22.89 31.92 -4.42
N ASN C 19 -23.36 32.18 -3.18
CA ASN C 19 -22.47 32.49 -2.07
C ASN C 19 -22.00 31.16 -1.51
N THR C 20 -20.69 31.04 -1.27
CA THR C 20 -20.09 29.80 -0.78
C THR C 20 -19.41 30.00 0.56
N GLY C 21 -19.13 28.87 1.21
CA GLY C 21 -18.43 28.76 2.48
C GLY C 21 -17.96 27.35 2.69
N ILE C 22 -16.75 27.19 3.21
CA ILE C 22 -16.18 25.89 3.55
C ILE C 22 -15.77 25.98 5.01
N TYR C 23 -16.28 25.06 5.86
CA TYR C 23 -15.91 25.00 7.26
C TYR C 23 -15.27 23.63 7.48
N LEU C 24 -13.90 23.59 7.70
CA LEU C 24 -13.11 22.36 7.87
C LEU C 24 -13.45 21.67 9.15
N ILE C 25 -13.96 20.42 9.03
CA ILE C 25 -14.35 19.56 10.15
C ILE C 25 -13.11 18.78 10.60
N GLU C 26 -12.45 18.04 9.67
CA GLU C 26 -11.21 17.30 9.92
C GLU C 26 -10.28 17.46 8.70
N CYS C 27 -8.99 17.54 9.00
CA CYS C 27 -7.90 17.73 8.07
C CYS C 27 -6.89 16.68 8.36
N TYR C 28 -6.52 15.89 7.37
CA TYR C 28 -5.57 14.80 7.62
C TYR C 28 -4.79 14.41 6.35
N SER C 29 -3.94 13.38 6.50
CA SER C 29 -3.13 12.75 5.49
C SER C 29 -2.45 13.73 4.53
N LEU C 30 -1.54 14.57 5.05
CA LEU C 30 -0.76 15.41 4.14
C LEU C 30 0.43 14.58 3.67
N ASP C 31 0.34 14.05 2.45
CA ASP C 31 1.40 13.26 1.81
C ASP C 31 2.30 14.22 1.07
N ASP C 32 3.53 14.36 1.56
CA ASP C 32 4.54 15.25 0.97
C ASP C 32 4.97 14.75 -0.41
N LYS C 33 5.26 13.44 -0.55
CA LYS C 33 5.66 12.81 -1.81
C LYS C 33 4.59 12.98 -2.90
N ALA C 34 3.29 12.72 -2.55
CA ALA C 34 2.15 12.82 -3.46
C ALA C 34 1.67 14.25 -3.66
N GLU C 35 2.00 15.16 -2.70
CA GLU C 35 1.53 16.54 -2.64
C GLU C 35 -0.01 16.54 -2.64
N THR C 36 -0.60 15.64 -1.81
CA THR C 36 -2.04 15.50 -1.58
C THR C 36 -2.35 15.57 -0.08
N PHE C 37 -3.61 15.96 0.25
CA PHE C 37 -4.17 15.99 1.60
C PHE C 37 -5.63 15.61 1.56
N LYS C 38 -6.10 14.95 2.59
CA LYS C 38 -7.49 14.53 2.74
C LYS C 38 -8.21 15.55 3.65
N VAL C 39 -9.40 15.99 3.22
CA VAL C 39 -10.22 17.01 3.89
C VAL C 39 -11.65 16.45 4.19
N ASN C 40 -12.28 16.90 5.27
CA ASN C 40 -13.67 16.58 5.63
C ASN C 40 -14.26 17.89 6.13
N ALA C 41 -15.33 18.36 5.51
CA ALA C 41 -15.83 19.68 5.80
C ALA C 41 -17.24 19.87 5.38
N PHE C 42 -17.82 21.00 5.81
CA PHE C 42 -19.13 21.41 5.38
C PHE C 42 -18.94 22.34 4.19
N LEU C 43 -19.73 22.15 3.18
CA LEU C 43 -19.82 23.07 2.05
C LEU C 43 -21.18 23.69 2.13
N SER C 44 -21.21 25.02 2.17
CA SER C 44 -22.44 25.78 2.25
C SER C 44 -22.65 26.56 0.94
N LEU C 45 -23.88 26.58 0.45
CA LEU C 45 -24.26 27.30 -0.77
C LEU C 45 -25.55 28.04 -0.53
N SER C 46 -25.59 29.30 -0.98
CA SER C 46 -26.76 30.14 -0.80
C SER C 46 -26.93 30.99 -2.02
N TRP C 47 -28.16 30.98 -2.58
CA TRP C 47 -28.56 31.77 -3.74
C TRP C 47 -30.04 32.09 -3.69
N LYS C 48 -30.50 33.03 -4.53
CA LYS C 48 -31.92 33.41 -4.61
C LYS C 48 -32.58 32.79 -5.83
N ASP C 49 -33.68 32.05 -5.59
CA ASP C 49 -34.54 31.43 -6.60
C ASP C 49 -35.99 31.93 -6.36
N ARG C 50 -36.35 33.09 -6.95
CA ARG C 50 -37.66 33.76 -6.75
C ARG C 50 -38.88 32.84 -6.94
N ARG C 51 -38.75 31.79 -7.78
CA ARG C 51 -39.79 30.78 -8.04
C ARG C 51 -40.26 30.11 -6.74
N LEU C 52 -39.30 29.78 -5.89
CA LEU C 52 -39.49 29.14 -4.59
C LEU C 52 -40.05 30.08 -3.51
N ALA C 53 -40.00 31.44 -3.74
CA ALA C 53 -40.53 32.46 -2.81
C ALA C 53 -41.97 32.16 -2.40
N PHE C 54 -42.30 32.47 -1.15
CA PHE C 54 -43.60 32.21 -0.56
C PHE C 54 -44.01 33.31 0.42
N ASP C 55 -45.31 33.35 0.76
CA ASP C 55 -45.82 34.31 1.71
C ASP C 55 -45.49 33.83 3.14
N PRO C 56 -44.78 34.64 3.96
CA PRO C 56 -44.44 34.18 5.32
C PRO C 56 -45.68 34.07 6.23
N VAL C 57 -46.63 35.07 6.15
CA VAL C 57 -47.88 35.16 6.94
C VAL C 57 -48.96 34.14 6.45
N ARG C 58 -49.15 33.97 5.12
CA ARG C 58 -50.15 33.08 4.52
C ARG C 58 -49.74 31.58 4.52
N SER C 59 -48.43 31.28 4.45
CA SER C 59 -47.96 29.88 4.47
C SER C 59 -47.75 29.36 5.90
N GLY C 60 -47.82 30.27 6.88
CA GLY C 60 -47.69 29.94 8.29
C GLY C 60 -46.29 29.60 8.74
N VAL C 61 -45.48 28.98 7.82
CA VAL C 61 -44.07 28.59 7.99
C VAL C 61 -43.15 29.76 7.61
N ARG C 62 -42.05 29.89 8.34
CA ARG C 62 -41.07 30.95 8.16
C ARG C 62 -39.97 30.53 7.22
N VAL C 63 -39.73 29.20 7.13
CA VAL C 63 -38.69 28.53 6.35
C VAL C 63 -39.24 27.21 5.88
N LYS C 64 -39.05 26.92 4.58
CA LYS C 64 -39.42 25.66 3.91
C LYS C 64 -38.18 24.80 3.73
N THR C 65 -38.29 23.49 3.99
CA THR C 65 -37.21 22.51 3.81
C THR C 65 -37.48 21.69 2.54
N TYR C 66 -36.46 21.48 1.69
CA TYR C 66 -36.61 20.74 0.45
C TYR C 66 -35.62 19.62 0.33
N GLU C 67 -35.94 18.61 -0.50
CA GLU C 67 -35.03 17.52 -0.84
C GLU C 67 -34.27 17.93 -2.10
N PRO C 68 -32.97 17.58 -2.25
CA PRO C 68 -32.20 18.05 -3.43
C PRO C 68 -32.91 17.90 -4.80
N GLU C 69 -33.60 16.75 -4.98
CA GLU C 69 -34.34 16.34 -6.18
C GLU C 69 -35.44 17.34 -6.52
N ALA C 70 -36.09 17.91 -5.50
CA ALA C 70 -37.21 18.83 -5.61
C ALA C 70 -36.86 20.19 -6.28
N ILE C 71 -35.70 20.75 -5.98
CA ILE C 71 -35.35 22.08 -6.51
C ILE C 71 -34.01 22.11 -7.27
N TRP C 72 -33.82 23.19 -8.04
CA TRP C 72 -32.59 23.43 -8.79
C TRP C 72 -31.45 23.75 -7.81
N ILE C 73 -30.32 23.04 -7.95
CA ILE C 73 -29.15 23.25 -7.13
C ILE C 73 -27.94 23.45 -8.08
N PRO C 74 -27.16 24.55 -7.90
CA PRO C 74 -26.02 24.79 -8.81
C PRO C 74 -24.97 23.70 -8.68
N GLU C 75 -24.45 23.24 -9.82
CA GLU C 75 -23.42 22.20 -9.87
C GLU C 75 -22.07 22.78 -9.48
N ILE C 76 -21.72 22.72 -8.18
CA ILE C 76 -20.42 23.20 -7.68
C ILE C 76 -19.43 22.04 -7.66
N ARG C 77 -18.23 22.25 -8.20
CA ARG C 77 -17.20 21.21 -8.26
C ARG C 77 -15.88 21.74 -7.73
N PHE C 78 -14.99 20.82 -7.32
CA PHE C 78 -13.65 21.19 -6.88
C PHE C 78 -12.76 20.96 -8.05
N VAL C 79 -11.84 21.88 -8.32
CA VAL C 79 -10.91 21.74 -9.43
C VAL C 79 -9.86 20.70 -9.10
N ASN C 80 -9.00 21.02 -8.10
CA ASN C 80 -7.83 20.26 -7.70
C ASN C 80 -8.12 19.03 -6.77
N VAL C 81 -8.97 18.12 -7.23
CA VAL C 81 -9.30 16.91 -6.50
C VAL C 81 -8.93 15.70 -7.38
N GLU C 82 -8.62 14.55 -6.70
CA GLU C 82 -8.29 13.30 -7.36
C GLU C 82 -9.55 12.82 -8.10
N ASN C 83 -10.57 12.49 -7.30
CA ASN C 83 -11.88 12.08 -7.78
C ASN C 83 -12.93 13.04 -7.22
N ALA C 84 -14.12 13.03 -7.82
CA ALA C 84 -15.25 13.82 -7.38
C ALA C 84 -15.49 13.60 -5.90
N ARG C 85 -15.72 14.69 -5.16
CA ARG C 85 -15.95 14.64 -3.70
C ARG C 85 -17.14 13.71 -3.31
N ASP C 86 -17.02 13.07 -2.13
CA ASP C 86 -18.06 12.25 -1.54
C ASP C 86 -18.86 13.19 -0.68
N ALA C 87 -20.12 13.48 -1.06
CA ALA C 87 -20.97 14.42 -0.35
C ALA C 87 -22.27 13.82 0.11
N ASP C 88 -22.81 14.34 1.22
CA ASP C 88 -24.10 14.01 1.85
C ASP C 88 -24.76 15.29 2.24
N VAL C 89 -25.91 15.59 1.63
CA VAL C 89 -26.66 16.83 1.88
C VAL C 89 -27.20 16.78 3.32
N VAL C 90 -26.80 17.79 4.11
CA VAL C 90 -27.15 17.93 5.52
C VAL C 90 -28.53 18.59 5.61
N ASP C 91 -28.75 19.71 4.88
CA ASP C 91 -30.01 20.48 4.95
C ASP C 91 -30.16 21.51 3.79
N ILE C 92 -31.43 21.76 3.36
CA ILE C 92 -31.85 22.75 2.33
C ILE C 92 -32.98 23.59 2.95
N SER C 93 -32.75 24.91 3.06
CA SER C 93 -33.70 25.82 3.69
C SER C 93 -34.06 27.00 2.77
N VAL C 94 -35.34 27.13 2.39
CA VAL C 94 -35.81 28.22 1.52
C VAL C 94 -36.53 29.25 2.39
N SER C 95 -36.14 30.52 2.24
CA SER C 95 -36.69 31.65 2.99
C SER C 95 -37.91 32.23 2.24
N PRO C 96 -38.77 33.10 2.86
CA PRO C 96 -39.95 33.60 2.13
C PRO C 96 -39.62 34.32 0.82
N ASP C 97 -38.46 34.99 0.73
CA ASP C 97 -38.07 35.70 -0.48
C ASP C 97 -37.45 34.78 -1.58
N GLY C 98 -37.16 33.53 -1.24
CA GLY C 98 -36.57 32.61 -2.20
C GLY C 98 -35.08 32.40 -2.03
N THR C 99 -34.52 32.84 -0.89
CA THR C 99 -33.11 32.61 -0.64
C THR C 99 -32.95 31.13 -0.23
N VAL C 100 -32.21 30.36 -1.02
CA VAL C 100 -31.97 28.95 -0.74
C VAL C 100 -30.73 28.85 0.12
N GLN C 101 -30.76 28.00 1.16
CA GLN C 101 -29.62 27.78 2.04
C GLN C 101 -29.35 26.28 2.15
N TYR C 102 -28.39 25.86 1.31
CA TYR C 102 -27.92 24.53 1.11
C TYR C 102 -26.66 24.30 1.94
N LEU C 103 -26.60 23.11 2.57
CA LEU C 103 -25.51 22.60 3.38
C LEU C 103 -25.29 21.15 3.06
N GLU C 104 -24.02 20.76 2.95
CA GLU C 104 -23.61 19.39 2.69
C GLU C 104 -22.32 19.14 3.39
N ARG C 105 -22.10 17.88 3.77
CA ARG C 105 -20.85 17.49 4.39
C ARG C 105 -20.12 16.61 3.38
N PHE C 106 -18.82 16.92 3.11
CA PHE C 106 -18.05 16.23 2.08
C PHE C 106 -16.65 15.85 2.50
N SER C 107 -16.07 14.93 1.77
CA SER C 107 -14.71 14.49 1.93
C SER C 107 -14.08 14.35 0.55
N ALA C 108 -12.85 14.87 0.38
CA ALA C 108 -12.13 14.72 -0.87
C ALA C 108 -10.61 14.64 -0.62
N ARG C 109 -9.87 14.15 -1.61
CA ARG C 109 -8.41 14.13 -1.58
C ARG C 109 -7.97 15.25 -2.53
N VAL C 110 -7.38 16.26 -1.97
CA VAL C 110 -7.01 17.44 -2.71
C VAL C 110 -5.52 17.36 -3.17
N LEU C 111 -5.26 17.81 -4.40
CA LEU C 111 -3.98 17.95 -5.09
C LEU C 111 -3.50 19.37 -4.96
N SER C 112 -2.63 19.64 -4.00
CA SER C 112 -2.08 20.98 -3.86
C SER C 112 -0.55 20.84 -3.76
N PRO C 113 0.21 21.35 -4.81
CA PRO C 113 1.68 21.26 -4.80
C PRO C 113 2.34 21.99 -3.62
N LEU C 114 3.51 21.50 -3.21
CA LEU C 114 4.23 22.05 -2.08
C LEU C 114 5.59 22.65 -2.49
N ASP C 115 6.10 23.65 -1.71
CA ASP C 115 7.41 24.25 -1.98
C ASP C 115 8.43 23.70 -0.99
N PHE C 116 9.22 22.69 -1.41
CA PHE C 116 10.18 22.02 -0.53
C PHE C 116 11.52 22.75 -0.35
N ARG C 117 11.67 23.98 -0.89
CA ARG C 117 12.88 24.77 -0.85
C ARG C 117 13.44 24.97 0.56
N ARG C 118 12.59 25.26 1.53
CA ARG C 118 13.08 25.51 2.89
C ARG C 118 12.82 24.33 3.85
N TYR C 119 12.46 23.14 3.32
CA TYR C 119 12.22 21.93 4.11
C TYR C 119 13.45 21.59 4.99
N PRO C 120 13.28 21.16 6.28
CA PRO C 120 12.01 20.95 7.00
C PRO C 120 11.53 22.18 7.78
N PHE C 121 12.06 23.37 7.42
CA PHE C 121 11.67 24.66 8.05
C PHE C 121 10.71 25.44 7.10
N ASP C 122 9.87 24.72 6.36
CA ASP C 122 8.96 25.30 5.37
C ASP C 122 7.56 25.51 5.89
N SER C 123 6.88 26.46 5.24
CA SER C 123 5.47 26.81 5.44
C SER C 123 4.80 26.59 4.12
N GLN C 124 3.51 26.24 4.16
CA GLN C 124 2.79 25.92 2.95
C GLN C 124 1.48 26.66 2.87
N THR C 125 0.93 26.76 1.64
CA THR C 125 -0.41 27.31 1.38
C THR C 125 -1.19 26.26 0.62
N LEU C 126 -2.04 25.54 1.31
CA LEU C 126 -2.87 24.55 0.64
C LEU C 126 -4.05 25.26 -0.11
N HIS C 127 -4.48 24.70 -1.25
CA HIS C 127 -5.57 25.34 -2.00
C HIS C 127 -6.74 24.43 -2.23
N ILE C 128 -7.92 25.00 -2.12
CA ILE C 128 -9.17 24.32 -2.45
C ILE C 128 -9.85 25.25 -3.45
N TYR C 129 -9.93 24.79 -4.70
CA TYR C 129 -10.55 25.57 -5.77
C TYR C 129 -11.98 25.15 -6.06
N LEU C 130 -12.95 26.05 -5.75
CA LEU C 130 -14.37 25.87 -6.05
C LEU C 130 -14.67 26.40 -7.42
N ILE C 131 -15.41 25.67 -8.21
CA ILE C 131 -15.72 26.13 -9.57
C ILE C 131 -17.20 25.80 -9.92
N VAL C 132 -17.82 26.67 -10.74
CA VAL C 132 -19.17 26.53 -11.27
C VAL C 132 -19.14 26.88 -12.75
N ARG C 133 -19.85 26.12 -13.57
CA ARG C 133 -19.95 26.39 -14.99
C ARG C 133 -21.30 27.05 -15.28
N SER C 134 -21.28 28.13 -16.07
CA SER C 134 -22.50 28.84 -16.47
C SER C 134 -23.31 27.95 -17.41
N VAL C 135 -24.62 28.17 -17.40
CA VAL C 135 -25.59 27.45 -18.22
C VAL C 135 -26.06 28.36 -19.38
N ASP C 136 -26.76 27.76 -20.34
CA ASP C 136 -27.26 28.48 -21.50
C ASP C 136 -28.30 29.52 -21.09
N THR C 137 -29.10 29.20 -20.05
CA THR C 137 -30.13 30.10 -19.53
C THR C 137 -29.48 31.37 -18.92
N ARG C 138 -28.54 31.21 -17.95
CA ARG C 138 -27.87 32.34 -17.30
C ARG C 138 -26.50 31.99 -16.70
N ASN C 139 -25.70 33.03 -16.47
CA ASN C 139 -24.34 32.94 -15.98
C ASN C 139 -24.28 32.87 -14.46
N ILE C 140 -23.63 31.81 -13.95
CA ILE C 140 -23.48 31.62 -12.51
C ILE C 140 -22.09 32.14 -12.11
N VAL C 141 -22.04 32.84 -10.98
CA VAL C 141 -20.84 33.50 -10.46
C VAL C 141 -20.73 33.17 -8.96
N LEU C 142 -19.51 32.86 -8.49
CA LEU C 142 -19.28 32.49 -7.10
C LEU C 142 -18.89 33.69 -6.24
N ALA C 143 -19.22 33.59 -4.96
CA ALA C 143 -18.96 34.60 -3.95
C ALA C 143 -18.59 33.90 -2.67
N VAL C 144 -17.99 34.63 -1.73
CA VAL C 144 -17.59 34.07 -0.45
C VAL C 144 -18.42 34.68 0.65
N ASP C 145 -19.15 33.84 1.42
CA ASP C 145 -19.83 34.28 2.63
C ASP C 145 -18.83 34.09 3.72
N LEU C 146 -18.08 35.15 4.09
CA LEU C 146 -16.98 35.05 5.08
C LEU C 146 -17.46 34.51 6.42
N GLU C 147 -18.73 34.78 6.78
CA GLU C 147 -19.38 34.28 8.00
C GLU C 147 -19.44 32.74 8.04
N LYS C 148 -19.38 32.07 6.85
CA LYS C 148 -19.54 30.62 6.74
C LYS C 148 -18.23 29.91 6.28
N VAL C 149 -17.09 30.59 6.44
CA VAL C 149 -15.75 30.09 6.11
C VAL C 149 -15.01 29.95 7.41
N GLY C 150 -14.64 28.74 7.79
CA GLY C 150 -13.93 28.53 9.04
C GLY C 150 -13.32 27.16 9.16
N LYS C 151 -12.99 26.79 10.41
CA LYS C 151 -12.40 25.51 10.76
C LYS C 151 -12.69 25.20 12.24
N ASN C 152 -12.89 23.92 12.54
CA ASN C 152 -13.09 23.43 13.89
C ASN C 152 -11.74 23.60 14.60
N ASP C 153 -11.75 23.91 15.91
CA ASP C 153 -10.54 24.16 16.70
C ASP C 153 -9.72 22.88 16.87
N ASP C 154 -10.43 21.73 17.03
CA ASP C 154 -9.89 20.38 17.14
C ASP C 154 -9.15 19.92 15.88
N VAL C 155 -9.36 20.59 14.70
CA VAL C 155 -8.68 20.26 13.43
C VAL C 155 -7.19 20.23 13.72
N PHE C 156 -6.57 19.07 13.44
CA PHE C 156 -5.17 18.81 13.65
C PHE C 156 -4.59 18.09 12.45
N LEU C 157 -3.53 18.63 11.89
CA LEU C 157 -2.81 18.04 10.78
C LEU C 157 -1.46 17.59 11.36
N THR C 158 -1.29 16.27 11.57
CA THR C 158 -0.11 15.66 12.19
C THR C 158 1.18 16.20 11.60
N GLY C 159 2.07 16.70 12.48
CA GLY C 159 3.37 17.25 12.12
C GLY C 159 3.34 18.61 11.44
N TRP C 160 2.19 19.29 11.54
CA TRP C 160 1.96 20.61 10.97
C TRP C 160 1.19 21.51 11.92
N ASP C 161 1.34 22.83 11.74
CA ASP C 161 0.62 23.85 12.49
C ASP C 161 -0.31 24.55 11.54
N ILE C 162 -1.62 24.61 11.86
CA ILE C 162 -2.61 25.25 11.00
C ILE C 162 -2.66 26.73 11.38
N GLU C 163 -2.17 27.59 10.47
CA GLU C 163 -2.08 29.03 10.71
C GLU C 163 -3.39 29.75 10.43
N SER C 164 -4.02 29.53 9.23
CA SER C 164 -5.28 30.16 8.82
C SER C 164 -5.95 29.45 7.65
N PHE C 165 -7.27 29.64 7.56
CA PHE C 165 -8.11 29.13 6.48
C PHE C 165 -8.98 30.30 6.04
N THR C 166 -8.59 30.89 4.91
CA THR C 166 -9.26 32.08 4.36
C THR C 166 -9.64 31.81 2.92
N ALA C 167 -10.39 32.74 2.32
CA ALA C 167 -10.81 32.63 0.94
C ALA C 167 -10.56 33.94 0.24
N VAL C 168 -10.02 33.89 -0.99
CA VAL C 168 -9.79 35.06 -1.83
C VAL C 168 -11.15 35.37 -2.44
N VAL C 169 -11.82 36.39 -1.86
CA VAL C 169 -13.22 36.84 -2.08
C VAL C 169 -13.58 37.16 -3.56
N LYS C 170 -12.59 37.60 -4.37
CA LYS C 170 -12.79 37.93 -5.79
C LYS C 170 -12.56 36.65 -6.62
N PRO C 171 -13.61 36.10 -7.25
CA PRO C 171 -13.45 34.87 -8.03
C PRO C 171 -12.76 35.10 -9.37
N ALA C 172 -12.07 34.06 -9.88
CA ALA C 172 -11.45 34.10 -11.19
C ALA C 172 -12.52 33.73 -12.25
N ASN C 173 -13.07 34.75 -12.93
CA ASN C 173 -14.04 34.51 -13.99
C ASN C 173 -13.31 34.48 -15.31
N PHE C 174 -13.49 33.39 -16.07
CA PHE C 174 -12.84 33.13 -17.34
C PHE C 174 -13.69 32.22 -18.19
N ALA C 175 -13.41 32.22 -19.50
CA ALA C 175 -14.08 31.37 -20.47
C ALA C 175 -13.35 30.05 -20.58
N LEU C 176 -14.10 28.98 -20.70
CA LEU C 176 -13.57 27.62 -20.87
C LEU C 176 -14.62 26.82 -21.66
N GLU C 177 -14.22 26.39 -22.87
CA GLU C 177 -15.01 25.61 -23.83
C GLU C 177 -16.33 26.35 -24.11
N ASP C 178 -16.18 27.63 -24.50
CA ASP C 178 -17.21 28.59 -24.90
C ASP C 178 -18.34 28.78 -23.85
N ARG C 179 -18.02 28.70 -22.56
CA ARG C 179 -18.90 28.96 -21.42
C ARG C 179 -18.08 29.51 -20.28
N LEU C 180 -18.67 30.44 -19.54
CA LEU C 180 -18.05 31.13 -18.41
C LEU C 180 -17.89 30.18 -17.23
N GLU C 181 -16.77 30.33 -16.50
CA GLU C 181 -16.46 29.61 -15.27
C GLU C 181 -16.15 30.63 -14.19
N SER C 182 -16.56 30.35 -12.96
CA SER C 182 -16.32 31.19 -11.79
C SER C 182 -15.57 30.33 -10.83
N LYS C 183 -14.30 30.66 -10.58
CA LYS C 183 -13.40 29.90 -9.72
C LYS C 183 -13.09 30.67 -8.43
N LEU C 184 -13.14 29.98 -7.26
CA LEU C 184 -12.80 30.56 -5.95
C LEU C 184 -11.62 29.84 -5.33
N ASP C 185 -10.73 30.59 -4.65
CA ASP C 185 -9.54 30.03 -4.02
C ASP C 185 -9.62 30.06 -2.49
N TYR C 186 -9.75 28.87 -1.88
CA TYR C 186 -9.73 28.67 -0.44
C TYR C 186 -8.33 28.28 -0.07
N GLN C 187 -7.70 29.09 0.81
CA GLN C 187 -6.31 28.89 1.21
C GLN C 187 -6.18 28.46 2.65
N LEU C 188 -5.50 27.33 2.85
CA LEU C 188 -5.17 26.80 4.16
C LEU C 188 -3.66 26.95 4.39
N ARG C 189 -3.28 27.93 5.21
CA ARG C 189 -1.88 28.21 5.55
C ARG C 189 -1.43 27.36 6.72
N ILE C 190 -0.38 26.58 6.49
CA ILE C 190 0.20 25.68 7.47
C ILE C 190 1.72 25.86 7.50
N SER C 191 2.35 25.49 8.62
CA SER C 191 3.79 25.56 8.75
C SER C 191 4.25 24.32 9.49
N ARG C 192 5.31 23.69 8.96
CA ARG C 192 5.88 22.44 9.46
C ARG C 192 6.47 22.55 10.87
N GLN C 193 6.18 21.50 11.68
CA GLN C 193 6.73 21.30 13.00
C GLN C 193 8.07 20.61 12.80
N TYR C 194 9.16 21.37 12.84
CA TYR C 194 10.51 20.86 12.56
C TYR C 194 11.25 20.27 13.79
N PHE C 195 10.71 20.42 15.02
CA PHE C 195 11.33 19.92 16.25
C PHE C 195 11.89 18.52 16.08
N SER C 196 11.04 17.54 15.75
CA SER C 196 11.42 16.11 15.60
C SER C 196 12.68 15.89 14.74
N TYR C 197 12.83 16.66 13.65
CA TYR C 197 13.95 16.58 12.71
C TYR C 197 15.30 16.80 13.39
N ILE C 198 15.35 17.65 14.43
CA ILE C 198 16.58 17.99 15.13
C ILE C 198 17.13 16.74 15.87
N PRO C 199 16.46 16.10 16.88
CA PRO C 199 17.09 14.93 17.54
C PRO C 199 17.10 13.63 16.73
N ASN C 200 16.33 13.58 15.63
CA ASN C 200 16.19 12.35 14.85
C ASN C 200 17.05 12.29 13.62
N ILE C 201 17.20 13.41 12.87
CA ILE C 201 17.96 13.41 11.62
C ILE C 201 19.15 14.39 11.65
N ILE C 202 18.96 15.67 12.07
CA ILE C 202 19.98 16.70 12.06
C ILE C 202 21.17 16.36 12.99
N LEU C 203 20.96 16.28 14.32
CA LEU C 203 22.05 15.99 15.26
C LEU C 203 22.71 14.61 14.97
N PRO C 204 21.96 13.48 14.77
CA PRO C 204 22.65 12.22 14.42
C PRO C 204 23.54 12.35 13.16
N MET C 205 23.07 13.10 12.15
CA MET C 205 23.85 13.31 10.95
C MET C 205 25.13 14.15 11.20
N LEU C 206 25.10 15.11 12.13
CA LEU C 206 26.27 15.94 12.44
C LEU C 206 27.30 15.16 13.28
N PHE C 207 26.83 14.30 14.22
CA PHE C 207 27.69 13.44 15.02
C PHE C 207 28.44 12.45 14.14
N ILE C 208 27.77 11.79 13.17
CA ILE C 208 28.47 10.82 12.29
C ILE C 208 29.51 11.58 11.44
N LEU C 209 29.28 12.88 11.17
CA LEU C 209 30.24 13.70 10.42
C LEU C 209 31.46 14.05 11.29
N PHE C 210 31.24 14.48 12.55
CA PHE C 210 32.30 14.86 13.49
C PHE C 210 33.15 13.67 13.83
N ILE C 211 32.55 12.45 13.94
CA ILE C 211 33.25 11.18 14.18
C ILE C 211 34.26 10.97 13.03
N SER C 212 33.87 11.25 11.76
CA SER C 212 34.79 11.15 10.60
C SER C 212 36.00 12.10 10.73
N TRP C 213 35.84 13.24 11.42
CA TRP C 213 36.91 14.23 11.60
C TRP C 213 37.91 13.86 12.71
N THR C 214 37.63 12.80 13.51
CA THR C 214 38.58 12.33 14.52
C THR C 214 39.78 11.68 13.80
N ALA C 215 39.65 11.40 12.47
CA ALA C 215 40.70 10.87 11.61
C ALA C 215 41.87 11.89 11.49
N PHE C 216 41.57 13.19 11.76
CA PHE C 216 42.58 14.25 11.75
C PHE C 216 43.43 14.23 13.04
N TRP C 217 43.12 13.33 13.98
CA TRP C 217 43.91 13.15 15.21
C TRP C 217 44.49 11.73 15.28
N SER C 218 44.52 11.05 14.13
CA SER C 218 45.06 9.70 13.98
C SER C 218 45.98 9.61 12.78
N THR C 219 47.05 8.81 12.91
CA THR C 219 48.05 8.56 11.85
C THR C 219 47.84 7.16 11.23
N SER C 220 46.93 6.37 11.83
CA SER C 220 46.58 5.02 11.43
C SER C 220 45.72 5.02 10.17
N TYR C 221 46.34 4.83 8.98
CA TYR C 221 45.63 4.81 7.70
C TYR C 221 44.47 3.80 7.74
N GLU C 222 44.73 2.58 8.20
CA GLU C 222 43.73 1.52 8.31
C GLU C 222 42.52 1.98 9.18
N ALA C 223 42.77 2.70 10.31
CA ALA C 223 41.71 3.21 11.19
C ALA C 223 40.93 4.37 10.52
N ASN C 224 41.68 5.33 9.91
CA ASN C 224 41.10 6.48 9.20
C ASN C 224 40.22 6.02 8.06
N VAL C 225 40.70 5.04 7.22
CA VAL C 225 39.94 4.48 6.10
C VAL C 225 38.59 4.04 6.66
N THR C 226 38.61 3.17 7.70
CA THR C 226 37.42 2.65 8.39
C THR C 226 36.56 3.80 8.92
N LEU C 227 37.15 4.76 9.64
CA LEU C 227 36.41 5.89 10.19
C LEU C 227 35.63 6.69 9.11
N VAL C 228 36.33 7.10 8.02
CA VAL C 228 35.73 7.92 6.96
C VAL C 228 34.77 7.12 6.08
N VAL C 229 35.11 5.88 5.75
CA VAL C 229 34.25 5.07 4.90
C VAL C 229 32.97 4.63 5.65
N SER C 230 33.09 4.14 6.90
CA SER C 230 31.95 3.69 7.72
C SER C 230 30.92 4.81 7.92
N THR C 231 31.40 5.99 8.36
CA THR C 231 30.55 7.16 8.58
C THR C 231 29.93 7.64 7.26
N LEU C 232 30.66 7.48 6.10
CA LEU C 232 30.12 7.84 4.79
C LEU C 232 28.92 6.96 4.49
N ILE C 233 29.01 5.65 4.78
CA ILE C 233 27.90 4.69 4.54
C ILE C 233 26.64 5.12 5.36
N ALA C 234 26.84 5.56 6.63
CA ALA C 234 25.78 6.04 7.52
C ALA C 234 25.10 7.25 6.89
N HIS C 235 25.90 8.15 6.26
CA HIS C 235 25.38 9.33 5.58
C HIS C 235 24.55 8.92 4.34
N ILE C 236 24.95 7.85 3.62
CA ILE C 236 24.18 7.35 2.47
C ILE C 236 22.84 6.89 2.99
N ALA C 237 22.82 6.07 4.11
CA ALA C 237 21.58 5.59 4.76
C ALA C 237 20.66 6.78 5.11
N ALA C 238 21.24 7.82 5.72
CA ALA C 238 20.58 9.08 6.04
C ALA C 238 19.95 9.69 4.80
N ASN C 239 20.78 9.94 3.74
CA ASN C 239 20.35 10.52 2.47
C ASN C 239 19.14 9.72 1.90
N ILE C 240 19.21 8.36 1.84
CA ILE C 240 18.10 7.52 1.34
C ILE C 240 16.85 7.77 2.19
N LEU C 241 16.94 7.61 3.53
CA LEU C 241 15.84 7.82 4.48
C LEU C 241 15.16 9.18 4.25
N VAL C 242 15.94 10.24 4.12
CA VAL C 242 15.43 11.59 3.87
C VAL C 242 14.75 11.68 2.48
N GLU C 243 15.49 11.37 1.38
CA GLU C 243 15.02 11.50 -0.01
C GLU C 243 13.82 10.63 -0.33
N THR C 244 13.63 9.47 0.36
CA THR C 244 12.49 8.58 0.07
C THR C 244 11.16 9.14 0.64
N ASN C 245 11.19 10.14 1.55
CA ASN C 245 9.96 10.78 2.08
C ASN C 245 9.80 12.22 1.53
N LEU C 246 10.23 12.42 0.28
CA LEU C 246 10.19 13.69 -0.45
C LEU C 246 10.03 13.46 -1.94
N PRO C 247 9.39 14.38 -2.68
CA PRO C 247 9.31 14.22 -4.14
C PRO C 247 10.56 14.77 -4.84
N LYS C 248 10.75 14.36 -6.09
CA LYS C 248 11.86 14.77 -6.93
C LYS C 248 11.53 16.16 -7.51
N THR C 249 12.03 17.20 -6.79
CA THR C 249 11.85 18.61 -7.11
C THR C 249 12.81 19.05 -8.23
N PRO C 250 12.33 19.89 -9.18
CA PRO C 250 13.23 20.37 -10.26
C PRO C 250 14.17 21.50 -9.80
N TYR C 251 14.06 21.89 -8.52
CA TYR C 251 14.81 22.95 -7.84
C TYR C 251 15.59 22.39 -6.68
N MET C 252 16.59 23.14 -6.20
CA MET C 252 17.41 22.67 -5.09
C MET C 252 16.75 23.08 -3.77
N THR C 253 16.67 22.13 -2.84
CA THR C 253 16.11 22.34 -1.50
C THR C 253 17.26 22.57 -0.50
N TYR C 254 16.93 23.07 0.71
CA TYR C 254 17.93 23.38 1.74
C TYR C 254 18.59 22.10 2.25
N THR C 255 17.78 21.08 2.56
CA THR C 255 18.19 19.74 3.02
C THR C 255 18.94 19.03 1.88
N GLY C 256 18.51 19.30 0.67
CA GLY C 256 19.14 18.76 -0.54
C GLY C 256 20.57 19.23 -0.66
N ALA C 257 20.75 20.56 -0.54
CA ALA C 257 22.03 21.26 -0.57
C ALA C 257 22.97 20.77 0.55
N ILE C 258 22.45 20.69 1.80
CA ILE C 258 23.23 20.27 2.97
C ILE C 258 23.72 18.85 2.80
N ILE C 259 22.81 17.90 2.46
CA ILE C 259 23.19 16.49 2.26
C ILE C 259 24.29 16.40 1.21
N PHE C 260 24.12 17.14 0.08
CA PHE C 260 25.10 17.17 -1.02
C PHE C 260 26.46 17.69 -0.56
N MET C 261 26.46 18.82 0.15
CA MET C 261 27.65 19.47 0.68
C MET C 261 28.44 18.47 1.54
N ILE C 262 27.75 17.79 2.47
CA ILE C 262 28.37 16.81 3.37
C ILE C 262 29.07 15.68 2.56
N TYR C 263 28.56 15.28 1.39
CA TYR C 263 29.27 14.31 0.53
C TYR C 263 30.65 14.85 0.12
N LEU C 264 30.75 16.17 -0.21
CA LEU C 264 32.03 16.79 -0.60
C LEU C 264 33.03 16.77 0.55
N PHE C 265 32.55 17.01 1.78
CA PHE C 265 33.38 16.96 2.99
C PHE C 265 33.95 15.57 3.19
N TYR C 266 33.18 14.50 2.84
CA TYR C 266 33.64 13.12 2.95
C TYR C 266 34.68 12.83 1.90
N PHE C 267 34.46 13.34 0.66
CA PHE C 267 35.38 13.17 -0.44
C PHE C 267 36.74 13.84 -0.12
N VAL C 268 36.71 15.08 0.39
CA VAL C 268 37.93 15.78 0.76
C VAL C 268 38.61 15.09 1.98
N ALA C 269 37.83 14.54 2.97
CA ALA C 269 38.42 13.80 4.10
C ALA C 269 39.19 12.59 3.59
N VAL C 270 38.60 11.81 2.64
CA VAL C 270 39.25 10.66 1.99
C VAL C 270 40.57 11.12 1.31
N ILE C 271 40.53 12.24 0.55
CA ILE C 271 41.72 12.78 -0.11
C ILE C 271 42.79 13.09 0.95
N GLU C 272 42.42 13.79 2.06
CA GLU C 272 43.38 14.14 3.13
C GLU C 272 44.03 12.88 3.73
N VAL C 273 43.18 11.87 4.13
CA VAL C 273 43.56 10.58 4.71
C VAL C 273 44.55 9.85 3.77
N THR C 274 44.30 9.93 2.42
CA THR C 274 45.16 9.34 1.38
C THR C 274 46.51 10.08 1.31
N VAL C 275 46.48 11.43 1.25
CA VAL C 275 47.64 12.32 1.12
C VAL C 275 48.56 12.13 2.33
N GLN C 276 47.98 12.14 3.55
CA GLN C 276 48.70 11.95 4.81
C GLN C 276 49.45 10.60 4.80
N HIS C 277 48.76 9.51 4.40
CA HIS C 277 49.36 8.18 4.34
C HIS C 277 50.44 8.12 3.26
N TYR C 278 50.21 8.71 2.07
CA TYR C 278 51.21 8.71 0.99
C TYR C 278 52.56 9.32 1.48
N LEU C 279 52.46 10.52 2.12
CA LEU C 279 53.58 11.28 2.68
C LEU C 279 54.31 10.50 3.79
N LYS C 280 53.56 9.75 4.64
CA LYS C 280 54.08 8.89 5.71
C LYS C 280 55.04 7.86 5.11
N VAL C 281 54.54 7.11 4.09
CA VAL C 281 55.29 6.07 3.36
C VAL C 281 56.49 6.71 2.58
N GLU C 282 56.30 7.91 1.99
CA GLU C 282 57.31 8.67 1.26
C GLU C 282 58.38 9.24 2.20
N SER C 283 58.29 8.85 3.48
CA SER C 283 59.19 9.19 4.58
C SER C 283 59.26 10.68 4.84
N GLN C 284 58.13 11.41 4.64
CA GLN C 284 58.08 12.84 4.98
C GLN C 284 56.82 13.12 5.84
N PRO C 285 56.83 12.63 7.12
CA PRO C 285 55.70 12.84 8.02
C PRO C 285 55.52 14.28 8.52
N ALA C 286 56.51 15.16 8.36
CA ALA C 286 56.41 16.56 8.74
C ALA C 286 55.37 17.31 7.86
N ARG C 287 55.32 17.00 6.54
CA ARG C 287 54.36 17.59 5.61
C ARG C 287 52.97 17.07 5.93
N ALA C 288 52.89 15.74 6.15
CA ALA C 288 51.69 15.04 6.55
C ALA C 288 51.15 15.62 7.85
N ALA C 289 52.04 15.96 8.80
CA ALA C 289 51.65 16.52 10.09
C ALA C 289 51.04 17.88 9.96
N SER C 290 51.60 18.75 9.09
CA SER C 290 51.13 20.13 8.89
C SER C 290 49.82 20.15 8.14
N ILE C 291 49.63 19.24 7.17
CA ILE C 291 48.38 19.11 6.41
C ILE C 291 47.29 18.65 7.39
N THR C 292 47.58 17.67 8.28
CA THR C 292 46.62 17.11 9.23
C THR C 292 46.24 18.16 10.28
N ARG C 293 47.23 18.88 10.82
CA ARG C 293 46.99 19.96 11.77
C ARG C 293 46.08 21.05 11.15
N ALA C 294 46.30 21.38 9.86
CA ALA C 294 45.52 22.37 9.12
C ALA C 294 44.06 21.93 8.99
N SER C 295 43.84 20.66 8.59
CA SER C 295 42.55 20.03 8.39
C SER C 295 41.67 20.13 9.62
N ARG C 296 42.28 20.02 10.82
CA ARG C 296 41.59 20.12 12.12
C ARG C 296 40.87 21.45 12.31
N ILE C 297 41.42 22.55 11.74
CA ILE C 297 40.77 23.87 11.79
C ILE C 297 39.95 24.09 10.49
N ALA C 298 40.55 23.83 9.31
CA ALA C 298 39.95 24.01 8.00
C ALA C 298 38.57 23.36 7.90
N PHE C 299 38.47 22.03 8.17
CA PHE C 299 37.21 21.28 8.07
C PHE C 299 36.07 21.90 8.90
N PRO C 300 36.16 22.13 10.24
CA PRO C 300 35.04 22.76 10.94
C PRO C 300 34.74 24.19 10.46
N VAL C 301 35.78 25.04 10.25
CA VAL C 301 35.62 26.43 9.79
C VAL C 301 34.89 26.47 8.43
N VAL C 302 35.39 25.72 7.42
CA VAL C 302 34.76 25.66 6.09
C VAL C 302 33.32 25.11 6.23
N PHE C 303 33.11 24.09 7.08
CA PHE C 303 31.78 23.52 7.30
C PHE C 303 30.80 24.54 7.86
N LEU C 304 31.22 25.28 8.91
CA LEU C 304 30.43 26.31 9.57
C LEU C 304 30.17 27.48 8.62
N LEU C 305 31.16 27.88 7.77
CA LEU C 305 30.96 28.98 6.81
C LEU C 305 30.03 28.57 5.68
N ALA C 306 30.27 27.41 5.05
CA ALA C 306 29.43 26.85 3.99
C ALA C 306 27.95 26.81 4.43
N ASN C 307 27.72 26.39 5.70
CA ASN C 307 26.40 26.35 6.31
C ASN C 307 25.79 27.76 6.44
N ILE C 308 26.54 28.74 6.98
CA ILE C 308 26.08 30.14 7.08
C ILE C 308 25.67 30.63 5.67
N ILE C 309 26.54 30.42 4.65
CA ILE C 309 26.28 30.80 3.27
C ILE C 309 24.98 30.13 2.77
N LEU C 310 24.84 28.81 2.98
CA LEU C 310 23.65 28.06 2.57
C LEU C 310 22.36 28.58 3.22
N ALA C 311 22.33 28.71 4.56
CA ALA C 311 21.19 29.23 5.32
C ALA C 311 20.83 30.60 4.82
N PHE C 312 21.85 31.43 4.57
CA PHE C 312 21.63 32.77 4.05
C PHE C 312 20.94 32.72 2.69
N LEU C 313 21.40 31.85 1.76
CA LEU C 313 20.79 31.74 0.43
C LEU C 313 19.35 31.33 0.51
N PHE C 314 19.04 30.29 1.32
CA PHE C 314 17.70 29.72 1.44
C PHE C 314 16.75 30.45 2.38
N PHE C 315 17.22 31.33 3.30
CA PHE C 315 16.31 32.00 4.23
C PHE C 315 16.52 33.53 4.30
N VAL D 5 -40.71 13.60 4.74
CA VAL D 5 -41.16 13.57 6.14
C VAL D 5 -40.44 14.73 6.88
N SER D 6 -41.06 15.21 7.96
CA SER D 6 -40.56 16.31 8.80
C SER D 6 -40.32 15.80 10.25
N PRO D 7 -39.61 16.55 11.14
CA PRO D 7 -39.39 16.06 12.51
C PRO D 7 -40.66 16.09 13.36
N PRO D 8 -40.80 15.16 14.35
CA PRO D 8 -42.00 15.16 15.19
C PRO D 8 -42.23 16.52 15.86
N PRO D 9 -43.48 17.02 15.82
CA PRO D 9 -43.76 18.35 16.40
C PRO D 9 -43.76 18.33 17.93
N PRO D 10 -43.27 19.42 18.58
CA PRO D 10 -43.20 19.42 20.05
C PRO D 10 -44.55 19.56 20.71
N ILE D 11 -44.75 18.92 21.88
CA ILE D 11 -46.04 19.07 22.60
C ILE D 11 -46.09 20.51 23.16
N ALA D 12 -44.99 20.97 23.78
CA ALA D 12 -44.83 22.33 24.30
C ALA D 12 -43.80 23.10 23.45
N ASP D 13 -42.50 22.99 23.81
CA ASP D 13 -41.38 23.62 23.13
C ASP D 13 -40.08 22.86 23.41
N GLU D 14 -40.20 21.78 24.20
CA GLU D 14 -39.10 20.92 24.62
C GLU D 14 -38.29 20.41 23.41
N PRO D 15 -36.94 20.31 23.53
CA PRO D 15 -36.17 19.81 22.39
C PRO D 15 -36.40 18.31 22.26
N LEU D 16 -36.27 17.79 21.03
CA LEU D 16 -36.42 16.35 20.80
C LEU D 16 -35.12 15.62 21.27
N THR D 17 -35.27 14.65 22.20
CA THR D 17 -34.17 13.87 22.73
C THR D 17 -34.05 12.55 21.98
N VAL D 18 -32.92 12.39 21.32
CA VAL D 18 -32.56 11.15 20.65
C VAL D 18 -31.60 10.42 21.61
N ASN D 19 -32.03 9.28 22.16
CA ASN D 19 -31.19 8.48 23.05
C ASN D 19 -30.31 7.63 22.17
N THR D 20 -29.01 7.57 22.51
CA THR D 20 -28.05 6.82 21.71
C THR D 20 -27.37 5.72 22.54
N GLY D 21 -26.72 4.81 21.82
CA GLY D 21 -25.95 3.70 22.33
C GLY D 21 -25.06 3.13 21.23
N ILE D 22 -23.81 2.82 21.58
CA ILE D 22 -22.85 2.19 20.68
C ILE D 22 -22.39 0.92 21.37
N TYR D 23 -22.56 -0.24 20.72
CA TYR D 23 -22.10 -1.53 21.22
C TYR D 23 -21.08 -2.06 20.22
N LEU D 24 -19.76 -2.03 20.60
CA LEU D 24 -18.63 -2.45 19.76
C LEU D 24 -18.66 -3.93 19.50
N ILE D 25 -18.66 -4.30 18.22
CA ILE D 25 -18.66 -5.68 17.77
C ILE D 25 -17.22 -6.10 17.54
N GLU D 26 -16.50 -5.34 16.68
CA GLU D 26 -15.10 -5.60 16.33
C GLU D 26 -14.35 -4.27 16.21
N CYS D 27 -13.17 -4.25 16.80
CA CYS D 27 -12.25 -3.13 16.91
C CYS D 27 -10.96 -3.58 16.32
N TYR D 28 -10.41 -2.87 15.33
CA TYR D 28 -9.20 -3.34 14.67
C TYR D 28 -8.41 -2.18 14.08
N SER D 29 -7.27 -2.50 13.44
CA SER D 29 -6.42 -1.59 12.69
C SER D 29 -6.15 -0.25 13.40
N LEU D 30 -5.40 -0.28 14.53
CA LEU D 30 -5.00 0.97 15.15
C LEU D 30 -3.66 1.36 14.56
N ASP D 31 -3.67 2.30 13.62
CA ASP D 31 -2.47 2.83 12.97
C ASP D 31 -1.93 3.98 13.81
N ASP D 32 -0.77 3.77 14.41
CA ASP D 32 -0.11 4.75 15.27
C ASP D 32 0.36 5.97 14.46
N LYS D 33 0.99 5.73 13.29
CA LYS D 33 1.48 6.78 12.38
C LYS D 33 0.32 7.69 11.90
N ALA D 34 -0.82 7.09 11.49
CA ALA D 34 -2.02 7.79 11.00
C ALA D 34 -2.89 8.34 12.11
N GLU D 35 -2.79 7.76 13.33
CA GLU D 35 -3.61 8.06 14.51
C GLU D 35 -5.08 7.82 14.15
N THR D 36 -5.35 6.69 13.45
CA THR D 36 -6.68 6.22 13.07
C THR D 36 -6.90 4.80 13.57
N PHE D 37 -8.17 4.38 13.69
CA PHE D 37 -8.53 2.99 14.03
C PHE D 37 -9.83 2.64 13.32
N LYS D 38 -10.07 1.35 13.12
CA LYS D 38 -11.28 0.91 12.43
C LYS D 38 -12.23 0.30 13.45
N VAL D 39 -13.52 0.66 13.36
CA VAL D 39 -14.52 0.18 14.32
C VAL D 39 -15.70 -0.42 13.56
N ASN D 40 -16.24 -1.54 14.06
CA ASN D 40 -17.44 -2.21 13.55
C ASN D 40 -18.34 -2.36 14.78
N ALA D 41 -19.59 -1.84 14.72
CA ALA D 41 -20.44 -1.77 15.89
C ALA D 41 -21.91 -1.53 15.58
N PHE D 42 -22.72 -1.66 16.65
CA PHE D 42 -24.13 -1.36 16.56
C PHE D 42 -24.33 0.07 17.01
N LEU D 43 -25.15 0.81 16.29
CA LEU D 43 -25.59 2.15 16.69
C LEU D 43 -27.08 2.01 16.93
N SER D 44 -27.52 2.33 18.15
CA SER D 44 -28.93 2.26 18.49
C SER D 44 -29.44 3.67 18.81
N LEU D 45 -30.60 4.00 18.26
CA LEU D 45 -31.24 5.31 18.42
C LEU D 45 -32.69 5.11 18.82
N SER D 46 -33.18 5.96 19.76
CA SER D 46 -34.56 5.91 20.24
C SER D 46 -35.08 7.31 20.54
N TRP D 47 -36.23 7.64 19.96
CA TRP D 47 -36.93 8.92 20.13
C TRP D 47 -38.41 8.67 20.11
N LYS D 48 -39.19 9.69 20.45
CA LYS D 48 -40.64 9.59 20.41
C LYS D 48 -41.17 10.43 19.27
N ASP D 49 -41.92 9.77 18.37
CA ASP D 49 -42.66 10.38 17.27
C ASP D 49 -44.14 10.04 17.49
N ARG D 50 -44.88 10.98 18.09
CA ARG D 50 -46.29 10.76 18.43
C ARG D 50 -47.17 10.40 17.22
N ARG D 51 -46.88 10.94 16.03
CA ARG D 51 -47.59 10.61 14.78
C ARG D 51 -47.61 9.09 14.47
N LEU D 52 -46.57 8.33 14.86
CA LEU D 52 -46.44 6.89 14.57
C LEU D 52 -47.18 5.99 15.61
N ALA D 53 -47.70 6.63 16.71
CA ALA D 53 -48.45 5.97 17.79
C ALA D 53 -49.75 5.35 17.25
N PHE D 54 -50.14 4.20 17.86
CA PHE D 54 -51.30 3.41 17.48
C PHE D 54 -51.97 2.77 18.69
N ASP D 55 -53.25 2.34 18.55
CA ASP D 55 -53.93 1.63 19.62
C ASP D 55 -53.62 0.12 19.44
N PRO D 56 -52.93 -0.52 20.41
CA PRO D 56 -52.55 -1.95 20.22
C PRO D 56 -53.73 -2.92 20.13
N VAL D 57 -54.88 -2.54 20.75
CA VAL D 57 -56.15 -3.29 20.81
C VAL D 57 -56.71 -3.54 19.41
N ARG D 58 -56.99 -2.44 18.66
CA ARG D 58 -57.53 -2.49 17.30
C ARG D 58 -56.50 -3.01 16.28
N SER D 59 -55.21 -2.67 16.48
CA SER D 59 -54.11 -3.08 15.61
C SER D 59 -53.82 -4.58 15.72
N GLY D 60 -53.95 -5.12 16.93
CA GLY D 60 -53.68 -6.51 17.25
C GLY D 60 -52.21 -6.79 17.54
N VAL D 61 -51.32 -5.87 17.13
CA VAL D 61 -49.87 -5.93 17.33
C VAL D 61 -49.47 -5.04 18.51
N ARG D 62 -48.49 -5.49 19.31
CA ARG D 62 -47.99 -4.71 20.44
C ARG D 62 -46.79 -3.82 20.00
N VAL D 63 -46.37 -3.97 18.73
CA VAL D 63 -45.24 -3.27 18.10
C VAL D 63 -45.45 -3.17 16.58
N LYS D 64 -44.86 -2.15 15.93
CA LYS D 64 -44.92 -1.95 14.48
C LYS D 64 -43.52 -1.79 13.92
N THR D 65 -43.26 -2.40 12.76
CA THR D 65 -41.98 -2.37 12.05
C THR D 65 -42.08 -1.45 10.81
N TYR D 66 -41.05 -0.64 10.54
CA TYR D 66 -41.05 0.26 9.38
C TYR D 66 -39.77 0.19 8.60
N GLU D 67 -39.80 0.62 7.34
CA GLU D 67 -38.60 0.78 6.51
C GLU D 67 -38.09 2.21 6.71
N PRO D 68 -36.76 2.46 6.70
CA PRO D 68 -36.26 3.83 6.95
C PRO D 68 -36.96 4.96 6.16
N GLU D 69 -37.27 4.70 4.88
CA GLU D 69 -37.92 5.60 3.93
C GLU D 69 -39.31 6.01 4.40
N ALA D 70 -40.02 5.12 5.09
CA ALA D 70 -41.39 5.31 5.58
C ALA D 70 -41.52 6.39 6.65
N ILE D 71 -40.56 6.47 7.60
CA ILE D 71 -40.68 7.43 8.71
C ILE D 71 -39.48 8.35 8.86
N TRP D 72 -39.66 9.41 9.68
CA TRP D 72 -38.62 10.37 10.00
C TRP D 72 -37.56 9.72 10.90
N ILE D 73 -36.28 9.81 10.49
CA ILE D 73 -35.15 9.27 11.25
C ILE D 73 -34.13 10.41 11.44
N PRO D 74 -33.68 10.70 12.68
CA PRO D 74 -32.74 11.81 12.87
C PRO D 74 -31.43 11.57 12.17
N GLU D 75 -30.89 12.61 11.51
CA GLU D 75 -29.60 12.52 10.80
C GLU D 75 -28.45 12.54 11.80
N ILE D 76 -28.00 11.35 12.27
CA ILE D 76 -26.88 11.24 13.20
C ILE D 76 -25.60 11.03 12.39
N ARG D 77 -24.55 11.78 12.73
CA ARG D 77 -23.26 11.70 12.05
C ARG D 77 -22.14 11.58 13.04
N PHE D 78 -20.99 11.04 12.58
CA PHE D 78 -19.80 10.96 13.42
C PHE D 78 -18.97 12.16 13.02
N VAL D 79 -18.38 12.84 14.00
CA VAL D 79 -17.53 13.98 13.71
C VAL D 79 -16.18 13.50 13.14
N ASN D 80 -15.41 12.78 13.97
CA ASN D 80 -14.05 12.37 13.67
C ASN D 80 -13.87 11.12 12.76
N VAL D 81 -14.73 10.92 11.76
CA VAL D 81 -14.53 9.83 10.79
C VAL D 81 -13.75 10.33 9.55
N GLU D 82 -12.99 9.42 8.85
CA GLU D 82 -12.31 9.73 7.58
C GLU D 82 -13.40 10.10 6.56
N ASN D 83 -14.23 9.09 6.26
CA ASN D 83 -15.38 9.22 5.38
C ASN D 83 -16.63 8.80 6.16
N ALA D 84 -17.81 9.27 5.71
CA ALA D 84 -19.08 8.91 6.31
C ALA D 84 -19.18 7.40 6.50
N ARG D 85 -19.65 6.96 7.69
CA ARG D 85 -19.76 5.55 8.07
C ARG D 85 -20.58 4.73 7.06
N ASP D 86 -20.21 3.44 6.90
CA ASP D 86 -20.92 2.48 6.07
C ASP D 86 -21.88 1.81 7.01
N ALA D 87 -23.19 2.05 6.84
CA ALA D 87 -24.22 1.53 7.75
C ALA D 87 -25.23 0.68 7.04
N ASP D 88 -25.81 -0.29 7.78
CA ASP D 88 -26.89 -1.18 7.36
C ASP D 88 -27.89 -1.24 8.47
N VAL D 89 -29.13 -0.76 8.21
CA VAL D 89 -30.21 -0.75 9.20
C VAL D 89 -30.60 -2.20 9.52
N VAL D 90 -30.47 -2.57 10.79
CA VAL D 90 -30.78 -3.89 11.31
C VAL D 90 -32.30 -3.97 11.56
N ASP D 91 -32.87 -2.98 12.28
CA ASP D 91 -34.29 -3.00 12.62
C ASP D 91 -34.81 -1.63 13.12
N ILE D 92 -36.07 -1.29 12.74
CA ILE D 92 -36.83 -0.11 13.18
C ILE D 92 -38.16 -0.64 13.75
N SER D 93 -38.35 -0.49 15.07
CA SER D 93 -39.52 -0.97 15.80
C SER D 93 -40.27 0.18 16.50
N VAL D 94 -41.60 0.24 16.36
CA VAL D 94 -42.38 1.31 16.98
C VAL D 94 -43.30 0.73 18.04
N SER D 95 -43.21 1.28 19.28
CA SER D 95 -44.05 0.87 20.39
C SER D 95 -45.42 1.58 20.27
N PRO D 96 -46.51 1.15 21.00
CA PRO D 96 -47.82 1.80 20.82
C PRO D 96 -47.86 3.29 21.08
N ASP D 97 -46.95 3.83 21.92
CA ASP D 97 -46.94 5.28 22.23
C ASP D 97 -46.07 6.09 21.23
N GLY D 98 -45.67 5.46 20.14
CA GLY D 98 -44.85 6.11 19.12
C GLY D 98 -43.41 6.32 19.55
N THR D 99 -42.83 5.33 20.25
CA THR D 99 -41.41 5.38 20.61
C THR D 99 -40.69 4.55 19.55
N VAL D 100 -39.85 5.21 18.77
CA VAL D 100 -39.10 4.53 17.73
C VAL D 100 -37.86 3.89 18.35
N GLN D 101 -37.52 2.66 17.93
CA GLN D 101 -36.34 1.93 18.36
C GLN D 101 -35.63 1.42 17.13
N TYR D 102 -34.65 2.23 16.72
CA TYR D 102 -33.79 2.10 15.57
C TYR D 102 -32.46 1.46 15.97
N LEU D 103 -32.02 0.48 15.16
CA LEU D 103 -30.75 -0.23 15.29
C LEU D 103 -30.13 -0.41 13.92
N GLU D 104 -28.83 -0.11 13.82
CA GLU D 104 -28.05 -0.23 12.62
C GLU D 104 -26.68 -0.75 12.98
N ARG D 105 -26.06 -1.47 12.04
CA ARG D 105 -24.70 -1.94 12.22
C ARG D 105 -23.81 -1.12 11.25
N PHE D 106 -22.70 -0.55 11.74
CA PHE D 106 -21.84 0.29 10.89
C PHE D 106 -20.40 -0.09 11.03
N SER D 107 -19.59 0.45 10.12
CA SER D 107 -18.13 0.36 10.10
C SER D 107 -17.59 1.72 9.66
N ALA D 108 -16.65 2.31 10.44
CA ALA D 108 -16.04 3.58 10.09
C ALA D 108 -14.57 3.64 10.50
N ARG D 109 -13.76 4.47 9.79
CA ARG D 109 -12.35 4.70 10.15
C ARG D 109 -12.33 6.02 10.94
N VAL D 110 -12.02 5.91 12.24
CA VAL D 110 -12.08 6.98 13.22
C VAL D 110 -10.70 7.58 13.50
N LEU D 111 -10.61 8.91 13.47
CA LEU D 111 -9.45 9.75 13.72
C LEU D 111 -9.42 10.14 15.15
N SER D 112 -8.40 9.72 15.85
CA SER D 112 -8.29 10.07 17.26
C SER D 112 -6.81 10.19 17.54
N PRO D 113 -6.34 11.44 17.84
CA PRO D 113 -4.90 11.62 18.10
C PRO D 113 -4.40 10.84 19.31
N LEU D 114 -3.12 10.46 19.26
CA LEU D 114 -2.51 9.70 20.34
C LEU D 114 -1.40 10.50 21.05
N ASP D 115 -1.15 10.20 22.36
CA ASP D 115 -0.09 10.85 23.12
C ASP D 115 1.09 9.86 23.24
N PHE D 116 2.10 10.06 22.39
CA PHE D 116 3.25 9.14 22.32
C PHE D 116 4.34 9.39 23.37
N ARG D 117 4.10 10.30 24.32
CA ARG D 117 5.06 10.71 25.35
C ARG D 117 5.62 9.53 26.16
N ARG D 118 4.76 8.58 26.56
CA ARG D 118 5.25 7.46 27.37
C ARG D 118 5.38 6.15 26.57
N TYR D 119 5.36 6.22 25.22
CA TYR D 119 5.51 5.07 24.33
C TYR D 119 6.83 4.32 24.62
N PRO D 120 6.85 2.96 24.63
CA PRO D 120 5.75 2.02 24.37
C PRO D 120 4.98 1.62 25.64
N PHE D 121 5.13 2.38 26.73
CA PHE D 121 4.44 2.13 28.00
C PHE D 121 3.23 3.10 28.15
N ASP D 122 2.59 3.46 27.01
CA ASP D 122 1.50 4.42 26.99
C ASP D 122 0.12 3.74 27.02
N SER D 123 -0.86 4.48 27.56
CA SER D 123 -2.27 4.13 27.57
C SER D 123 -2.93 5.21 26.76
N GLN D 124 -4.07 4.94 26.11
CA GLN D 124 -4.74 5.93 25.24
C GLN D 124 -6.22 6.00 25.51
N THR D 125 -6.87 7.14 25.11
CA THR D 125 -8.35 7.30 25.14
C THR D 125 -8.82 7.58 23.72
N LEU D 126 -9.40 6.58 23.08
CA LEU D 126 -9.93 6.76 21.74
C LEU D 126 -11.32 7.39 21.84
N HIS D 127 -11.67 8.26 20.87
CA HIS D 127 -12.95 8.97 20.89
C HIS D 127 -13.82 8.71 19.68
N ILE D 128 -15.11 8.59 19.95
CA ILE D 128 -16.13 8.48 18.92
C ILE D 128 -17.11 9.59 19.24
N TYR D 129 -17.15 10.63 18.37
CA TYR D 129 -18.03 11.78 18.54
C TYR D 129 -19.31 11.70 17.70
N LEU D 130 -20.45 11.51 18.38
CA LEU D 130 -21.79 11.51 17.76
C LEU D 130 -22.33 12.91 17.68
N ILE D 131 -22.88 13.30 16.55
CA ILE D 131 -23.42 14.65 16.43
C ILE D 131 -24.74 14.63 15.66
N VAL D 132 -25.65 15.55 16.00
CA VAL D 132 -26.96 15.77 15.36
C VAL D 132 -27.14 17.26 15.20
N ARG D 133 -27.64 17.69 14.05
CA ARG D 133 -27.87 19.11 13.81
C ARG D 133 -29.36 19.44 14.01
N SER D 134 -29.65 20.53 14.74
CA SER D 134 -31.04 20.97 14.93
C SER D 134 -31.59 21.53 13.64
N VAL D 135 -32.91 21.47 13.49
CA VAL D 135 -33.66 21.93 12.32
C VAL D 135 -34.42 23.21 12.72
N ASP D 136 -35.00 23.93 11.75
CA ASP D 136 -35.75 25.15 12.05
C ASP D 136 -37.00 24.86 12.87
N THR D 137 -37.66 23.73 12.58
CA THR D 137 -38.88 23.29 13.27
C THR D 137 -38.57 23.05 14.76
N ARG D 138 -37.56 22.20 15.08
CA ARG D 138 -37.22 21.98 16.49
C ARG D 138 -35.78 21.53 16.71
N ASN D 139 -35.30 21.72 17.94
CA ASN D 139 -33.95 21.40 18.36
C ASN D 139 -33.82 19.95 18.78
N ILE D 140 -32.87 19.25 18.14
CA ILE D 140 -32.61 17.86 18.45
C ILE D 140 -31.39 17.82 19.38
N VAL D 141 -31.50 17.00 20.43
CA VAL D 141 -30.51 16.90 21.49
C VAL D 141 -30.21 15.42 21.74
N LEU D 142 -28.92 15.09 21.92
CA LEU D 142 -28.50 13.71 22.14
C LEU D 142 -28.44 13.35 23.61
N ALA D 143 -28.65 12.08 23.89
CA ALA D 143 -28.61 11.48 25.21
C ALA D 143 -27.94 10.13 25.11
N VAL D 144 -27.51 9.59 26.24
CA VAL D 144 -26.86 8.29 26.29
C VAL D 144 -27.78 7.31 27.02
N ASP D 145 -28.18 6.20 26.37
CA ASP D 145 -28.87 5.09 27.03
C ASP D 145 -27.76 4.16 27.50
N LEU D 146 -27.32 4.30 28.76
CA LEU D 146 -26.18 3.54 29.29
C LEU D 146 -26.39 2.03 29.17
N GLU D 147 -27.64 1.56 29.22
CA GLU D 147 -28.00 0.15 29.04
C GLU D 147 -27.62 -0.37 27.62
N LYS D 148 -27.49 0.54 26.63
CA LYS D 148 -27.22 0.15 25.24
C LYS D 148 -25.81 0.58 24.73
N VAL D 149 -24.90 0.83 25.69
CA VAL D 149 -23.49 1.21 25.46
C VAL D 149 -22.67 0.06 26.00
N GLY D 150 -21.97 -0.64 25.12
CA GLY D 150 -21.17 -1.77 25.53
C GLY D 150 -20.17 -2.19 24.50
N LYS D 151 -19.66 -3.41 24.69
CA LYS D 151 -18.70 -4.04 23.80
C LYS D 151 -18.79 -5.56 23.98
N ASN D 152 -18.60 -6.28 22.89
CA ASN D 152 -18.54 -7.74 22.88
C ASN D 152 -17.22 -8.10 23.61
N ASP D 153 -17.21 -9.23 24.33
CA ASP D 153 -16.04 -9.68 25.12
C ASP D 153 -14.91 -10.12 24.19
N ASP D 154 -15.26 -10.74 23.05
CA ASP D 154 -14.37 -11.16 21.97
C ASP D 154 -13.60 -10.00 21.30
N VAL D 155 -14.10 -8.72 21.43
CA VAL D 155 -13.44 -7.52 20.88
C VAL D 155 -11.99 -7.53 21.35
N PHE D 156 -11.06 -7.51 20.37
CA PHE D 156 -9.64 -7.56 20.56
C PHE D 156 -8.96 -6.55 19.63
N LEU D 157 -8.14 -5.69 20.19
CA LEU D 157 -7.35 -4.73 19.43
C LEU D 157 -5.88 -5.19 19.52
N THR D 158 -5.35 -5.76 18.42
CA THR D 158 -4.01 -6.35 18.31
C THR D 158 -2.96 -5.41 18.92
N GLY D 159 -2.18 -5.95 19.86
CA GLY D 159 -1.12 -5.21 20.55
C GLY D 159 -1.57 -4.17 21.55
N TRP D 160 -2.85 -4.22 21.95
CA TRP D 160 -3.48 -3.31 22.90
C TRP D 160 -4.40 -4.06 23.86
N ASP D 161 -4.64 -3.45 25.03
CA ASP D 161 -5.55 -3.96 26.05
C ASP D 161 -6.74 -3.03 26.13
N ILE D 162 -7.97 -3.54 25.94
CA ILE D 162 -9.15 -2.68 26.02
C ILE D 162 -9.59 -2.61 27.48
N GLU D 163 -9.49 -1.42 28.10
CA GLU D 163 -9.85 -1.21 29.49
C GLU D 163 -11.34 -0.93 29.71
N SER D 164 -11.91 0.05 28.97
CA SER D 164 -13.32 0.44 29.11
C SER D 164 -13.84 1.19 27.89
N PHE D 165 -15.17 1.11 27.69
CA PHE D 165 -15.89 1.81 26.66
C PHE D 165 -17.09 2.46 27.35
N THR D 166 -16.97 3.76 27.60
CA THR D 166 -17.99 4.54 28.28
C THR D 166 -18.40 5.76 27.43
N ALA D 167 -19.42 6.47 27.88
CA ALA D 167 -19.87 7.67 27.19
C ALA D 167 -20.06 8.80 28.21
N VAL D 168 -19.64 10.02 27.81
CA VAL D 168 -19.83 11.23 28.61
C VAL D 168 -21.29 11.66 28.34
N VAL D 169 -22.19 11.35 29.31
CA VAL D 169 -23.65 11.45 29.28
C VAL D 169 -24.22 12.86 28.95
N LYS D 170 -23.51 13.94 29.31
CA LYS D 170 -23.93 15.32 29.04
C LYS D 170 -23.37 15.75 27.67
N PRO D 171 -24.24 16.00 26.68
CA PRO D 171 -23.75 16.38 25.36
C PRO D 171 -23.27 17.84 25.27
N ALA D 172 -22.30 18.09 24.38
CA ALA D 172 -21.80 19.43 24.11
C ALA D 172 -22.74 20.14 23.13
N ASN D 173 -23.62 21.02 23.62
CA ASN D 173 -24.52 21.76 22.74
C ASN D 173 -23.88 23.09 22.38
N PHE D 174 -23.76 23.39 21.07
CA PHE D 174 -23.13 24.60 20.53
C PHE D 174 -23.69 24.95 19.17
N ALA D 175 -23.48 26.20 18.71
CA ALA D 175 -23.96 26.66 17.41
C ALA D 175 -22.89 26.42 16.37
N LEU D 176 -23.30 25.97 15.18
CA LEU D 176 -22.42 25.73 14.04
C LEU D 176 -23.18 25.99 12.75
N GLU D 177 -22.78 27.03 12.00
CA GLU D 177 -23.38 27.51 10.74
C GLU D 177 -24.85 27.84 10.99
N ASP D 178 -25.06 28.68 12.01
CA ASP D 178 -26.32 29.22 12.53
C ASP D 178 -27.40 28.16 12.85
N ARG D 179 -26.99 27.02 13.40
CA ARG D 179 -27.88 25.97 13.89
C ARG D 179 -27.19 25.23 15.05
N LEU D 180 -27.95 24.86 16.05
CA LEU D 180 -27.51 24.21 17.28
C LEU D 180 -27.11 22.77 16.96
N GLU D 181 -25.99 22.30 17.54
CA GLU D 181 -25.44 20.94 17.31
C GLU D 181 -25.19 20.24 18.65
N SER D 182 -25.73 19.03 18.84
CA SER D 182 -25.60 18.24 20.07
C SER D 182 -24.55 17.18 19.83
N LYS D 183 -23.42 17.26 20.54
CA LYS D 183 -22.27 16.36 20.37
C LYS D 183 -22.10 15.45 21.60
N LEU D 184 -21.89 14.14 21.37
CA LEU D 184 -21.65 13.15 22.42
C LEU D 184 -20.28 12.54 22.27
N ASP D 185 -19.59 12.28 23.40
CA ASP D 185 -18.25 11.70 23.42
C ASP D 185 -18.24 10.26 23.97
N TYR D 186 -17.98 9.29 23.06
CA TYR D 186 -17.81 7.89 23.39
C TYR D 186 -16.30 7.64 23.55
N GLN D 187 -15.89 7.18 24.73
CA GLN D 187 -14.48 6.96 25.03
C GLN D 187 -14.11 5.51 25.20
N LEU D 188 -13.12 5.09 24.42
CA LEU D 188 -12.57 3.75 24.47
C LEU D 188 -11.15 3.83 25.04
N ARG D 189 -11.00 3.43 26.33
CA ARG D 189 -9.72 3.44 27.04
C ARG D 189 -8.97 2.14 26.79
N ILE D 190 -7.79 2.29 26.23
CA ILE D 190 -6.91 1.18 25.87
C ILE D 190 -5.52 1.44 26.45
N SER D 191 -4.66 0.38 26.52
CA SER D 191 -3.28 0.50 26.98
C SER D 191 -2.42 -0.49 26.22
N ARG D 192 -1.25 -0.03 25.81
CA ARG D 192 -0.33 -0.76 24.96
C ARG D 192 0.30 -1.97 25.67
N GLN D 193 0.38 -3.09 24.95
CA GLN D 193 1.04 -4.31 25.35
C GLN D 193 2.50 -4.13 24.98
N TYR D 194 3.33 -3.76 25.98
CA TYR D 194 4.74 -3.44 25.78
C TYR D 194 5.70 -4.65 25.87
N PHE D 195 5.21 -5.84 26.28
CA PHE D 195 6.03 -7.04 26.41
C PHE D 195 6.99 -7.22 25.24
N SER D 196 6.47 -7.32 24.01
CA SER D 196 7.27 -7.56 22.78
C SER D 196 8.45 -6.61 22.62
N TYR D 197 8.28 -5.34 22.99
CA TYR D 197 9.31 -4.32 22.90
C TYR D 197 10.60 -4.65 23.69
N ILE D 198 10.45 -5.38 24.82
CA ILE D 198 11.56 -5.75 25.68
C ILE D 198 12.51 -6.74 24.95
N PRO D 199 12.13 -7.98 24.51
CA PRO D 199 13.12 -8.85 23.85
C PRO D 199 13.44 -8.48 22.39
N ASN D 200 12.66 -7.58 21.78
CA ASN D 200 12.85 -7.25 20.36
C ASN D 200 13.61 -5.97 20.12
N ILE D 201 13.38 -4.92 20.93
CA ILE D 201 14.01 -3.62 20.71
C ILE D 201 14.88 -3.19 21.91
N ILE D 202 14.34 -3.21 23.15
CA ILE D 202 15.02 -2.72 24.35
C ILE D 202 16.31 -3.52 24.65
N LEU D 203 16.22 -4.81 24.98
CA LEU D 203 17.40 -5.62 25.31
C LEU D 203 18.40 -5.67 24.12
N PRO D 204 18.01 -5.97 22.85
CA PRO D 204 19.00 -5.93 21.76
C PRO D 204 19.74 -4.58 21.66
N MET D 205 19.02 -3.46 21.87
CA MET D 205 19.63 -2.14 21.83
C MET D 205 20.62 -1.90 22.98
N LEU D 206 20.38 -2.49 24.17
CA LEU D 206 21.28 -2.35 25.32
C LEU D 206 22.54 -3.20 25.14
N PHE D 207 22.40 -4.41 24.56
CA PHE D 207 23.51 -5.31 24.28
C PHE D 207 24.47 -4.70 23.27
N ILE D 208 23.94 -4.10 22.16
CA ILE D 208 24.83 -3.47 21.15
C ILE D 208 25.55 -2.28 21.78
N LEU D 209 24.94 -1.64 22.82
CA LEU D 209 25.57 -0.53 23.54
C LEU D 209 26.71 -1.03 24.45
N PHE D 210 26.45 -2.11 25.21
CA PHE D 210 27.43 -2.68 26.14
C PHE D 210 28.64 -3.23 25.37
N ILE D 211 28.40 -3.82 24.17
CA ILE D 211 29.46 -4.32 23.28
C ILE D 211 30.42 -3.15 22.93
N SER D 212 29.89 -1.93 22.64
CA SER D 212 30.74 -0.75 22.36
C SER D 212 31.62 -0.38 23.57
N TRP D 213 31.17 -0.67 24.81
CA TRP D 213 31.92 -0.34 26.03
C TRP D 213 33.07 -1.34 26.33
N THR D 214 33.17 -2.46 25.57
CA THR D 214 34.27 -3.40 25.75
C THR D 214 35.57 -2.72 25.21
N ALA D 215 35.43 -1.59 24.48
CA ALA D 215 36.54 -0.78 23.96
C ALA D 215 37.33 -0.17 25.12
N PHE D 216 36.69 -0.06 26.32
CA PHE D 216 37.35 0.43 27.53
C PHE D 216 38.27 -0.64 28.15
N TRP D 217 38.31 -1.87 27.59
CA TRP D 217 39.22 -2.93 28.04
C TRP D 217 40.15 -3.35 26.91
N SER D 218 40.33 -2.45 25.92
CA SER D 218 41.20 -2.67 24.78
C SER D 218 42.03 -1.43 24.49
N THR D 219 43.27 -1.62 24.04
CA THR D 219 44.21 -0.55 23.67
C THR D 219 44.36 -0.45 22.13
N SER D 220 43.76 -1.43 21.42
CA SER D 220 43.77 -1.54 19.96
C SER D 220 42.84 -0.49 19.33
N TYR D 221 43.40 0.65 18.89
CA TYR D 221 42.63 1.72 18.25
C TYR D 221 41.80 1.18 17.09
N GLU D 222 42.38 0.32 16.26
CA GLU D 222 41.71 -0.30 15.11
C GLU D 222 40.47 -1.10 15.58
N ALA D 223 40.64 -1.97 16.61
CA ALA D 223 39.53 -2.77 17.16
C ALA D 223 38.47 -1.88 17.85
N ASN D 224 38.92 -0.81 18.56
CA ASN D 224 38.02 0.13 19.23
C ASN D 224 37.16 0.88 18.19
N VAL D 225 37.81 1.44 17.14
CA VAL D 225 37.14 2.15 16.04
C VAL D 225 36.01 1.25 15.52
N THR D 226 36.38 0.00 15.17
CA THR D 226 35.45 -1.01 14.66
C THR D 226 34.32 -1.24 15.66
N LEU D 227 34.66 -1.52 16.95
CA LEU D 227 33.68 -1.76 18.01
C LEU D 227 32.67 -0.65 18.14
N VAL D 228 33.14 0.62 18.23
CA VAL D 228 32.25 1.77 18.46
C VAL D 228 31.48 2.17 17.18
N VAL D 229 32.13 2.15 16.03
CA VAL D 229 31.48 2.56 14.79
C VAL D 229 30.45 1.50 14.35
N SER D 230 30.78 0.21 14.36
CA SER D 230 29.88 -0.88 13.93
C SER D 230 28.60 -0.91 14.78
N THR D 231 28.75 -0.87 16.12
CA THR D 231 27.62 -0.84 17.07
C THR D 231 26.81 0.44 16.90
N LEU D 232 27.47 1.60 16.56
CA LEU D 232 26.75 2.84 16.29
C LEU D 232 25.83 2.67 15.08
N ILE D 233 26.32 2.00 14.01
CA ILE D 233 25.52 1.76 12.80
C ILE D 233 24.26 0.91 13.15
N ALA D 234 24.42 -0.11 14.02
CA ALA D 234 23.32 -0.95 14.51
C ALA D 234 22.29 -0.10 15.23
N HIS D 235 22.75 0.90 16.01
CA HIS D 235 21.86 1.83 16.72
C HIS D 235 21.11 2.72 15.72
N ILE D 236 21.75 3.13 14.60
CA ILE D 236 21.08 3.92 13.55
C ILE D 236 19.96 3.05 12.98
N ALA D 237 20.26 1.75 12.65
CA ALA D 237 19.25 0.79 12.13
C ALA D 237 18.04 0.72 13.09
N ALA D 238 18.33 0.55 14.40
CA ALA D 238 17.37 0.56 15.49
C ALA D 238 16.52 1.82 15.45
N ASN D 239 17.17 3.01 15.49
CA ASN D 239 16.52 4.32 15.45
C ASN D 239 15.54 4.42 14.24
N ILE D 240 15.98 4.04 13.02
CA ILE D 240 15.13 4.07 11.82
C ILE D 240 13.92 3.15 12.02
N LEU D 241 14.15 1.88 12.39
CA LEU D 241 13.10 0.89 12.64
C LEU D 241 12.04 1.43 13.60
N VAL D 242 12.47 2.00 14.72
CA VAL D 242 11.58 2.57 15.71
C VAL D 242 10.80 3.79 15.12
N GLU D 243 11.52 4.85 14.68
CA GLU D 243 10.95 6.11 14.19
C GLU D 243 10.05 5.94 12.95
N THR D 244 10.25 4.90 12.11
CA THR D 244 9.40 4.71 10.92
C THR D 244 7.99 4.16 11.27
N ASN D 245 7.78 3.60 12.49
CA ASN D 245 6.46 3.12 12.94
C ASN D 245 5.85 4.07 13.99
N LEU D 246 6.14 5.37 13.86
CA LEU D 246 5.67 6.45 14.74
C LEU D 246 5.49 7.75 13.98
N PRO D 247 4.55 8.63 14.41
CA PRO D 247 4.42 9.93 13.73
C PRO D 247 5.42 10.95 14.33
N LYS D 248 5.68 12.01 13.55
CA LYS D 248 6.57 13.08 13.95
C LYS D 248 5.81 13.99 14.92
N THR D 249 6.04 13.74 16.21
CA THR D 249 5.45 14.47 17.35
C THR D 249 6.19 15.79 17.59
N PRO D 250 5.46 16.90 17.88
CA PRO D 250 6.13 18.17 18.16
C PRO D 250 6.74 18.26 19.57
N TYR D 251 6.59 17.18 20.35
CA TYR D 251 7.05 16.97 21.72
C TYR D 251 8.03 15.81 21.78
N MET D 252 8.82 15.75 22.84
CA MET D 252 9.78 14.69 23.05
C MET D 252 9.09 13.49 23.74
N THR D 253 9.33 12.28 23.20
CA THR D 253 8.81 11.02 23.72
C THR D 253 9.90 10.33 24.57
N TYR D 254 9.51 9.32 25.35
CA TYR D 254 10.43 8.60 26.22
C TYR D 254 11.47 7.81 25.43
N THR D 255 11.00 7.05 24.43
CA THR D 255 11.82 6.27 23.50
C THR D 255 12.67 7.23 22.64
N GLY D 256 12.11 8.40 22.35
CA GLY D 256 12.78 9.42 21.58
C GLY D 256 14.01 9.91 22.31
N ALA D 257 13.81 10.25 23.62
CA ALA D 257 14.81 10.71 24.55
C ALA D 257 15.93 9.67 24.73
N ILE D 258 15.55 8.40 24.97
CA ILE D 258 16.48 7.29 25.18
C ILE D 258 17.35 7.08 23.94
N ILE D 259 16.75 6.95 22.75
CA ILE D 259 17.48 6.79 21.48
C ILE D 259 18.48 7.93 21.34
N PHE D 260 18.03 9.19 21.59
CA PHE D 260 18.88 10.38 21.49
C PHE D 260 20.05 10.33 22.44
N MET D 261 19.77 10.02 23.72
CA MET D 261 20.77 9.92 24.78
C MET D 261 21.86 8.93 24.38
N ILE D 262 21.47 7.74 23.89
CA ILE D 262 22.40 6.70 23.45
C ILE D 262 23.34 7.23 22.34
N TYR D 263 22.88 8.12 21.43
CA TYR D 263 23.77 8.75 20.44
C TYR D 263 24.90 9.53 21.13
N LEU D 264 24.61 10.25 22.25
CA LEU D 264 25.63 11.01 22.99
C LEU D 264 26.66 10.08 23.62
N PHE D 265 26.22 8.94 24.15
CA PHE D 265 27.11 7.93 24.70
C PHE D 265 28.07 7.41 23.65
N TYR D 266 27.60 7.27 22.38
CA TYR D 266 28.45 6.82 21.29
C TYR D 266 29.45 7.89 20.92
N PHE D 267 29.01 9.15 20.90
CA PHE D 267 29.85 10.29 20.57
C PHE D 267 30.99 10.42 21.59
N VAL D 268 30.66 10.33 22.89
CA VAL D 268 31.66 10.42 23.95
C VAL D 268 32.59 9.17 23.92
N ALA D 269 32.08 7.94 23.59
CA ALA D 269 32.92 6.75 23.46
C ALA D 269 33.98 6.96 22.36
N VAL D 270 33.55 7.50 21.19
CA VAL D 270 34.46 7.84 20.07
C VAL D 270 35.54 8.85 20.55
N ILE D 271 35.13 9.91 21.29
CA ILE D 271 36.07 10.89 21.82
C ILE D 271 37.08 10.17 22.74
N GLU D 272 36.61 9.30 23.66
CA GLU D 272 37.51 8.58 24.58
C GLU D 272 38.53 7.72 23.81
N VAL D 273 38.04 6.90 22.84
CA VAL D 273 38.81 6.01 21.96
C VAL D 273 39.89 6.83 21.21
N THR D 274 39.54 8.07 20.77
CA THR D 274 40.45 8.99 20.07
C THR D 274 41.55 9.51 21.03
N VAL D 275 41.12 10.00 22.22
CA VAL D 275 41.97 10.56 23.27
C VAL D 275 42.99 9.53 23.73
N GLN D 276 42.52 8.30 24.03
CA GLN D 276 43.34 7.18 24.48
C GLN D 276 44.45 6.89 23.44
N HIS D 277 44.07 6.79 22.15
CA HIS D 277 45.02 6.52 21.07
C HIS D 277 46.01 7.67 20.89
N TYR D 278 45.53 8.94 20.95
CA TYR D 278 46.42 10.09 20.80
C TYR D 278 47.57 10.05 21.85
N LEU D 279 47.19 9.84 23.13
CA LEU D 279 48.08 9.75 24.29
C LEU D 279 49.07 8.59 24.19
N LYS D 280 48.63 7.43 23.63
CA LYS D 280 49.44 6.23 23.37
C LYS D 280 50.62 6.61 22.46
N VAL D 281 50.29 7.24 21.29
CA VAL D 281 51.24 7.70 20.28
C VAL D 281 52.17 8.81 20.87
N GLU D 282 51.59 9.73 21.68
CA GLU D 282 52.29 10.83 22.35
C GLU D 282 53.22 10.33 23.46
N SER D 283 53.33 8.98 23.55
CA SER D 283 54.17 8.21 24.47
C SER D 283 53.83 8.49 25.94
N GLN D 284 52.54 8.73 26.26
CA GLN D 284 52.11 8.87 27.65
C GLN D 284 50.86 7.95 27.89
N PRO D 285 51.10 6.61 27.91
CA PRO D 285 50.02 5.64 28.13
C PRO D 285 49.46 5.62 29.55
N ALA D 286 50.14 6.22 30.54
CA ALA D 286 49.68 6.30 31.93
C ALA D 286 48.42 7.16 32.03
N ARG D 287 48.35 8.29 31.26
CA ARG D 287 47.20 9.19 31.23
C ARG D 287 46.03 8.49 30.54
N ALA D 288 46.36 7.84 29.40
CA ALA D 288 45.44 7.06 28.61
C ALA D 288 44.86 5.94 29.46
N ALA D 289 45.69 5.29 30.31
CA ALA D 289 45.25 4.20 31.18
C ALA D 289 44.26 4.65 32.23
N SER D 290 44.51 5.82 32.84
CA SER D 290 43.66 6.35 33.91
C SER D 290 42.33 6.85 33.36
N ILE D 291 42.33 7.45 32.15
CA ILE D 291 41.10 7.90 31.48
C ILE D 291 40.26 6.67 31.13
N THR D 292 40.89 5.58 30.62
CA THR D 292 40.21 4.35 30.21
C THR D 292 39.64 3.63 31.43
N ARG D 293 40.41 3.50 32.51
CA ARG D 293 39.96 2.90 33.76
C ARG D 293 38.74 3.66 34.32
N ALA D 294 38.76 5.02 34.24
CA ALA D 294 37.66 5.87 34.70
C ALA D 294 36.37 5.60 33.90
N SER D 295 36.50 5.56 32.55
CA SER D 295 35.41 5.35 31.60
C SER D 295 34.65 4.08 31.89
N ARG D 296 35.36 3.02 32.36
CA ARG D 296 34.77 1.73 32.73
C ARG D 296 33.72 1.83 33.83
N ILE D 297 33.86 2.80 34.76
CA ILE D 297 32.88 3.05 35.81
C ILE D 297 31.93 4.18 35.37
N ALA D 298 32.51 5.32 34.88
CA ALA D 298 31.77 6.50 34.44
C ALA D 298 30.62 6.17 33.47
N PHE D 299 30.91 5.49 32.34
CA PHE D 299 29.93 5.16 31.32
C PHE D 299 28.72 4.38 31.88
N PRO D 300 28.86 3.21 32.57
CA PRO D 300 27.64 2.55 33.10
C PRO D 300 26.91 3.37 34.17
N VAL D 301 27.66 4.02 35.11
CA VAL D 301 27.06 4.83 36.18
C VAL D 301 26.25 6.00 35.58
N VAL D 302 26.85 6.80 34.67
CA VAL D 302 26.15 7.93 34.03
C VAL D 302 24.96 7.40 33.22
N PHE D 303 25.11 6.27 32.53
CA PHE D 303 24.02 5.67 31.76
C PHE D 303 22.83 5.30 32.65
N LEU D 304 23.09 4.61 33.76
CA LEU D 304 22.10 4.19 34.74
C LEU D 304 21.45 5.40 35.42
N LEU D 305 22.22 6.48 35.73
CA LEU D 305 21.63 7.67 36.35
C LEU D 305 20.77 8.46 35.35
N ALA D 306 21.31 8.71 34.14
CA ALA D 306 20.59 9.42 33.06
C ALA D 306 19.23 8.76 32.79
N ASN D 307 19.22 7.40 32.80
CA ASN D 307 18.00 6.60 32.64
C ASN D 307 17.02 6.82 33.81
N ILE D 308 17.49 6.75 35.07
CA ILE D 308 16.64 7.01 36.26
C ILE D 308 16.02 8.41 36.10
N ILE D 309 16.84 9.43 35.78
CA ILE D 309 16.39 10.81 35.58
C ILE D 309 15.32 10.86 34.48
N LEU D 310 15.58 10.22 33.32
CA LEU D 310 14.64 10.20 32.20
C LEU D 310 13.30 9.55 32.55
N ALA D 311 13.33 8.33 33.15
CA ALA D 311 12.13 7.61 33.57
C ALA D 311 11.35 8.45 34.54
N PHE D 312 12.06 9.08 35.48
CA PHE D 312 11.44 9.96 36.45
C PHE D 312 10.70 11.12 35.76
N LEU D 313 11.34 11.79 34.78
CA LEU D 313 10.73 12.91 34.05
C LEU D 313 9.47 12.48 33.35
N PHE D 314 9.52 11.35 32.61
CA PHE D 314 8.40 10.85 31.81
C PHE D 314 7.32 10.07 32.57
N PHE D 315 7.60 9.54 33.79
CA PHE D 315 6.59 8.74 34.49
C PHE D 315 6.38 9.17 35.97
N VAL E 5 -43.73 -9.56 3.08
CA VAL E 5 -42.40 -9.22 3.57
C VAL E 5 -42.47 -8.77 5.06
N SER E 6 -42.61 -9.80 5.89
CA SER E 6 -42.67 -9.90 7.35
C SER E 6 -42.26 -11.36 7.65
N PRO E 7 -41.79 -11.75 8.84
CA PRO E 7 -41.32 -13.12 8.97
C PRO E 7 -42.45 -14.14 8.98
N PRO E 8 -42.24 -15.38 8.45
CA PRO E 8 -43.32 -16.38 8.46
C PRO E 8 -43.86 -16.60 9.86
N PRO E 9 -45.20 -16.61 10.03
CA PRO E 9 -45.77 -16.76 11.38
C PRO E 9 -45.67 -18.20 11.91
N PRO E 10 -45.43 -18.35 13.24
CA PRO E 10 -45.28 -19.69 13.83
C PRO E 10 -46.57 -20.47 13.91
N ILE E 11 -46.50 -21.80 13.71
CA ILE E 11 -47.73 -22.63 13.82
C ILE E 11 -48.13 -22.67 15.30
N ALA E 12 -47.15 -22.90 16.21
CA ALA E 12 -47.33 -22.91 17.66
C ALA E 12 -46.62 -21.70 18.28
N ASP E 13 -45.33 -21.84 18.60
CA ASP E 13 -44.49 -20.81 19.20
C ASP E 13 -43.03 -21.10 18.88
N GLU E 14 -42.77 -22.24 18.20
CA GLU E 14 -41.45 -22.73 17.80
C GLU E 14 -40.61 -21.61 17.10
N PRO E 15 -39.31 -21.54 17.37
CA PRO E 15 -38.51 -20.54 16.66
C PRO E 15 -38.30 -20.95 15.21
N LEU E 16 -38.10 -19.96 14.33
CA LEU E 16 -37.85 -20.23 12.90
C LEU E 16 -36.38 -20.70 12.73
N THR E 17 -36.21 -21.92 12.15
CA THR E 17 -34.89 -22.49 11.90
C THR E 17 -34.45 -22.21 10.46
N VAL E 18 -33.38 -21.42 10.35
CA VAL E 18 -32.73 -21.12 9.09
C VAL E 18 -31.52 -22.08 9.00
N ASN E 19 -31.58 -23.01 8.06
CA ASN E 19 -30.48 -23.95 7.84
C ASN E 19 -29.45 -23.26 6.95
N THR E 20 -28.17 -23.36 7.33
CA THR E 20 -27.10 -22.69 6.61
C THR E 20 -26.06 -23.67 6.07
N GLY E 21 -25.25 -23.16 5.17
CA GLY E 21 -24.13 -23.85 4.54
C GLY E 21 -23.18 -22.86 3.87
N ILE E 22 -21.88 -23.09 4.00
CA ILE E 22 -20.85 -22.28 3.35
C ILE E 22 -19.99 -23.24 2.56
N TYR E 23 -19.84 -23.01 1.25
CA TYR E 23 -19.00 -23.80 0.37
C TYR E 23 -17.96 -22.86 -0.19
N LEU E 24 -16.68 -23.00 0.28
CA LEU E 24 -15.55 -22.13 -0.11
C LEU E 24 -15.17 -22.33 -1.54
N ILE E 25 -15.22 -21.26 -2.37
CA ILE E 25 -14.76 -21.32 -3.76
C ILE E 25 -13.28 -20.91 -3.78
N GLU E 26 -12.95 -19.71 -3.24
CA GLU E 26 -11.59 -19.17 -3.23
C GLU E 26 -11.17 -18.73 -1.84
N CYS E 27 -9.93 -19.01 -1.52
CA CYS E 27 -9.38 -18.64 -0.25
C CYS E 27 -8.08 -17.98 -0.54
N TYR E 28 -7.95 -16.73 -0.13
CA TYR E 28 -6.75 -15.98 -0.44
C TYR E 28 -6.38 -14.98 0.68
N SER E 29 -5.30 -14.21 0.45
CA SER E 29 -4.76 -13.12 1.25
C SER E 29 -4.74 -13.35 2.78
N LEU E 30 -4.03 -14.40 3.29
CA LEU E 30 -3.88 -14.56 4.75
C LEU E 30 -2.76 -13.64 5.23
N ASP E 31 -3.13 -12.49 5.78
CA ASP E 31 -2.20 -11.50 6.32
C ASP E 31 -1.93 -11.84 7.77
N ASP E 32 -0.71 -12.26 8.08
CA ASP E 32 -0.30 -12.64 9.43
C ASP E 32 -0.28 -11.43 10.37
N LYS E 33 0.29 -10.30 9.92
CA LYS E 33 0.34 -9.04 10.67
C LYS E 33 -1.07 -8.55 11.03
N ALA E 34 -1.99 -8.51 10.04
CA ALA E 34 -3.36 -8.04 10.21
C ALA E 34 -4.27 -9.05 10.86
N GLU E 35 -3.89 -10.35 10.80
CA GLU E 35 -4.68 -11.50 11.26
C GLU E 35 -6.05 -11.50 10.51
N THR E 36 -5.99 -11.22 9.20
CA THR E 36 -7.12 -11.21 8.28
C THR E 36 -6.85 -12.17 7.12
N PHE E 37 -7.93 -12.61 6.44
CA PHE E 37 -7.91 -13.45 5.23
C PHE E 37 -9.13 -13.10 4.37
N LYS E 38 -8.97 -13.21 3.06
CA LYS E 38 -10.07 -12.95 2.16
C LYS E 38 -10.67 -14.29 1.76
N VAL E 39 -11.99 -14.33 1.57
CA VAL E 39 -12.72 -15.56 1.25
C VAL E 39 -13.67 -15.28 0.10
N ASN E 40 -13.98 -16.31 -0.67
CA ASN E 40 -15.00 -16.24 -1.73
C ASN E 40 -15.74 -17.56 -1.66
N ALA E 41 -17.04 -17.50 -1.38
CA ALA E 41 -17.80 -18.71 -1.14
C ALA E 41 -19.25 -18.59 -1.55
N PHE E 42 -19.94 -19.74 -1.49
CA PHE E 42 -21.38 -19.81 -1.60
C PHE E 42 -21.94 -19.78 -0.19
N LEU E 43 -23.02 -19.02 0.02
CA LEU E 43 -23.78 -19.03 1.27
C LEU E 43 -25.14 -19.54 0.90
N SER E 44 -25.55 -20.65 1.51
CA SER E 44 -26.87 -21.20 1.22
C SER E 44 -27.73 -21.13 2.47
N LEU E 45 -28.99 -20.71 2.29
CA LEU E 45 -29.97 -20.57 3.36
C LEU E 45 -31.27 -21.28 2.99
N SER E 46 -31.92 -21.90 3.99
CA SER E 46 -33.18 -22.63 3.82
C SER E 46 -34.07 -22.50 5.06
N TRP E 47 -35.35 -22.24 4.83
CA TRP E 47 -36.35 -22.09 5.88
C TRP E 47 -37.70 -22.39 5.29
N LYS E 48 -38.70 -22.65 6.16
CA LYS E 48 -40.08 -22.88 5.74
C LYS E 48 -40.91 -21.62 5.96
N ASP E 49 -41.52 -21.13 4.87
CA ASP E 49 -42.48 -20.02 4.86
C ASP E 49 -43.78 -20.56 4.23
N ARG E 50 -44.69 -21.10 5.09
CA ARG E 50 -45.96 -21.73 4.67
C ARG E 50 -46.79 -20.85 3.71
N ARG E 51 -46.68 -19.49 3.82
CA ARG E 51 -47.34 -18.52 2.94
C ARG E 51 -46.98 -18.75 1.44
N LEU E 52 -45.79 -19.26 1.15
CA LEU E 52 -45.31 -19.53 -0.21
C LEU E 52 -45.71 -20.93 -0.76
N ALA E 53 -46.34 -21.81 0.08
CA ALA E 53 -46.74 -23.17 -0.28
C ALA E 53 -47.75 -23.21 -1.46
N PHE E 54 -47.76 -24.33 -2.21
CA PHE E 54 -48.59 -24.51 -3.39
C PHE E 54 -48.86 -25.98 -3.70
N ASP E 55 -49.88 -26.25 -4.54
CA ASP E 55 -50.24 -27.60 -4.99
C ASP E 55 -49.39 -27.92 -6.22
N PRO E 56 -48.58 -29.00 -6.19
CA PRO E 56 -47.75 -29.28 -7.38
C PRO E 56 -48.50 -29.97 -8.54
N VAL E 57 -49.70 -30.53 -8.26
CA VAL E 57 -50.53 -31.21 -9.26
C VAL E 57 -51.23 -30.14 -10.13
N ARG E 58 -51.96 -29.20 -9.50
CA ARG E 58 -52.67 -28.12 -10.19
C ARG E 58 -51.72 -27.02 -10.71
N SER E 59 -50.76 -26.57 -9.87
CA SER E 59 -49.78 -25.54 -10.29
C SER E 59 -48.90 -26.02 -11.45
N GLY E 60 -48.85 -27.34 -11.68
CA GLY E 60 -48.11 -27.96 -12.76
C GLY E 60 -46.59 -27.93 -12.61
N VAL E 61 -46.09 -26.94 -11.84
CA VAL E 61 -44.67 -26.72 -11.51
C VAL E 61 -44.31 -27.42 -10.20
N ARG E 62 -43.10 -28.01 -10.18
CA ARG E 62 -42.56 -28.70 -9.04
C ARG E 62 -41.89 -27.66 -8.08
N VAL E 63 -41.30 -26.61 -8.66
CA VAL E 63 -40.54 -25.56 -7.98
C VAL E 63 -40.86 -24.18 -8.58
N LYS E 64 -41.11 -23.16 -7.71
CA LYS E 64 -41.32 -21.75 -8.08
C LYS E 64 -40.07 -20.94 -7.74
N THR E 65 -39.65 -20.03 -8.64
CA THR E 65 -38.47 -19.15 -8.50
C THR E 65 -38.91 -17.73 -8.12
N TYR E 66 -38.21 -17.07 -7.19
CA TYR E 66 -38.54 -15.71 -6.74
C TYR E 66 -37.36 -14.78 -6.79
N GLU E 67 -37.62 -13.47 -6.86
CA GLU E 67 -36.59 -12.43 -6.77
C GLU E 67 -36.48 -12.03 -5.29
N PRO E 68 -35.27 -11.69 -4.78
CA PRO E 68 -35.15 -11.36 -3.33
C PRO E 68 -36.21 -10.39 -2.78
N GLU E 69 -36.54 -9.35 -3.58
CA GLU E 69 -37.50 -8.27 -3.30
C GLU E 69 -38.88 -8.81 -3.02
N ALA E 70 -39.28 -9.87 -3.75
CA ALA E 70 -40.60 -10.50 -3.68
C ALA E 70 -40.92 -11.16 -2.35
N ILE E 71 -39.96 -11.83 -1.71
CA ILE E 71 -40.25 -12.58 -0.47
C ILE E 71 -39.35 -12.18 0.70
N TRP E 72 -39.78 -12.61 1.91
CA TRP E 72 -39.06 -12.42 3.15
C TRP E 72 -37.79 -13.31 3.15
N ILE E 73 -36.64 -12.68 3.40
CA ILE E 73 -35.37 -13.39 3.47
C ILE E 73 -34.71 -13.01 4.81
N PRO E 74 -34.29 -14.01 5.63
CA PRO E 74 -33.67 -13.67 6.93
C PRO E 74 -32.37 -12.90 6.78
N GLU E 75 -32.18 -11.86 7.59
CA GLU E 75 -30.99 -11.01 7.55
C GLU E 75 -29.83 -11.73 8.27
N ILE E 76 -29.04 -12.49 7.49
CA ILE E 76 -27.86 -13.21 8.00
C ILE E 76 -26.63 -12.33 7.85
N ARG E 77 -25.82 -12.20 8.91
CA ARG E 77 -24.63 -11.37 8.91
C ARG E 77 -23.45 -12.13 9.40
N PHE E 78 -22.24 -11.69 9.02
CA PHE E 78 -21.01 -12.26 9.53
C PHE E 78 -20.58 -11.38 10.67
N VAL E 79 -20.14 -11.99 11.78
CA VAL E 79 -19.70 -11.21 12.94
C VAL E 79 -18.34 -10.56 12.63
N ASN E 80 -17.31 -11.38 12.40
CA ASN E 80 -15.92 -10.97 12.23
C ASN E 80 -15.54 -10.56 10.79
N VAL E 81 -16.34 -9.75 10.13
CA VAL E 81 -15.93 -9.20 8.83
C VAL E 81 -15.49 -7.75 9.03
N GLU E 82 -14.53 -7.26 8.20
CA GLU E 82 -14.10 -5.85 8.20
C GLU E 82 -15.34 -4.97 7.88
N ASN E 83 -15.87 -5.17 6.67
CA ASN E 83 -17.07 -4.54 6.17
C ASN E 83 -18.06 -5.62 5.77
N ALA E 84 -19.34 -5.25 5.67
CA ALA E 84 -20.40 -6.18 5.26
C ALA E 84 -20.00 -6.85 3.97
N ARG E 85 -20.23 -8.19 3.89
CA ARG E 85 -19.91 -9.01 2.72
C ARG E 85 -20.50 -8.48 1.39
N ASP E 86 -19.81 -8.73 0.25
CA ASP E 86 -20.29 -8.41 -1.09
C ASP E 86 -20.97 -9.63 -1.60
N ALA E 87 -22.28 -9.58 -1.73
CA ALA E 87 -23.01 -10.76 -2.13
C ALA E 87 -23.81 -10.53 -3.40
N ASP E 88 -23.99 -11.61 -4.18
CA ASP E 88 -24.77 -11.67 -5.41
C ASP E 88 -25.62 -12.91 -5.32
N VAL E 89 -26.96 -12.73 -5.30
CA VAL E 89 -27.91 -13.84 -5.17
C VAL E 89 -27.83 -14.68 -6.45
N VAL E 90 -27.51 -15.97 -6.29
CA VAL E 90 -27.40 -16.94 -7.36
C VAL E 90 -28.79 -17.46 -7.70
N ASP E 91 -29.59 -17.88 -6.67
CA ASP E 91 -30.92 -18.44 -6.90
C ASP E 91 -31.77 -18.52 -5.62
N ILE E 92 -33.11 -18.40 -5.80
CA ILE E 92 -34.15 -18.53 -4.79
C ILE E 92 -35.19 -19.52 -5.38
N SER E 93 -35.42 -20.65 -4.70
CA SER E 93 -36.31 -21.69 -5.18
C SER E 93 -37.26 -22.17 -4.07
N VAL E 94 -38.59 -22.10 -4.29
CA VAL E 94 -39.57 -22.54 -3.30
C VAL E 94 -40.20 -23.91 -3.72
N SER E 95 -40.32 -24.79 -2.72
CA SER E 95 -40.88 -26.14 -2.83
C SER E 95 -42.40 -26.11 -2.52
N PRO E 96 -43.21 -27.15 -2.93
CA PRO E 96 -44.66 -27.07 -2.69
C PRO E 96 -45.08 -26.90 -1.23
N ASP E 97 -44.24 -27.29 -0.25
CA ASP E 97 -44.58 -27.13 1.17
C ASP E 97 -44.25 -25.72 1.73
N GLY E 98 -43.44 -24.96 0.99
CA GLY E 98 -43.02 -23.62 1.35
C GLY E 98 -41.57 -23.56 1.75
N THR E 99 -40.80 -24.63 1.49
CA THR E 99 -39.36 -24.65 1.82
C THR E 99 -38.62 -23.76 0.81
N VAL E 100 -37.89 -22.75 1.32
CA VAL E 100 -37.18 -21.81 0.48
C VAL E 100 -35.76 -22.24 0.43
N GLN E 101 -35.15 -22.24 -0.77
CA GLN E 101 -33.72 -22.58 -0.89
C GLN E 101 -33.03 -21.47 -1.63
N TYR E 102 -32.44 -20.59 -0.81
CA TYR E 102 -31.70 -19.41 -1.14
C TYR E 102 -30.22 -19.75 -1.27
N LEU E 103 -29.57 -19.26 -2.32
CA LEU E 103 -28.13 -19.40 -2.60
C LEU E 103 -27.59 -18.09 -3.11
N GLU E 104 -26.44 -17.69 -2.56
CA GLU E 104 -25.75 -16.46 -2.92
C GLU E 104 -24.27 -16.72 -2.93
N ARG E 105 -23.55 -15.98 -3.77
CA ARG E 105 -22.11 -16.09 -3.82
C ARG E 105 -21.55 -14.79 -3.23
N PHE E 106 -20.56 -14.87 -2.33
CA PHE E 106 -20.07 -13.66 -1.68
C PHE E 106 -18.57 -13.59 -1.54
N SER E 107 -18.09 -12.39 -1.25
CA SER E 107 -16.69 -12.11 -0.90
C SER E 107 -16.71 -11.34 0.42
N ALA E 108 -15.73 -11.60 1.30
CA ALA E 108 -15.59 -10.93 2.58
C ALA E 108 -14.17 -11.05 3.15
N ARG E 109 -13.66 -9.99 3.81
CA ARG E 109 -12.35 -10.01 4.51
C ARG E 109 -12.63 -10.33 5.99
N VAL E 110 -12.14 -11.43 6.47
CA VAL E 110 -12.46 -11.90 7.81
C VAL E 110 -11.34 -11.57 8.85
N LEU E 111 -11.73 -11.28 10.09
CA LEU E 111 -10.87 -10.99 11.22
C LEU E 111 -10.77 -12.20 12.12
N SER E 112 -9.71 -13.00 11.96
CA SER E 112 -9.58 -14.14 12.84
C SER E 112 -8.18 -14.14 13.41
N PRO E 113 -8.04 -13.96 14.76
CA PRO E 113 -6.71 -13.96 15.38
C PRO E 113 -5.94 -15.28 15.20
N LEU E 114 -4.61 -15.16 15.17
CA LEU E 114 -3.72 -16.30 14.99
C LEU E 114 -2.83 -16.54 16.23
N ASP E 115 -2.42 -17.81 16.48
CA ASP E 115 -1.54 -18.14 17.60
C ASP E 115 -0.11 -18.34 17.07
N PHE E 116 0.75 -17.30 17.21
CA PHE E 116 2.11 -17.32 16.67
C PHE E 116 3.15 -18.04 17.55
N ARG E 117 2.70 -18.68 18.65
CA ARG E 117 3.56 -19.37 19.61
C ARG E 117 4.51 -20.39 18.97
N ARG E 118 4.01 -21.21 18.04
CA ARG E 118 4.86 -22.23 17.41
C ARG E 118 5.33 -21.87 16.00
N TYR E 119 5.20 -20.59 15.60
CA TYR E 119 5.63 -20.10 14.28
C TYR E 119 7.13 -20.40 14.03
N PRO E 120 7.56 -20.85 12.82
CA PRO E 120 6.78 -21.08 11.59
C PRO E 120 6.25 -22.52 11.48
N PHE E 121 6.25 -23.27 12.60
CA PHE E 121 5.75 -24.65 12.64
C PHE E 121 4.32 -24.67 13.26
N ASP E 122 3.54 -23.60 13.03
CA ASP E 122 2.20 -23.44 13.60
C ASP E 122 1.08 -23.90 12.66
N SER E 123 -0.04 -24.21 13.30
CA SER E 123 -1.32 -24.52 12.69
C SER E 123 -2.32 -23.49 13.19
N GLN E 124 -3.35 -23.24 12.40
CA GLN E 124 -4.37 -22.26 12.76
C GLN E 124 -5.78 -22.81 12.55
N THR E 125 -6.74 -22.17 13.20
CA THR E 125 -8.18 -22.44 13.03
C THR E 125 -8.80 -21.12 12.68
N LEU E 126 -9.11 -20.93 11.41
CA LEU E 126 -9.77 -19.71 10.96
C LEU E 126 -11.27 -19.82 11.27
N HIS E 127 -11.92 -18.69 11.64
CA HIS E 127 -13.33 -18.72 11.98
C HIS E 127 -14.19 -17.83 11.14
N ILE E 128 -15.36 -18.33 10.79
CA ILE E 128 -16.39 -17.56 10.08
C ILE E 128 -17.62 -17.68 10.98
N TYR E 129 -18.03 -16.55 11.59
CA TYR E 129 -19.17 -16.51 12.48
C TYR E 129 -20.43 -15.96 11.81
N LEU E 130 -21.42 -16.84 11.61
CA LEU E 130 -22.73 -16.48 11.06
C LEU E 130 -23.65 -16.08 12.18
N ILE E 131 -24.40 -14.99 12.01
CA ILE E 131 -25.30 -14.54 13.07
C ILE E 131 -26.61 -14.04 12.45
N VAL E 132 -27.71 -14.21 13.19
CA VAL E 132 -29.07 -13.76 12.84
C VAL E 132 -29.70 -13.17 14.08
N ARG E 133 -30.34 -12.01 13.94
CA ARG E 133 -30.98 -11.36 15.07
C ARG E 133 -32.48 -11.64 15.02
N SER E 134 -33.06 -12.06 16.16
CA SER E 134 -34.49 -12.34 16.25
C SER E 134 -35.27 -11.04 16.08
N VAL E 135 -36.49 -11.18 15.56
CA VAL E 135 -37.41 -10.08 15.32
C VAL E 135 -38.51 -10.11 16.39
N ASP E 136 -39.29 -9.02 16.48
CA ASP E 136 -40.35 -8.96 17.48
C ASP E 136 -41.46 -10.01 17.21
N THR E 137 -41.72 -10.32 15.91
CA THR E 137 -42.73 -11.31 15.48
C THR E 137 -42.33 -12.71 15.94
N ARG E 138 -41.06 -13.15 15.67
CA ARG E 138 -40.58 -14.47 16.11
C ARG E 138 -39.05 -14.60 16.14
N ASN E 139 -38.58 -15.59 16.90
CA ASN E 139 -37.17 -15.85 17.14
C ASN E 139 -36.58 -16.73 16.05
N ILE E 140 -35.50 -16.22 15.45
CA ILE E 140 -34.81 -16.93 14.38
C ILE E 140 -33.60 -17.63 15.02
N VAL E 141 -33.38 -18.90 14.61
CA VAL E 141 -32.34 -19.77 15.12
C VAL E 141 -31.61 -20.43 13.92
N LEU E 142 -30.28 -20.48 13.99
CA LEU E 142 -29.48 -21.03 12.91
C LEU E 142 -29.20 -22.52 13.10
N ALA E 143 -28.97 -23.20 11.98
CA ALA E 143 -28.67 -24.61 11.91
C ALA E 143 -27.67 -24.83 10.80
N VAL E 144 -27.01 -25.98 10.82
CA VAL E 144 -26.03 -26.33 9.79
C VAL E 144 -26.58 -27.49 8.94
N ASP E 145 -26.70 -27.27 7.61
CA ASP E 145 -27.01 -28.33 6.66
C ASP E 145 -25.64 -28.86 6.23
N LEU E 146 -25.18 -29.96 6.87
CA LEU E 146 -23.83 -30.50 6.61
C LEU E 146 -23.62 -30.88 5.13
N GLU E 147 -24.68 -31.22 4.42
CA GLU E 147 -24.67 -31.52 2.97
C GLU E 147 -24.26 -30.29 2.13
N LYS E 148 -24.43 -29.07 2.68
CA LYS E 148 -24.17 -27.83 1.94
C LYS E 148 -22.95 -27.02 2.52
N VAL E 149 -22.07 -27.73 3.29
CA VAL E 149 -20.85 -27.19 3.89
C VAL E 149 -19.71 -27.90 3.23
N GLY E 150 -18.85 -27.16 2.53
CA GLY E 150 -17.73 -27.76 1.85
C GLY E 150 -16.72 -26.76 1.35
N LYS E 151 -15.86 -27.21 0.44
CA LYS E 151 -14.82 -26.40 -0.19
C LYS E 151 -14.43 -27.02 -1.53
N ASN E 152 -14.10 -26.15 -2.50
CA ASN E 152 -13.63 -26.54 -3.81
C ASN E 152 -12.23 -27.14 -3.58
N ASP E 153 -11.88 -28.16 -4.37
CA ASP E 153 -10.63 -28.92 -4.28
C ASP E 153 -9.44 -28.02 -4.66
N ASP E 154 -9.64 -27.17 -5.69
CA ASP E 154 -8.70 -26.18 -6.21
C ASP E 154 -8.34 -25.08 -5.18
N VAL E 155 -9.16 -24.89 -4.10
CA VAL E 155 -8.92 -23.88 -3.06
C VAL E 155 -7.48 -24.07 -2.57
N PHE E 156 -6.68 -23.00 -2.71
CA PHE E 156 -5.29 -22.95 -2.34
C PHE E 156 -4.99 -21.64 -1.60
N LEU E 157 -4.41 -21.76 -0.42
CA LEU E 157 -4.00 -20.63 0.39
C LEU E 157 -2.46 -20.64 0.39
N THR E 158 -1.83 -19.74 -0.37
CA THR E 158 -0.39 -19.64 -0.57
C THR E 158 0.38 -19.73 0.76
N GLY E 159 1.33 -20.67 0.82
CA GLY E 159 2.15 -20.92 1.99
C GLY E 159 1.47 -21.61 3.15
N TRP E 160 0.28 -22.19 2.89
CA TRP E 160 -0.54 -22.90 3.87
C TRP E 160 -1.14 -24.15 3.30
N ASP E 161 -1.48 -25.09 4.19
CA ASP E 161 -2.13 -26.35 3.85
C ASP E 161 -3.51 -26.33 4.42
N ILE E 162 -4.56 -26.53 3.58
CA ILE E 162 -5.92 -26.50 4.09
C ILE E 162 -6.26 -27.91 4.57
N GLU E 163 -6.48 -28.09 5.88
CA GLU E 163 -6.77 -29.39 6.47
C GLU E 163 -8.26 -29.76 6.42
N SER E 164 -9.16 -28.86 6.91
CA SER E 164 -10.60 -29.11 6.96
C SER E 164 -11.42 -27.84 7.10
N PHE E 165 -12.69 -27.91 6.65
CA PHE E 165 -13.67 -26.83 6.75
C PHE E 165 -14.93 -27.47 7.29
N THR E 166 -15.17 -27.26 8.58
CA THR E 166 -16.30 -27.85 9.30
C THR E 166 -17.09 -26.76 9.99
N ALA E 167 -18.24 -27.12 10.54
CA ALA E 167 -19.10 -26.20 11.26
C ALA E 167 -19.53 -26.82 12.55
N VAL E 168 -19.49 -26.03 13.63
CA VAL E 168 -19.96 -26.44 14.95
C VAL E 168 -21.49 -26.32 14.90
N VAL E 169 -22.17 -27.48 14.71
CA VAL E 169 -23.62 -27.65 14.43
C VAL E 169 -24.57 -27.00 15.48
N LYS E 170 -24.13 -26.88 16.76
CA LYS E 170 -24.94 -26.29 17.83
C LYS E 170 -24.64 -24.78 17.87
N PRO E 171 -25.65 -23.93 17.55
CA PRO E 171 -25.40 -22.48 17.56
C PRO E 171 -25.34 -21.88 18.96
N ALA E 172 -24.58 -20.79 19.12
CA ALA E 172 -24.52 -20.05 20.37
C ALA E 172 -25.72 -19.08 20.45
N ASN E 173 -26.78 -19.46 21.21
CA ASN E 173 -27.94 -18.57 21.35
C ASN E 173 -27.78 -17.75 22.62
N PHE E 174 -27.89 -16.42 22.49
CA PHE E 174 -27.67 -15.46 23.57
C PHE E 174 -28.43 -14.17 23.32
N ALA E 175 -28.60 -13.36 24.38
CA ALA E 175 -29.27 -12.07 24.30
C ALA E 175 -28.27 -11.00 24.00
N LEU E 176 -28.65 -10.05 23.14
CA LEU E 176 -27.82 -8.90 22.79
C LEU E 176 -28.75 -7.74 22.43
N GLU E 177 -28.71 -6.69 23.29
CA GLU E 177 -29.52 -5.47 23.23
C GLU E 177 -31.00 -5.85 23.20
N ASP E 178 -31.38 -6.63 24.23
CA ASP E 178 -32.74 -7.13 24.53
C ASP E 178 -33.41 -7.92 23.38
N ARG E 179 -32.64 -8.67 22.56
CA ARG E 179 -33.12 -9.55 21.48
C ARG E 179 -32.19 -10.75 21.36
N LEU E 180 -32.78 -11.91 21.00
CA LEU E 180 -32.07 -13.17 20.85
C LEU E 180 -31.21 -13.13 19.59
N GLU E 181 -30.05 -13.77 19.67
CA GLU E 181 -29.12 -13.85 18.55
C GLU E 181 -28.58 -15.27 18.48
N SER E 182 -28.59 -15.86 17.27
CA SER E 182 -28.14 -17.23 17.02
C SER E 182 -26.86 -17.15 16.22
N LYS E 183 -25.75 -17.61 16.83
CA LYS E 183 -24.42 -17.54 16.23
C LYS E 183 -23.90 -18.94 15.85
N LEU E 184 -23.32 -19.09 14.63
CA LEU E 184 -22.73 -20.34 14.15
C LEU E 184 -21.25 -20.16 13.87
N ASP E 185 -20.45 -21.19 14.17
CA ASP E 185 -19.00 -21.15 14.02
C ASP E 185 -18.52 -22.09 12.90
N TYR E 186 -18.04 -21.49 11.80
CA TYR E 186 -17.45 -22.21 10.68
C TYR E 186 -15.95 -22.17 10.87
N GLN E 187 -15.33 -23.36 10.97
CA GLN E 187 -13.91 -23.47 11.22
C GLN E 187 -13.13 -24.02 10.03
N LEU E 188 -12.11 -23.25 9.62
CA LEU E 188 -11.20 -23.63 8.56
C LEU E 188 -9.82 -23.92 9.19
N ARG E 189 -9.47 -25.21 9.30
CA ARG E 189 -8.21 -25.67 9.85
C ARG E 189 -7.12 -25.71 8.80
N ILE E 190 -6.04 -24.97 9.05
CA ILE E 190 -4.92 -24.82 8.14
C ILE E 190 -3.62 -24.97 8.89
N SER E 191 -2.55 -25.45 8.21
CA SER E 191 -1.23 -25.58 8.80
C SER E 191 -0.19 -24.92 7.87
N ARG E 192 0.80 -24.22 8.47
CA ARG E 192 1.83 -23.52 7.74
C ARG E 192 2.83 -24.47 7.07
N GLN E 193 3.19 -24.13 5.82
CA GLN E 193 4.21 -24.79 5.02
C GLN E 193 5.54 -24.16 5.44
N TYR E 194 6.28 -24.83 6.33
CA TYR E 194 7.52 -24.30 6.90
C TYR E 194 8.79 -24.60 6.06
N PHE E 195 8.71 -25.47 5.01
CA PHE E 195 9.87 -25.83 4.18
C PHE E 195 10.74 -24.64 3.84
N SER E 196 10.18 -23.61 3.15
CA SER E 196 10.90 -22.41 2.71
C SER E 196 11.74 -21.75 3.80
N TYR E 197 11.23 -21.71 5.04
CA TYR E 197 11.91 -21.12 6.19
C TYR E 197 13.29 -21.75 6.48
N ILE E 198 13.45 -23.06 6.19
CA ILE E 198 14.68 -23.78 6.45
C ILE E 198 15.83 -23.24 5.54
N PRO E 199 15.80 -23.30 4.18
CA PRO E 199 16.95 -22.78 3.40
C PRO E 199 17.04 -21.24 3.31
N ASN E 200 15.96 -20.52 3.69
CA ASN E 200 15.93 -19.07 3.55
C ASN E 200 16.26 -18.31 4.79
N ILE E 201 15.81 -18.77 5.99
CA ILE E 201 16.02 -18.06 7.24
C ILE E 201 16.79 -18.90 8.28
N ILE E 202 16.35 -20.14 8.56
CA ILE E 202 16.94 -21.00 9.59
C ILE E 202 18.44 -21.33 9.32
N LEU E 203 18.77 -22.07 8.24
CA LEU E 203 20.16 -22.42 7.94
C LEU E 203 21.05 -21.16 7.73
N PRO E 204 20.66 -20.13 6.91
CA PRO E 204 21.53 -18.93 6.83
C PRO E 204 21.81 -18.30 8.20
N MET E 205 20.80 -18.27 9.10
CA MET E 205 20.99 -17.71 10.43
C MET E 205 21.94 -18.55 11.29
N LEU E 206 21.96 -19.90 11.13
CA LEU E 206 22.87 -20.76 11.89
C LEU E 206 24.31 -20.66 11.38
N PHE E 207 24.49 -20.53 10.04
CA PHE E 207 25.79 -20.35 9.42
C PHE E 207 26.45 -19.05 9.87
N ILE E 208 25.70 -17.91 9.89
CA ILE E 208 26.29 -16.63 10.32
C ILE E 208 26.65 -16.74 11.83
N LEU E 209 25.97 -17.60 12.60
CA LEU E 209 26.28 -17.81 14.01
C LEU E 209 27.58 -18.64 14.16
N PHE E 210 27.70 -19.73 13.38
CA PHE E 210 28.87 -20.62 13.43
C PHE E 210 30.13 -19.88 12.96
N ILE E 211 30.01 -18.99 11.96
CA ILE E 211 31.10 -18.15 11.45
C ILE E 211 31.63 -17.31 12.62
N SER E 212 30.74 -16.76 13.46
CA SER E 212 31.13 -15.99 14.64
C SER E 212 31.97 -16.84 15.64
N TRP E 213 31.75 -18.18 15.71
CA TRP E 213 32.46 -19.08 16.63
C TRP E 213 33.86 -19.50 16.11
N THR E 214 34.23 -19.14 14.87
CA THR E 214 35.56 -19.42 14.34
C THR E 214 36.57 -18.51 15.09
N ALA E 215 36.07 -17.49 15.81
CA ALA E 215 36.86 -16.58 16.63
C ALA E 215 37.52 -17.35 17.79
N PHE E 216 36.95 -18.52 18.15
CA PHE E 216 37.51 -19.39 19.20
C PHE E 216 38.75 -20.17 18.67
N TRP E 217 39.10 -20.02 17.37
CA TRP E 217 40.28 -20.66 16.79
C TRP E 217 41.24 -19.59 16.25
N SER E 218 41.08 -18.34 16.74
CA SER E 218 41.92 -17.19 16.37
C SER E 218 42.33 -16.40 17.61
N THR E 219 43.54 -15.85 17.59
CA THR E 219 44.10 -15.02 18.68
C THR E 219 44.13 -13.53 18.26
N SER E 220 43.78 -13.24 16.99
CA SER E 220 43.74 -11.92 16.41
C SER E 220 42.51 -11.14 16.87
N TYR E 221 42.68 -10.29 17.89
CA TYR E 221 41.59 -9.47 18.45
C TYR E 221 40.87 -8.68 17.35
N GLU E 222 41.63 -7.99 16.50
CA GLU E 222 41.11 -7.19 15.38
C GLU E 222 40.22 -8.05 14.45
N ALA E 223 40.64 -9.32 14.17
CA ALA E 223 39.87 -10.23 13.31
C ALA E 223 38.59 -10.71 14.02
N ASN E 224 38.71 -11.12 15.31
CA ASN E 224 37.59 -11.60 16.14
C ASN E 224 36.54 -10.51 16.31
N VAL E 225 36.97 -9.26 16.62
CA VAL E 225 36.06 -8.11 16.75
C VAL E 225 35.21 -8.05 15.47
N THR E 226 35.88 -8.02 14.28
CA THR E 226 35.23 -7.98 12.97
C THR E 226 34.32 -9.17 12.79
N LEU E 227 34.80 -10.37 13.10
CA LEU E 227 34.01 -11.58 12.96
C LEU E 227 32.73 -11.50 13.75
N VAL E 228 32.84 -11.31 15.08
CA VAL E 228 31.67 -11.31 15.98
C VAL E 228 30.72 -10.11 15.72
N VAL E 229 31.28 -8.93 15.45
CA VAL E 229 30.45 -7.75 15.23
C VAL E 229 29.73 -7.83 13.86
N SER E 230 30.43 -8.21 12.78
CA SER E 230 29.85 -8.30 11.43
C SER E 230 28.68 -9.29 11.38
N THR E 231 28.91 -10.50 11.92
CA THR E 231 27.88 -11.54 12.00
C THR E 231 26.72 -11.11 12.90
N LEU E 232 27.00 -10.31 13.98
CA LEU E 232 25.94 -9.77 14.85
C LEU E 232 25.04 -8.85 14.04
N ILE E 233 25.62 -7.98 13.18
CA ILE E 233 24.85 -7.07 12.32
C ILE E 233 23.90 -7.86 11.37
N ALA E 234 24.39 -9.00 10.80
CA ALA E 234 23.62 -9.90 9.95
C ALA E 234 22.46 -10.45 10.71
N HIS E 235 22.66 -10.79 11.99
CA HIS E 235 21.58 -11.30 12.84
C HIS E 235 20.54 -10.20 13.13
N ILE E 236 20.97 -8.92 13.27
CA ILE E 236 20.03 -7.81 13.45
C ILE E 236 19.15 -7.72 12.19
N ALA E 237 19.79 -7.76 10.97
CA ALA E 237 19.08 -7.73 9.67
C ALA E 237 18.04 -8.86 9.63
N ALA E 238 18.45 -10.09 10.01
CA ALA E 238 17.60 -11.27 10.14
C ALA E 238 16.43 -10.99 11.04
N ASN E 239 16.70 -10.56 12.31
CA ASN E 239 15.69 -10.23 13.31
C ASN E 239 14.65 -9.24 12.74
N ILE E 240 15.08 -8.12 12.08
CA ILE E 240 14.19 -7.13 11.48
C ILE E 240 13.32 -7.81 10.41
N LEU E 241 13.93 -8.51 9.44
CA LEU E 241 13.23 -9.20 8.37
C LEU E 241 12.14 -10.12 8.93
N VAL E 242 12.47 -10.91 9.94
CA VAL E 242 11.51 -11.82 10.58
C VAL E 242 10.39 -11.03 11.28
N GLU E 243 10.72 -10.17 12.26
CA GLU E 243 9.78 -9.41 13.09
C GLU E 243 8.86 -8.47 12.28
N THR E 244 9.30 -7.96 11.11
CA THR E 244 8.45 -7.05 10.32
C THR E 244 7.30 -7.80 9.59
N ASN E 245 7.35 -9.14 9.47
CA ASN E 245 6.28 -9.94 8.84
C ASN E 245 5.50 -10.74 9.91
N LEU E 246 5.35 -10.15 11.10
CA LEU E 246 4.67 -10.73 12.27
C LEU E 246 4.06 -9.64 13.13
N PRO E 247 2.94 -9.91 13.83
CA PRO E 247 2.39 -8.91 14.74
C PRO E 247 3.06 -8.94 16.11
N LYS E 248 2.86 -7.86 16.87
CA LYS E 248 3.42 -7.71 18.20
C LYS E 248 2.52 -8.48 19.17
N THR E 249 2.93 -9.74 19.43
CA THR E 249 2.24 -10.67 20.33
C THR E 249 2.55 -10.36 21.81
N PRO E 250 1.53 -10.43 22.70
CA PRO E 250 1.79 -10.18 24.13
C PRO E 250 2.43 -11.38 24.85
N TYR E 251 2.68 -12.47 24.10
CA TYR E 251 3.27 -13.73 24.52
C TYR E 251 4.57 -14.01 23.77
N MET E 252 5.39 -14.91 24.30
CA MET E 252 6.66 -15.24 23.65
C MET E 252 6.44 -16.34 22.62
N THR E 253 7.00 -16.15 21.40
CA THR E 253 6.92 -17.10 20.30
C THR E 253 8.23 -17.93 20.25
N TYR E 254 8.21 -19.05 19.50
CA TYR E 254 9.36 -19.94 19.40
C TYR E 254 10.53 -19.26 18.68
N THR E 255 10.23 -18.62 17.53
CA THR E 255 11.18 -17.87 16.71
C THR E 255 11.65 -16.62 17.49
N GLY E 256 10.75 -16.07 18.28
CA GLY E 256 11.04 -14.93 19.13
C GLY E 256 12.12 -15.27 20.15
N ALA E 257 11.90 -16.40 20.85
CA ALA E 257 12.81 -16.98 21.86
C ALA E 257 14.18 -17.29 21.25
N ILE E 258 14.21 -17.98 20.09
CA ILE E 258 15.45 -18.38 19.41
C ILE E 258 16.26 -17.15 19.00
N ILE E 259 15.63 -16.17 18.31
CA ILE E 259 16.30 -14.94 17.90
C ILE E 259 16.91 -14.26 19.13
N PHE E 260 16.13 -14.16 20.25
CA PHE E 260 16.59 -13.55 21.49
C PHE E 260 17.79 -14.27 22.07
N MET E 261 17.70 -15.60 22.17
CA MET E 261 18.74 -16.46 22.71
C MET E 261 20.06 -16.22 21.95
N ILE E 262 19.99 -16.20 20.60
CA ILE E 262 21.15 -15.97 19.73
C ILE E 262 21.83 -14.62 20.06
N TYR E 263 21.08 -13.57 20.43
CA TYR E 263 21.69 -12.30 20.86
C TYR E 263 22.59 -12.52 22.10
N LEU E 264 22.17 -13.36 23.06
CA LEU E 264 22.97 -13.65 24.27
C LEU E 264 24.26 -14.37 23.90
N PHE E 265 24.21 -15.30 22.94
CA PHE E 265 25.38 -16.01 22.45
C PHE E 265 26.38 -15.04 21.84
N TYR E 266 25.89 -13.96 21.17
CA TYR E 266 26.76 -12.95 20.59
C TYR E 266 27.38 -12.10 21.68
N PHE E 267 26.59 -11.76 22.71
CA PHE E 267 27.06 -10.97 23.84
C PHE E 267 28.16 -11.71 24.60
N VAL E 268 27.95 -13.01 24.88
CA VAL E 268 28.94 -13.83 25.57
C VAL E 268 30.20 -14.05 24.67
N ALA E 269 30.04 -14.20 23.32
CA ALA E 269 31.19 -14.30 22.40
C ALA E 269 32.04 -13.05 22.48
N VAL E 270 31.39 -11.84 22.46
CA VAL E 270 32.08 -10.55 22.60
C VAL E 270 32.88 -10.51 23.95
N ILE E 271 32.23 -10.94 25.07
CA ILE E 271 32.88 -10.98 26.38
C ILE E 271 34.11 -11.89 26.29
N GLU E 272 33.99 -13.12 25.71
CA GLU E 272 35.12 -14.06 25.59
C GLU E 272 36.27 -13.42 24.78
N VAL E 273 35.96 -12.86 23.59
CA VAL E 273 36.90 -12.20 22.67
C VAL E 273 37.66 -11.06 23.42
N THR E 274 36.93 -10.31 24.30
CA THR E 274 37.48 -9.22 25.11
C THR E 274 38.43 -9.78 26.19
N VAL E 275 37.96 -10.81 26.94
CA VAL E 275 38.69 -11.47 28.04
C VAL E 275 39.99 -12.07 27.52
N GLN E 276 39.92 -12.82 26.39
CA GLN E 276 41.07 -13.44 25.75
C GLN E 276 42.13 -12.39 25.40
N HIS E 277 41.72 -11.27 24.78
CA HIS E 277 42.63 -10.20 24.39
C HIS E 277 43.21 -9.50 25.61
N TYR E 278 42.39 -9.24 26.66
CA TYR E 278 42.89 -8.59 27.88
C TYR E 278 44.07 -9.40 28.49
N LEU E 279 43.85 -10.74 28.65
CA LEU E 279 44.80 -11.71 29.20
C LEU E 279 46.08 -11.80 28.36
N LYS E 280 45.96 -11.72 27.00
CA LYS E 280 47.06 -11.71 26.03
C LYS E 280 48.02 -10.56 26.35
N VAL E 281 47.43 -9.33 26.43
CA VAL E 281 48.13 -8.08 26.74
C VAL E 281 48.72 -8.12 28.17
N GLU E 282 47.97 -8.69 29.15
CA GLU E 282 48.36 -8.86 30.56
C GLU E 282 49.47 -9.91 30.71
N SER E 283 49.98 -10.39 29.55
CA SER E 283 51.06 -11.36 29.39
C SER E 283 50.77 -12.69 30.07
N GLN E 284 49.49 -13.13 30.07
CA GLN E 284 49.13 -14.46 30.57
C GLN E 284 48.24 -15.19 29.51
N PRO E 285 48.88 -15.59 28.37
CA PRO E 285 48.15 -16.29 27.31
C PRO E 285 47.74 -17.73 27.64
N ALA E 286 48.27 -18.34 28.72
CA ALA E 286 47.92 -19.70 29.13
C ALA E 286 46.46 -19.77 29.62
N ARG E 287 45.99 -18.74 30.35
CA ARG E 287 44.61 -18.63 30.85
C ARG E 287 43.69 -18.36 29.69
N ALA E 288 44.11 -17.40 28.81
CA ALA E 288 43.41 -17.04 27.59
C ALA E 288 43.25 -18.28 26.70
N ALA E 289 44.29 -19.16 26.65
CA ALA E 289 44.25 -20.38 25.85
C ALA E 289 43.23 -21.37 26.37
N SER E 290 43.15 -21.54 27.71
CA SER E 290 42.25 -22.50 28.34
C SER E 290 40.81 -22.02 28.27
N ILE E 291 40.57 -20.69 28.39
CA ILE E 291 39.23 -20.11 28.24
C ILE E 291 38.76 -20.32 26.80
N THR E 292 39.64 -20.08 25.80
CA THR E 292 39.31 -20.21 24.38
C THR E 292 39.04 -21.68 24.02
N ARG E 293 39.87 -22.59 24.48
CA ARG E 293 39.69 -24.03 24.28
C ARG E 293 38.34 -24.48 24.86
N ALA E 294 37.96 -23.96 26.05
CA ALA E 294 36.70 -24.29 26.73
C ALA E 294 35.48 -23.83 25.89
N SER E 295 35.53 -22.58 25.40
CA SER E 295 34.50 -21.93 24.60
C SER E 295 34.16 -22.75 23.37
N ARG E 296 35.17 -23.42 22.76
CA ARG E 296 35.02 -24.29 21.58
C ARG E 296 34.05 -25.44 21.81
N ILE E 297 33.97 -25.97 23.05
CA ILE E 297 33.03 -27.02 23.41
C ILE E 297 31.76 -26.38 24.02
N ALA E 298 31.95 -25.47 25.00
CA ALA E 298 30.87 -24.78 25.73
C ALA E 298 29.82 -24.20 24.80
N PHE E 299 30.22 -23.31 23.87
CA PHE E 299 29.30 -22.61 22.97
C PHE E 299 28.42 -23.58 22.16
N PRO E 300 28.93 -24.57 21.38
CA PRO E 300 28.00 -25.47 20.66
C PRO E 300 27.14 -26.31 21.61
N VAL E 301 27.72 -26.90 22.68
CA VAL E 301 26.98 -27.73 23.64
C VAL E 301 25.83 -26.93 24.29
N VAL E 302 26.11 -25.74 24.86
CA VAL E 302 25.09 -24.88 25.48
C VAL E 302 24.06 -24.47 24.42
N PHE E 303 24.48 -24.16 23.19
CA PHE E 303 23.56 -23.80 22.11
C PHE E 303 22.59 -24.93 21.77
N LEU E 304 23.12 -26.14 21.60
CA LEU E 304 22.36 -27.36 21.31
C LEU E 304 21.42 -27.71 22.47
N LEU E 305 21.85 -27.54 23.74
CA LEU E 305 20.98 -27.84 24.89
C LEU E 305 19.88 -26.80 25.04
N ALA E 306 20.23 -25.50 24.98
CA ALA E 306 19.27 -24.39 25.05
C ALA E 306 18.14 -24.57 24.01
N ASN E 307 18.52 -25.00 22.79
CA ASN E 307 17.58 -25.29 21.71
C ASN E 307 16.67 -26.47 22.07
N ILE E 308 17.23 -27.61 22.58
CA ILE E 308 16.44 -28.77 23.01
C ILE E 308 15.42 -28.29 24.06
N ILE E 309 15.88 -27.53 25.08
CA ILE E 309 15.03 -26.98 26.13
C ILE E 309 13.90 -26.14 25.52
N LEU E 310 14.26 -25.20 24.61
CA LEU E 310 13.29 -24.32 23.96
C LEU E 310 12.24 -25.09 23.16
N ALA E 311 12.66 -26.02 22.26
CA ALA E 311 11.77 -26.85 21.46
C ALA E 311 10.85 -27.63 22.37
N PHE E 312 11.40 -28.17 23.44
CA PHE E 312 10.60 -28.90 24.42
C PHE E 312 9.52 -28.01 25.05
N LEU E 313 9.87 -26.77 25.47
CA LEU E 313 8.89 -25.87 26.06
C LEU E 313 7.78 -25.54 25.11
N PHE E 314 8.10 -25.19 23.86
CA PHE E 314 7.14 -24.78 22.84
C PHE E 314 6.40 -25.91 22.12
N PHE E 315 6.89 -27.17 22.13
CA PHE E 315 6.21 -28.25 21.41
C PHE E 315 5.95 -29.52 22.28
C1 LMT F . 12.18 -1.38 -2.23
C2 LMT F . 12.52 -2.71 -1.53
C3 LMT F . 14.02 -2.86 -1.18
C4 LMT F . 14.32 -3.84 -0.02
C5 LMT F . 15.86 -4.05 0.10
C6 LMT F . 16.27 -4.85 1.36
C7 LMT F . 17.81 -4.86 1.54
C8 LMT F . 18.19 -5.67 2.78
C9 LMT F . 19.70 -5.54 3.01
C10 LMT F . 20.15 -6.17 4.35
C11 LMT F . 21.68 -6.37 4.38
C12 LMT F . 22.20 -6.84 5.73
OB1 BRJ G . 17.68 -13.91 3.75
CB1 BRJ G . 17.78 -13.89 5.13
CB BRJ G . 19.21 -14.02 5.60
BR1 BRJ G . 19.35 -13.37 7.53
CL CL H . -17.52 -12.80 -12.15
CL CL I . -29.09 -30.27 -12.29
CL CL J . -20.36 -35.20 -10.67
NA NA K . 37.79 -3.43 9.00
NA NA L . -32.50 -10.87 -17.31
C1 PLC M . 16.37 -21.94 -20.81
C2 PLC M . 17.05 -21.29 -19.56
C3 PLC M . 18.23 -22.14 -18.93
C4 PLC M . 12.72 -25.24 -21.22
C5 PLC M . 13.59 -26.53 -21.02
C6 PLC M . 14.07 -28.39 -22.55
C7 PLC M . 12.86 -28.91 -20.46
C8 PLC M . 11.66 -27.74 -22.30
C' PLC M . 18.43 -19.45 -20.77
C1' PLC M . 19.86 -19.11 -20.34
C2' PLC M . 20.19 -17.61 -20.43
C3' PLC M . 20.80 -17.16 -19.09
C4' PLC M . 22.30 -16.87 -19.14
C5' PLC M . 22.85 -16.54 -17.75
C6' PLC M . 24.25 -15.93 -17.85
C7' PLC M . 24.99 -15.92 -16.51
CB PLC M . 19.86 -21.76 -17.09
C1B PLC M . 20.26 -20.73 -16.09
C2B PLC M . 21.46 -19.93 -16.61
C3B PLC M . 22.63 -19.95 -15.60
C4B PLC M . 22.47 -19.00 -14.39
C5B PLC M . 23.84 -18.62 -13.79
C6B PLC M . 24.13 -19.33 -12.47
C7B PLC M . 24.41 -18.34 -11.33
O' PLC M . 17.98 -19.33 -21.91
OB PLC M . 20.35 -22.86 -17.20
O2 PLC M . 17.47 -19.91 -19.83
O3 PLC M . 18.80 -21.34 -17.88
O1P PLC M . 12.62 -21.94 -20.85
O2P PLC M . 14.05 -22.96 -22.82
O3P PLC M . 15.06 -22.26 -20.45
O4P PLC M . 13.45 -24.21 -20.63
N PLC M . 13.01 -27.87 -21.57
P PLC M . 13.86 -22.79 -21.36
C1 LMT N . 13.20 2.65 -0.35
C2 LMT N . 14.01 1.35 -0.34
C3 LMT N . 15.51 1.60 -0.63
C4 LMT N . 16.32 0.31 -0.46
C5 LMT N . 17.85 0.55 -0.40
C6 LMT N . 18.50 -0.77 0.02
C7 LMT N . 19.99 -0.65 0.26
C8 LMT N . 20.51 -2.00 0.77
C9 LMT N . 22.03 -2.18 0.61
C10 LMT N . 22.55 -3.20 1.64
C11 LMT N . 23.86 -3.86 1.20
C12 LMT N . 24.32 -4.83 2.27
CL CL O . -14.07 4.07 -19.87
OB1 BRJ P . 21.27 -4.94 -7.35
CB1 BRJ P . 21.30 -6.19 -6.78
CB BRJ P . 22.72 -6.63 -6.50
BR1 BRJ P . 22.57 -8.30 -5.36
C ACT Q . -14.60 22.03 -13.51
O ACT Q . -14.58 21.07 -12.70
OXT ACT Q . -15.66 22.62 -13.95
CH3 ACT Q . -13.22 22.53 -14.01
C ACT R . -14.12 -1.24 -26.58
O ACT R . -14.40 -1.08 -25.38
OXT ACT R . -14.88 -0.90 -27.55
CH3 ACT R . -12.74 -1.89 -26.87
NA NA S . -29.40 6.95 -22.55
C1 PLC T . 20.25 15.41 -23.01
C2 PLC T . 20.86 14.57 -21.85
C3 PLC T . 22.25 13.96 -22.21
C4 PLC T . 17.71 13.96 -27.02
C5 PLC T . 18.98 13.88 -27.93
C6 PLC T . 19.96 14.63 -30.05
C7 PLC T . 18.89 12.40 -30.03
C8 PLC T . 17.46 14.46 -29.99
C' PLC T . 21.68 16.53 -20.34
C1' PLC T . 23.06 16.49 -19.69
C2' PLC T . 23.07 17.12 -18.29
C3' PLC T . 23.46 16.09 -17.23
C4' PLC T . 24.89 16.28 -16.69
C5' PLC T . 25.28 15.23 -15.63
C6' PLC T . 26.67 15.55 -15.03
C7' PLC T . 27.10 14.60 -13.90
CB PLC T . 23.93 12.71 -21.00
C1B PLC T . 24.20 11.99 -19.70
C2B PLC T . 24.99 12.87 -18.71
C3B PLC T . 26.16 12.09 -18.06
C4B PLC T . 25.77 11.18 -16.87
C5B PLC T . 27.01 10.72 -16.09
C6B PLC T . 27.12 9.19 -16.02
C7B PLC T . 27.44 8.70 -14.61
O' PLC T . 21.07 17.55 -20.66
OB PLC T . 24.71 12.78 -21.95
O2 PLC T . 20.94 15.34 -20.60
O3 PLC T . 22.67 13.25 -21.06
O1P PLC T . 16.72 14.73 -23.95
O2P PLC T . 18.21 16.48 -25.23
O3P PLC T . 19.15 14.70 -23.49
O4P PLC T . 18.21 13.94 -25.72
N PLC T . 18.77 13.83 -29.49
P PLC T . 18.09 15.15 -24.60
C1 LMT U . 10.78 3.66 5.38
C2 LMT U . 12.19 3.19 5.83
C3 LMT U . 13.26 3.14 4.71
C4 LMT U . 14.59 2.48 5.18
C5 LMT U . 15.86 3.35 4.90
C6 LMT U . 17.17 2.54 5.11
C7 LMT U . 18.11 2.61 3.88
C8 LMT U . 19.44 1.95 4.27
C9 LMT U . 20.49 2.12 3.16
C10 LMT U . 21.93 1.69 3.60
C11 LMT U . 23.00 2.34 2.68
C12 LMT U . 24.27 1.52 2.46
C1 LMT V . 13.21 -1.01 2.59
C2 LMT V . 14.26 -1.39 3.63
C3 LMT V . 15.67 -1.20 3.12
C4 LMT V . 16.68 -1.86 4.05
C5 LMT V . 18.12 -1.52 3.63
C6 LMT V . 19.15 -2.20 4.58
C7 LMT V . 20.58 -1.62 4.48
C8 LMT V . 21.57 -2.36 5.42
C9 LMT V . 22.97 -1.69 5.37
C10 LMT V . 24.01 -2.49 6.16
C11 LMT V . 25.42 -1.94 5.95
C12 LMT V . 26.43 -2.67 6.80
CL CL W . -15.81 17.76 -6.86
OB1 BRJ X . 21.28 8.49 -1.82
CB1 BRJ X . 21.71 7.47 -2.64
CB BRJ X . 23.16 7.65 -3.07
BR1 BRJ X . 23.63 6.12 -4.32
NA NA Y . -31.14 19.64 -8.37
C1 PLC Z . 13.28 30.41 10.11
C2 PLC Z . 14.05 29.07 9.92
C3 PLC Z . 15.61 29.27 9.74
C4 PLC Z . 11.22 33.60 6.99
C5 PLC Z . 12.40 34.22 6.15
C6 PLC Z . 12.49 36.71 6.26
C7 PLC Z . 12.94 35.62 4.08
C8 PLC Z . 10.62 35.70 4.93
C' PLC Z . 14.03 28.34 12.40
C1' PLC Z . 15.33 27.82 13.00
C2' PLC Z . 15.17 27.01 14.30
C3' PLC Z . 15.83 25.62 14.18
C4' PLC Z . 17.35 25.56 14.35
C5' PLC Z . 17.87 24.14 14.09
C6' PLC Z . 19.40 24.04 14.34
C7' PLC Z . 19.91 22.60 14.48
CB PLC Z . 17.57 27.79 9.38
C1B PLC Z . 18.04 26.38 9.45
C2B PLC Z . 18.52 26.05 10.88
C3B PLC Z . 19.93 25.45 10.90
C4B PLC Z . 19.99 23.93 10.56
C5B PLC Z . 21.38 23.29 10.84
C6B PLC Z . 22.07 22.74 9.56
C7B PLC Z . 23.08 21.63 9.91
O' PLC Z . 13.11 28.89 13.00
OB PLC Z . 18.29 28.73 9.03
O2 PLC Z . 13.77 28.16 11.01
O3 PLC Z . 16.24 27.96 9.74
O1P PLC Z . 9.93 31.02 8.53
O2P PLC Z . 11.24 32.78 10.00
O3P PLC Z . 12.27 30.50 9.15
O4P PLC Z . 11.71 32.38 7.50
N PLC Z . 12.09 35.53 5.35
P PLC Z . 11.28 31.73 8.96
C1 LMT AA . 10.33 -2.46 7.43
C2 LMT AA . 11.30 -1.53 8.18
C3 LMT AA . 12.62 -1.23 7.42
C4 LMT AA . 13.70 -0.61 8.33
C5 LMT AA . 15.02 -0.43 7.57
C6 LMT AA . 16.16 0.02 8.49
C7 LMT AA . 17.51 -0.04 7.75
C8 LMT AA . 18.57 0.72 8.54
C9 LMT AA . 19.97 0.64 7.91
C10 LMT AA . 21.03 1.28 8.86
C11 LMT AA . 22.38 1.54 8.16
C12 LMT AA . 23.25 2.47 8.97
CL CL BA . -21.03 9.31 9.67
C ACT CA . -21.47 17.41 11.65
O ACT CA . -22.45 17.90 12.24
OXT ACT CA . -21.52 16.67 10.64
CH3 ACT CA . -20.05 17.74 12.21
OB1 BRJ DA . 17.88 7.84 12.43
CB1 BRJ DA . 18.36 8.40 11.27
CB BRJ DA . 19.72 9.04 11.47
BR1 BRJ DA . 20.41 9.60 9.64
NA NA EA . -36.36 9.06 7.03
C1 PLC FA . 4.78 1.36 33.81
C2 PLC FA . 5.97 1.36 32.80
C3 PLC FA . 7.24 2.09 33.34
C4 PLC FA . 1.69 5.16 34.99
C5 PLC FA . 2.57 6.10 35.89
C6 PLC FA . 2.22 6.58 38.30
C7 PLC FA . 2.30 8.49 36.72
C8 PLC FA . 0.29 7.04 36.78
C' PLC FA . 6.61 -1.12 33.16
C1' PLC FA . 8.04 -1.53 33.46
C2' PLC FA . 8.44 -2.83 32.76
C3' PLC FA . 9.50 -2.56 31.68
C4' PLC FA . 10.85 -3.20 31.97
C5' PLC FA . 11.91 -2.90 30.90
C6' PLC FA . 13.08 -3.91 31.01
C7' PLC FA . 14.36 -3.47 30.27
CB PLC FA . 9.58 2.18 32.71
C1B PLC FA . 10.55 2.09 31.57
C2B PLC FA . 11.32 0.75 31.67
C3B PLC FA . 12.82 0.89 31.37
C4B PLC FA . 13.17 0.89 29.87
C5B PLC FA . 14.67 0.62 29.65
C6B PLC FA . 15.42 1.84 29.11
C7B PLC FA . 16.61 1.41 28.24
O' PLC FA . 5.61 -1.73 33.54
OB PLC FA . 9.89 2.39 33.87
O2 PLC FA . 6.32 0.02 32.36
O3 PLC FA . 8.26 2.03 32.34
O1P PLC FA . 1.57 2.75 32.75
O2P PLC FA . 2.00 2.08 35.26
O3P PLC FA . 3.92 2.40 33.43
O4P PLC FA . 2.59 4.39 34.25
N PLC FA . 1.83 7.05 36.89
P PLC FA . 2.49 2.76 34.03
C1 LMT GA . 11.35 -5.69 2.45
C2 LMT GA . 11.90 -5.62 3.89
C3 LMT GA . 13.41 -5.33 3.94
C4 LMT GA . 13.96 -5.55 5.36
C5 LMT GA . 15.49 -5.46 5.38
C6 LMT GA . 16.05 -5.29 6.79
C7 LMT GA . 17.36 -4.51 6.69
C8 LMT GA . 17.95 -4.26 8.08
C9 LMT GA . 19.34 -3.62 8.02
C10 LMT GA . 20.21 -4.18 9.15
C11 LMT GA . 21.36 -3.26 9.58
C12 LMT GA . 21.72 -3.57 11.03
CL CL HA . -21.86 -9.68 6.56
C ACT IA . -19.92 -20.71 -9.12
O ACT IA . -20.87 -21.26 -9.75
OXT ACT IA . -19.92 -19.54 -8.71
CH3 ACT IA . -18.65 -21.53 -8.80
C ACT JA . -25.03 -8.92 14.32
O ACT JA . -26.23 -9.29 14.57
OXT ACT JA . -24.60 -8.41 13.24
CH3 ACT JA . -23.95 -9.09 15.43
OB1 BRJ KA . 15.24 -5.68 15.71
CB1 BRJ KA . 16.07 -4.60 15.95
CB BRJ KA . 16.93 -4.85 17.17
BR1 BRJ KA . 17.78 -3.10 17.71
NA NA LA . -36.51 -9.62 0.91
C1 PLC MA . 6.64 -30.32 14.61
C2 PLC MA . 7.74 -29.23 14.47
C3 PLC MA . 8.94 -29.37 15.49
C4 PLC MA . 2.49 -30.62 17.33
C5 PLC MA . 3.04 -31.09 18.72
C6 PLC MA . 2.31 -33.21 19.75
C7 PLC MA . 2.20 -31.15 21.11
C8 PLC MA . 0.52 -31.53 19.31
C' PLC MA . 8.94 -30.04 12.32
C1' PLC MA . 10.48 -29.96 12.29
C2' PLC MA . 11.09 -29.88 10.87
C3' PLC MA . 12.09 -28.73 10.76
C4' PLC MA . 13.54 -29.08 11.10
C5' PLC MA . 14.43 -27.82 11.12
C6' PLC MA . 15.93 -28.17 11.08
C7' PLC MA . 16.87 -26.95 10.98
CB PLC MA . 10.93 -28.03 16.06
C1B PLC MA . 11.83 -26.95 15.52
C2B PLC MA . 12.87 -27.51 14.52
C3B PLC MA . 14.32 -27.10 14.86
C4B PLC MA . 14.67 -25.61 14.61
C5B PLC MA . 16.17 -25.31 14.81
C6B PLC MA . 16.42 -24.00 15.58
C7B PLC MA . 17.55 -23.17 14.96
O' PLC MA . 8.24 -30.86 11.72
OB PLC MA . 11.05 -28.55 17.15
O2 PLC MA . 8.18 -29.11 13.07
O3 PLC MA . 9.91 -28.36 15.17
O1P PLC MA . 3.13 -29.08 14.48
O2P PLC MA . 3.72 -31.65 14.71
O3P PLC MA . 5.48 -29.68 15.04
O4P PLC MA . 3.57 -30.02 16.70
N PLC MA . 2.00 -31.71 19.71
P PLC MA . 3.99 -30.24 15.12
#